data_5W4L
#
_entry.id   5W4L
#
_cell.length_a   311.018
_cell.length_b   53.291
_cell.length_c   223.577
_cell.angle_alpha   90.00
_cell.angle_beta   128.89
_cell.angle_gamma   90.00
#
_symmetry.space_group_name_H-M   'C 1 2 1'
#
loop_
_entity.id
_entity.type
_entity.pdbx_description
1 polymer 'clade A/E 93TH057 HIV-1 gp120 core'
2 polymer 'CD4 mimetic peptide M48U1'
3 polymer 'Antibody N5-i5 Fab heavy chain'
4 polymer 'Antibody N5-i5 light chain'
5 polymer 'Antibody N12-i3 Fab heavy chain'
6 polymer 'Antibody N12-i3 light chain'
7 non-polymer 2-acetamido-2-deoxy-beta-D-glucopyranose
8 non-polymer 'CHLORIDE ION'
9 water water
#
loop_
_entity_poly.entity_id
_entity_poly.type
_entity_poly.pdbx_seq_one_letter_code
_entity_poly.pdbx_strand_id
1 'polypeptide(L)'
;SDNLWVTVYYGVPVWKDADTTLFCASDAKAHETEVHNVWATHACVPTDPNPQEIHLENVTENFNMWKNNMVEQMQEDVIS
LWDQSLQPCVKLTGGSVIKQACPKISFDPIPIHYCTPAGYVILKCNDKNFNGTGPCKNVSSVQCTHGIKPVVSTQLLLNG
SLAEEEIIIRSENLTNNAKTIIVHLNKSVEINCTRPSNGGSGSGGDIRKAYCEINGTKWNKVLKQVTEKLKEHFNNKTII
FQPPSGGDLEITMHSFNCRGEFFYCNTTQLFNNTCIGNETMKGCNGTITLPCKIKQIINMWQGTGQAMYAPPIDGKINCV
SNITGILLTRDGGANNTSNETFRPGGGNIKDNWRSELYKYKVVQIEPLGIAPTKAKRRVVQREKR
;
G,A
2 'polypeptide(L)' (MPT)NLHFCQLRCKSLGLLGRCA(DPR)T(U2X)CACV(NH2) N,M
3 'polypeptide(L)'
;EVQLVESGGGLVQPGGSLRLSCAASGFTFSTYAMSWVRQAPGKGLEWVSSINNSGRNTFSADSVKGRFTISRDNSKNTLF
LVMNSLRAEDTAVYYCAKDLRLGGGSDYWGQGTLVTVSSASTKGPSVFPLAPSSKSTSGGTAALGCLVKDYFPEPVTVSW
NSGALTSGVHTFPAVLQSSGLYSLSSVVTVPSSSLGTQTYICNVNHKPSNTKVDKRVEPKSCDKTH
;
H,F
4 'polypeptide(L)'
;QSALTQPASVSGSPGQSITISCTGTSSDVGSYNFVSWYQQHPGKAPKLMIYEVSERPSGISNRFSGSKSGNTASLTISGL
QAEDEADYYCSSYAGSTTFRVFGGGTKLTVRGQPKAAPSVTLFPPSSEELQANKATLVCLISDFYPGAVTVAWKADSSPV
KAGVETTTPSKQSNNKYAASSYLSLTPEQWKSHRSYSCQVTHEGSTVEKTVAPTECS
;
L,I
5 'polypeptide(L)'
;QVQLVQSGAEVKKPGSSVRVSCKASGGSFSRYTVNWVRQAPGQGLEWMARFIPIFNMPDYAPKFQGRITITADESTSTAY
LELSSLTSDDTAVYYCASRQHHEYFQEWGQGTLVTVSSASTKGPSVFPLAPSSKSTSGGTAALGCLVKDYFPEPVTVSWN
SGALTSGVHTFPAVLQSSGLYSLSSVVTVPSSSLGTQTYICNVNHKPSNTKVDKRVEPKSCDKTH
;
D,B
6 'polypeptide(L)'
;EIVLTQSPGTLSMSPGERATLSCRASRTVSSSNLAWYQQKPGQAPRLLIYDVSSRATGIPDRFSGRGSGTDFTLTISRLE
PEDFAVYYCQQYGTSPLTFGGGTKVEIKRTVAAPSVFIFPPSDEQLKSGTASVVCLLNNFYPREAKVQWKVDNALQSGNS
QESVTEQDSKDSTYSLSSTLTLSKADYEKHKVYACEVTHQGLSSPVTKSFNRGEC
;
E,C
#
# COMPACT_ATOMS: atom_id res chain seq x y z
N SER A 1 4.11 20.80 -33.49
CA SER A 1 5.53 20.40 -33.64
C SER A 1 6.43 21.34 -32.82
N ASP A 2 7.03 22.37 -33.47
CA ASP A 2 7.66 23.49 -32.73
C ASP A 2 6.54 24.21 -31.97
N ASN A 3 6.82 24.53 -30.71
CA ASN A 3 5.84 25.22 -29.87
C ASN A 3 5.24 26.46 -30.58
N LEU A 4 3.92 26.39 -30.74
CA LEU A 4 3.00 27.54 -30.86
C LEU A 4 2.50 27.87 -32.26
N TRP A 5 1.19 27.72 -32.44
CA TRP A 5 0.46 28.05 -33.66
C TRP A 5 -0.42 29.26 -33.34
N VAL A 6 -0.15 30.42 -33.99
CA VAL A 6 -0.85 31.68 -33.70
C VAL A 6 -1.90 31.93 -34.77
N THR A 7 -3.09 32.38 -34.37
CA THR A 7 -4.21 32.60 -35.30
C THR A 7 -4.96 33.88 -34.95
N VAL A 8 -5.62 34.48 -35.94
CA VAL A 8 -6.46 35.66 -35.75
C VAL A 8 -7.94 35.29 -35.89
N TYR A 9 -8.84 36.01 -35.21
CA TYR A 9 -10.28 35.76 -35.34
C TYR A 9 -11.08 37.03 -35.09
N TYR A 10 -12.25 37.12 -35.72
CA TYR A 10 -13.02 38.37 -35.80
C TYR A 10 -14.51 38.17 -35.49
N GLY A 11 -15.07 39.10 -34.72
CA GLY A 11 -16.50 39.11 -34.34
C GLY A 11 -16.90 37.94 -33.45
N VAL A 12 -17.27 36.84 -34.11
CA VAL A 12 -17.53 35.54 -33.47
C VAL A 12 -16.37 35.12 -32.53
N PRO A 13 -16.63 34.32 -31.49
CA PRO A 13 -17.97 33.89 -31.04
C PRO A 13 -18.32 34.44 -29.66
N VAL A 14 -19.55 34.23 -29.22
CA VAL A 14 -20.01 34.75 -27.93
C VAL A 14 -19.36 33.92 -26.82
N TRP A 15 -19.03 34.59 -25.71
CA TRP A 15 -18.59 33.93 -24.48
C TRP A 15 -18.94 34.78 -23.26
N LYS A 16 -19.12 34.10 -22.12
CA LYS A 16 -19.41 34.77 -20.86
C LYS A 16 -18.54 34.17 -19.75
N ASP A 17 -18.25 34.97 -18.73
CA ASP A 17 -17.41 34.55 -17.60
C ASP A 17 -18.06 33.40 -16.87
N ALA A 18 -17.24 32.45 -16.46
CA ALA A 18 -17.71 31.29 -15.72
C ALA A 18 -16.52 30.66 -15.05
N ASP A 19 -16.82 29.81 -14.07
CA ASP A 19 -15.82 28.97 -13.41
C ASP A 19 -16.02 27.53 -13.85
N THR A 20 -14.91 26.81 -14.03
CA THR A 20 -14.99 25.37 -14.25
C THR A 20 -13.71 24.67 -13.76
N THR A 21 -13.81 23.35 -13.62
CA THR A 21 -12.70 22.55 -13.12
C THR A 21 -11.63 22.48 -14.20
N LEU A 22 -10.46 23.05 -13.94
CA LEU A 22 -9.34 22.97 -14.87
C LEU A 22 -8.42 21.81 -14.50
N PHE A 23 -7.89 21.14 -15.51
CA PHE A 23 -6.88 20.09 -15.30
C PHE A 23 -5.50 20.67 -15.53
N CYS A 24 -4.47 19.90 -15.21
CA CYS A 24 -3.10 20.31 -15.44
C CYS A 24 -2.42 19.46 -16.53
N ALA A 25 -1.30 19.98 -17.01
CA ALA A 25 -0.44 19.28 -17.96
C ALA A 25 1.01 19.57 -17.63
N SER A 26 1.88 18.62 -17.95
CA SER A 26 3.31 18.75 -17.65
C SER A 26 4.14 17.92 -18.61
N ASP A 27 5.45 18.10 -18.53
CA ASP A 27 6.41 17.23 -19.20
C ASP A 27 7.06 16.33 -18.16
N ALA A 28 6.25 15.82 -17.23
CA ALA A 28 6.74 14.92 -16.20
C ALA A 28 7.18 13.59 -16.79
N LYS A 29 8.28 13.04 -16.30
CA LYS A 29 8.80 11.76 -16.77
C LYS A 29 8.39 10.66 -15.80
N ALA A 30 7.64 9.67 -16.29
CA ALA A 30 7.09 8.59 -15.44
C ALA A 30 8.15 7.62 -14.87
N HIS A 31 9.39 7.74 -15.35
CA HIS A 31 10.53 7.04 -14.77
C HIS A 31 11.22 7.79 -13.62
N GLU A 32 11.03 9.11 -13.55
CA GLU A 32 11.65 9.94 -12.51
C GLU A 32 11.12 9.59 -11.12
N THR A 33 12.03 9.50 -10.15
CA THR A 33 11.68 9.28 -8.76
C THR A 33 11.36 10.60 -8.05
N GLU A 34 11.75 11.72 -8.67
CA GLU A 34 11.46 13.06 -8.15
C GLU A 34 9.97 13.25 -7.95
N VAL A 35 9.62 13.92 -6.86
CA VAL A 35 8.25 13.89 -6.36
C VAL A 35 7.20 14.67 -7.15
N HIS A 36 7.57 15.83 -7.68
CA HIS A 36 6.70 16.57 -8.60
C HIS A 36 6.46 15.76 -9.87
N ASN A 37 7.50 15.10 -10.38
CA ASN A 37 7.34 14.19 -11.51
C ASN A 37 6.37 13.05 -11.15
N VAL A 38 6.58 12.41 -10.00
CA VAL A 38 5.70 11.30 -9.58
C VAL A 38 4.27 11.77 -9.46
N TRP A 39 4.09 12.98 -8.94
CA TRP A 39 2.76 13.54 -8.76
C TRP A 39 2.13 13.93 -10.08
N ALA A 40 2.91 14.62 -10.92
CA ALA A 40 2.38 15.21 -12.15
C ALA A 40 2.08 14.18 -13.23
N THR A 41 2.80 13.05 -13.25
CA THR A 41 2.49 12.03 -14.24
C THR A 41 1.10 11.45 -14.00
N HIS A 42 0.68 11.38 -12.74
CA HIS A 42 -0.65 10.84 -12.39
C HIS A 42 -1.68 11.91 -12.03
N ALA A 43 -1.27 13.17 -11.88
CA ALA A 43 -2.19 14.30 -11.68
C ALA A 43 -2.54 15.03 -12.98
N CYS A 44 -1.61 15.04 -13.94
CA CYS A 44 -1.67 15.88 -15.12
C CYS A 44 -1.49 15.07 -16.39
N VAL A 45 -2.12 15.56 -17.46
CA VAL A 45 -1.98 14.96 -18.80
C VAL A 45 -0.63 15.35 -19.42
N PRO A 46 -0.17 14.58 -20.41
CA PRO A 46 1.04 15.02 -21.12
C PRO A 46 0.77 16.27 -21.94
N THR A 47 1.69 17.23 -21.90
CA THR A 47 1.48 18.49 -22.60
C THR A 47 1.42 18.28 -24.11
N ASP A 48 0.53 19.03 -24.73
CA ASP A 48 0.33 18.99 -26.16
C ASP A 48 1.58 19.61 -26.81
N PRO A 49 2.17 18.94 -27.81
CA PRO A 49 3.29 19.55 -28.55
C PRO A 49 2.90 20.60 -29.59
N ASN A 50 1.60 20.76 -29.86
CA ASN A 50 1.08 21.76 -30.79
C ASN A 50 0.14 22.69 -30.04
N PRO A 51 0.67 23.56 -29.17
CA PRO A 51 -0.18 24.55 -28.51
C PRO A 51 -0.73 25.58 -29.49
N GLN A 52 -1.92 26.11 -29.21
CA GLN A 52 -2.59 27.02 -30.13
C GLN A 52 -3.04 28.30 -29.42
N GLU A 53 -2.62 29.45 -29.95
CA GLU A 53 -3.04 30.76 -29.46
C GLU A 53 -3.86 31.43 -30.54
N ILE A 54 -4.82 32.25 -30.13
CA ILE A 54 -5.72 32.92 -31.07
C ILE A 54 -6.00 34.36 -30.66
N HIS A 55 -5.36 35.32 -31.33
CA HIS A 55 -5.56 36.76 -31.07
C HIS A 55 -6.95 37.20 -31.47
N LEU A 56 -7.73 37.62 -30.48
CA LEU A 56 -9.12 38.00 -30.67
C LEU A 56 -9.10 39.49 -30.94
N GLU A 57 -8.85 39.82 -32.21
CA GLU A 57 -8.59 41.17 -32.64
C GLU A 57 -9.76 42.10 -32.30
N ASN A 58 -9.42 43.30 -31.83
CA ASN A 58 -10.39 44.36 -31.54
C ASN A 58 -11.41 44.00 -30.44
N VAL A 59 -11.00 43.19 -29.47
CA VAL A 59 -11.84 42.95 -28.29
C VAL A 59 -11.15 43.50 -27.06
N THR A 60 -11.96 43.95 -26.10
CA THR A 60 -11.48 44.32 -24.78
C THR A 60 -12.31 43.58 -23.77
N GLU A 61 -11.65 42.71 -23.00
CA GLU A 61 -12.30 41.98 -21.92
C GLU A 61 -11.63 42.41 -20.62
N ASN A 62 -12.42 42.53 -19.56
CA ASN A 62 -11.89 42.94 -18.25
C ASN A 62 -11.41 41.73 -17.47
N PHE A 63 -10.26 41.88 -16.81
CA PHE A 63 -9.65 40.85 -15.98
C PHE A 63 -9.64 41.30 -14.52
N ASN A 64 -9.56 40.33 -13.61
CA ASN A 64 -9.34 40.60 -12.19
C ASN A 64 -8.58 39.44 -11.57
N MET A 65 -7.27 39.60 -11.40
CA MET A 65 -6.43 38.59 -10.77
C MET A 65 -6.86 38.26 -9.33
N TRP A 66 -7.47 39.20 -8.63
CA TRP A 66 -7.78 39.03 -7.19
C TRP A 66 -9.04 38.23 -6.94
N LYS A 67 -9.83 37.97 -7.98
CA LYS A 67 -10.91 36.98 -7.95
C LYS A 67 -10.82 36.12 -9.22
N ASN A 68 -9.97 35.09 -9.15
CA ASN A 68 -9.73 34.17 -10.25
C ASN A 68 -9.69 32.73 -9.71
N ASN A 69 -10.75 31.98 -10.00
CA ASN A 69 -10.91 30.60 -9.51
C ASN A 69 -9.78 29.65 -9.92
N MET A 70 -9.05 29.97 -10.98
CA MET A 70 -7.84 29.21 -11.35
C MET A 70 -6.86 29.16 -10.17
N VAL A 71 -6.77 30.25 -9.43
CA VAL A 71 -5.83 30.34 -8.32
C VAL A 71 -6.23 29.36 -7.23
N GLU A 72 -7.53 29.32 -6.90
CA GLU A 72 -8.00 28.44 -5.81
C GLU A 72 -7.72 26.97 -6.16
N GLN A 73 -7.73 26.65 -7.46
CA GLN A 73 -7.53 25.28 -7.92
C GLN A 73 -6.07 24.88 -7.91
N MET A 74 -5.18 25.77 -8.31
CA MET A 74 -3.75 25.48 -8.23
C MET A 74 -3.35 25.22 -6.78
N GLN A 75 -3.92 26.01 -5.86
CA GLN A 75 -3.71 25.80 -4.44
C GLN A 75 -4.17 24.41 -4.03
N GLU A 76 -5.37 24.02 -4.46
CA GLU A 76 -5.87 22.66 -4.24
C GLU A 76 -4.87 21.59 -4.65
N ASP A 77 -4.25 21.76 -5.82
CA ASP A 77 -3.34 20.77 -6.39
C ASP A 77 -1.97 20.80 -5.72
N VAL A 78 -1.42 22.00 -5.52
CA VAL A 78 -0.11 22.13 -4.89
C VAL A 78 -0.18 21.56 -3.46
N ILE A 79 -1.33 21.69 -2.79
CA ILE A 79 -1.53 21.04 -1.50
C ILE A 79 -1.46 19.53 -1.65
N SER A 80 -2.25 18.98 -2.56
CA SER A 80 -2.24 17.54 -2.85
C SER A 80 -0.84 17.04 -3.16
N LEU A 81 -0.08 17.86 -3.89
CA LEU A 81 1.34 17.60 -4.18
C LEU A 81 2.15 17.39 -2.90
N TRP A 82 1.95 18.28 -1.93
CA TRP A 82 2.71 18.24 -0.69
C TRP A 82 2.25 17.15 0.25
N ASP A 83 0.94 16.97 0.38
CA ASP A 83 0.40 15.89 1.22
C ASP A 83 0.82 14.49 0.75
N GLN A 84 1.05 14.35 -0.55
CA GLN A 84 1.57 13.11 -1.15
C GLN A 84 3.07 12.91 -0.95
N SER A 85 3.83 13.99 -1.16
CA SER A 85 5.28 13.91 -1.27
C SER A 85 5.96 14.22 0.04
N LEU A 86 5.74 15.42 0.56
CA LEU A 86 6.38 15.91 1.78
C LEU A 86 5.51 15.57 2.98
N GLN A 87 5.52 14.29 3.34
CA GLN A 87 4.76 13.79 4.49
C GLN A 87 5.59 14.10 5.73
N PRO A 88 5.11 14.97 6.63
CA PRO A 88 5.86 15.15 7.88
C PRO A 88 5.74 13.97 8.83
N CYS A 89 6.82 13.70 9.57
CA CYS A 89 6.86 12.61 10.56
C CYS A 89 5.75 12.79 11.56
N VAL A 90 5.67 14.01 12.10
CA VAL A 90 4.69 14.40 13.08
C VAL A 90 4.00 15.65 12.54
N LYS A 91 2.67 15.61 12.50
CA LYS A 91 1.84 16.74 12.08
C LYS A 91 0.83 17.01 13.19
N LEU A 92 0.90 18.21 13.77
CA LEU A 92 -0.02 18.61 14.85
C LEU A 92 -1.08 19.54 14.28
N THR A 93 -2.21 18.94 13.87
CA THR A 93 -3.34 19.67 13.27
C THR A 93 -4.63 19.19 13.97
N GLY A 94 -5.77 19.33 13.29
CA GLY A 94 -7.08 18.84 13.75
C GLY A 94 -7.20 18.26 15.16
N GLY A 95 -6.96 18.77 16.31
CA GLY A 95 -6.62 18.44 17.69
C GLY A 95 -5.99 17.05 17.79
N SER A 96 -5.00 16.81 16.94
CA SER A 96 -4.45 15.46 16.71
C SER A 96 -2.96 15.51 16.40
N VAL A 97 -2.19 14.58 16.98
CA VAL A 97 -0.78 14.39 16.63
C VAL A 97 -0.67 13.21 15.66
N ILE A 98 -0.53 13.52 14.38
CA ILE A 98 -0.56 12.54 13.29
C ILE A 98 0.86 12.08 12.95
N LYS A 99 1.15 10.81 13.27
CA LYS A 99 2.45 10.20 12.98
C LYS A 99 2.36 9.39 11.68
N GLN A 100 3.04 9.86 10.65
CA GLN A 100 3.18 9.12 9.39
C GLN A 100 4.63 9.17 8.93
N ALA A 101 4.98 8.28 7.99
CA ALA A 101 6.37 8.10 7.55
C ALA A 101 6.88 9.33 6.86
N CYS A 102 8.16 9.66 7.10
CA CYS A 102 8.80 10.85 6.52
C CYS A 102 10.14 10.48 5.91
N PRO A 103 10.12 9.72 4.80
CA PRO A 103 11.34 9.37 4.12
C PRO A 103 11.89 10.54 3.31
N LYS A 104 13.22 10.59 3.18
CA LYS A 104 13.88 11.65 2.42
C LYS A 104 13.67 11.48 0.92
N ILE A 105 13.36 12.60 0.26
CA ILE A 105 12.89 12.57 -1.11
C ILE A 105 13.81 13.33 -2.06
N SER A 106 13.58 13.12 -3.35
CA SER A 106 14.18 13.91 -4.42
C SER A 106 13.14 14.97 -4.75
N PHE A 107 13.47 16.22 -4.48
CA PHE A 107 12.51 17.32 -4.62
C PHE A 107 13.11 18.41 -5.49
N ASP A 108 12.42 18.71 -6.59
CA ASP A 108 12.67 19.94 -7.35
C ASP A 108 11.48 20.25 -8.25
N PRO A 109 10.91 21.47 -8.15
CA PRO A 109 9.70 21.77 -8.92
C PRO A 109 9.87 21.79 -10.45
N ILE A 110 8.89 21.21 -11.13
CA ILE A 110 8.79 21.24 -12.58
C ILE A 110 7.60 22.11 -12.90
N PRO A 111 7.50 22.59 -14.16
CA PRO A 111 6.33 23.41 -14.48
C PRO A 111 5.06 22.57 -14.63
N ILE A 112 3.93 23.15 -14.27
CA ILE A 112 2.63 22.59 -14.60
C ILE A 112 1.82 23.70 -15.28
N HIS A 113 1.05 23.32 -16.29
CA HIS A 113 0.21 24.25 -17.02
C HIS A 113 -1.21 23.97 -16.55
N TYR A 114 -2.09 24.96 -16.62
CA TYR A 114 -3.51 24.79 -16.34
C TYR A 114 -4.33 24.96 -17.62
N CYS A 115 -5.36 24.12 -17.77
CA CYS A 115 -6.00 23.90 -19.06
C CYS A 115 -7.50 23.74 -18.91
N THR A 116 -8.24 24.31 -19.85
CA THR A 116 -9.70 24.21 -19.86
C THR A 116 -10.16 22.94 -20.56
N PRO A 117 -11.30 22.36 -20.11
CA PRO A 117 -11.91 21.24 -20.82
C PRO A 117 -12.78 21.73 -21.97
N ALA A 118 -13.43 20.79 -22.64
CA ALA A 118 -14.32 21.10 -23.75
C ALA A 118 -15.42 22.04 -23.28
N GLY A 119 -15.81 22.96 -24.16
CA GLY A 119 -16.84 23.96 -23.86
C GLY A 119 -16.35 25.25 -23.25
N TYR A 120 -15.07 25.31 -22.88
CA TYR A 120 -14.50 26.46 -22.14
C TYR A 120 -13.12 26.79 -22.73
N VAL A 121 -12.65 28.00 -22.43
CA VAL A 121 -11.47 28.56 -23.08
C VAL A 121 -10.81 29.58 -22.14
N ILE A 122 -9.46 29.61 -22.14
CA ILE A 122 -8.70 30.59 -21.36
C ILE A 122 -8.45 31.84 -22.19
N LEU A 123 -8.79 33.00 -21.64
CA LEU A 123 -8.44 34.29 -22.23
C LEU A 123 -7.22 34.85 -21.54
N LYS A 124 -6.31 35.38 -22.32
CA LYS A 124 -4.99 35.78 -21.87
C LYS A 124 -4.79 37.26 -22.17
N CYS A 125 -4.31 38.01 -21.18
CA CYS A 125 -4.09 39.44 -21.35
C CYS A 125 -2.65 39.71 -21.76
N ASN A 126 -2.47 40.18 -23.00
CA ASN A 126 -1.13 40.50 -23.53
C ASN A 126 -0.73 41.97 -23.42
N ASP A 127 -1.60 42.82 -22.88
CA ASP A 127 -1.21 44.19 -22.57
C ASP A 127 0.02 44.16 -21.68
N LYS A 128 1.12 44.69 -22.21
CA LYS A 128 2.43 44.38 -21.68
C LYS A 128 2.80 45.08 -20.37
N ASN A 129 2.01 46.08 -19.99
CA ASN A 129 2.15 46.70 -18.67
C ASN A 129 0.86 46.54 -17.85
N PHE A 130 0.22 45.38 -18.00
CA PHE A 130 -1.05 45.07 -17.33
C PHE A 130 -0.84 44.81 -15.85
N ASN A 131 -1.41 45.68 -15.04
CA ASN A 131 -1.26 45.54 -13.60
C ASN A 131 -1.87 44.25 -13.09
N GLY A 132 -3.05 43.91 -13.57
CA GLY A 132 -3.78 42.75 -13.07
C GLY A 132 -5.29 42.85 -12.97
N THR A 133 -5.83 44.06 -13.04
CA THR A 133 -7.29 44.26 -12.99
C THR A 133 -7.76 45.20 -14.09
N GLY A 134 -9.00 44.98 -14.52
CA GLY A 134 -9.67 45.88 -15.44
C GLY A 134 -9.44 45.57 -16.90
N PRO A 135 -9.41 46.59 -17.76
CA PRO A 135 -9.46 46.37 -19.20
C PRO A 135 -8.16 45.87 -19.81
N CYS A 136 -8.28 44.93 -20.74
CA CYS A 136 -7.15 44.47 -21.56
C CYS A 136 -7.54 44.67 -23.02
N LYS A 137 -6.67 45.30 -23.81
CA LYS A 137 -6.95 45.62 -25.21
C LYS A 137 -6.25 44.72 -26.25
N ASN A 138 -5.17 44.04 -25.86
CA ASN A 138 -4.61 42.95 -26.67
C ASN A 138 -4.93 41.60 -26.01
N VAL A 139 -6.10 41.07 -26.34
CA VAL A 139 -6.60 39.83 -25.75
C VAL A 139 -6.31 38.69 -26.71
N SER A 140 -6.11 37.50 -26.15
CA SER A 140 -5.98 36.28 -26.93
C SER A 140 -6.53 35.09 -26.15
N SER A 141 -6.75 33.99 -26.86
CA SER A 141 -7.25 32.74 -26.27
C SER A 141 -6.18 31.67 -26.35
N VAL A 142 -6.09 30.84 -25.30
CA VAL A 142 -5.10 29.75 -25.25
C VAL A 142 -5.70 28.47 -24.71
N GLN A 143 -5.10 27.34 -25.07
CA GLN A 143 -5.55 26.03 -24.60
C GLN A 143 -5.16 25.82 -23.14
N CYS A 144 -3.93 26.22 -22.81
CA CYS A 144 -3.39 26.10 -21.46
C CYS A 144 -2.56 27.32 -21.09
N THR A 145 -2.28 27.46 -19.81
CA THR A 145 -1.40 28.52 -19.33
C THR A 145 0.04 28.24 -19.74
N HIS A 146 0.94 29.16 -19.40
CA HIS A 146 2.36 28.88 -19.53
C HIS A 146 2.76 27.91 -18.43
N GLY A 147 3.99 27.43 -18.51
CA GLY A 147 4.53 26.55 -17.49
C GLY A 147 4.75 27.32 -16.19
N ILE A 148 4.15 26.84 -15.11
CA ILE A 148 4.30 27.46 -13.81
C ILE A 148 4.84 26.41 -12.85
N LYS A 149 6.04 26.65 -12.34
CA LYS A 149 6.59 25.85 -11.26
C LYS A 149 5.82 26.20 -9.98
N PRO A 150 5.27 25.20 -9.26
CA PRO A 150 4.58 25.50 -7.99
C PRO A 150 5.56 25.78 -6.84
N VAL A 151 6.42 26.79 -7.02
CA VAL A 151 7.46 27.11 -6.05
C VAL A 151 6.80 27.83 -4.89
N VAL A 152 6.75 27.16 -3.75
CA VAL A 152 6.13 27.71 -2.55
C VAL A 152 7.19 28.50 -1.78
N SER A 153 6.90 29.77 -1.50
CA SER A 153 7.87 30.65 -0.83
C SER A 153 7.21 31.87 -0.22
N THR A 154 8.02 32.67 0.49
CA THR A 154 7.58 33.94 1.07
C THR A 154 8.59 35.05 0.77
N GLN A 155 8.10 36.29 0.84
CA GLN A 155 8.90 37.50 0.61
C GLN A 155 9.43 37.62 -0.81
N LEU A 156 10.34 36.72 -1.20
CA LEU A 156 10.83 36.63 -2.57
C LEU A 156 10.07 35.56 -3.36
N LEU A 157 9.50 35.96 -4.50
CA LEU A 157 9.00 35.02 -5.50
C LEU A 157 10.16 34.51 -6.35
N LEU A 158 10.15 33.19 -6.59
CA LEU A 158 11.27 32.50 -7.21
C LEU A 158 10.88 31.78 -8.50
N ASN A 159 11.82 31.70 -9.44
CA ASN A 159 11.70 30.89 -10.66
C ASN A 159 10.40 31.12 -11.46
N GLY A 160 9.80 32.29 -11.29
CA GLY A 160 8.55 32.61 -11.96
C GLY A 160 8.83 33.26 -13.29
N SER A 161 7.83 33.98 -13.80
CA SER A 161 7.97 34.73 -15.02
C SER A 161 8.41 36.14 -14.67
N LEU A 162 8.97 36.84 -15.65
CA LEU A 162 9.28 38.28 -15.53
C LEU A 162 8.23 39.14 -16.26
N ALA A 163 8.08 40.37 -15.80
CA ALA A 163 7.31 41.38 -16.51
C ALA A 163 8.08 41.77 -17.76
N GLU A 164 7.43 41.73 -18.92
CA GLU A 164 8.12 41.84 -20.20
C GLU A 164 8.80 43.21 -20.35
N GLU A 165 8.08 44.25 -19.94
CA GLU A 165 8.39 45.64 -20.30
C GLU A 165 8.98 46.37 -19.10
N GLU A 166 8.12 46.84 -18.19
CA GLU A 166 8.51 47.64 -17.03
C GLU A 166 8.19 46.84 -15.79
N ILE A 167 8.68 47.31 -14.65
CA ILE A 167 8.36 46.70 -13.36
C ILE A 167 6.90 47.04 -13.06
N ILE A 168 6.14 46.05 -12.61
CA ILE A 168 4.71 46.20 -12.38
C ILE A 168 4.44 46.02 -10.89
N ILE A 169 3.52 46.84 -10.37
CA ILE A 169 3.04 46.72 -9.00
C ILE A 169 1.64 46.17 -9.08
N ARG A 170 1.33 45.21 -8.22
CA ARG A 170 0.04 44.52 -8.24
C ARG A 170 -0.54 44.53 -6.84
N SER A 171 -1.79 44.97 -6.72
CA SER A 171 -2.50 44.94 -5.46
C SER A 171 -4.01 45.04 -5.68
N GLU A 172 -4.77 44.30 -4.87
CA GLU A 172 -6.23 44.34 -4.92
C GLU A 172 -6.74 45.76 -4.67
N ASN A 173 -6.02 46.49 -3.83
CA ASN A 173 -6.29 47.90 -3.57
C ASN A 173 -5.02 48.49 -2.95
N LEU A 174 -4.30 49.27 -3.74
CA LEU A 174 -3.00 49.78 -3.34
C LEU A 174 -3.09 50.83 -2.23
N THR A 175 -4.14 51.65 -2.23
CA THR A 175 -4.35 52.61 -1.12
C THR A 175 -4.63 51.89 0.21
N ASN A 176 -5.12 50.65 0.15
CA ASN A 176 -5.26 49.80 1.34
C ASN A 176 -3.91 49.15 1.67
N ASN A 177 -3.36 49.51 2.83
CA ASN A 177 -2.05 48.97 3.29
C ASN A 177 -2.12 47.50 3.66
N ALA A 178 -3.24 47.08 4.25
CA ALA A 178 -3.49 45.68 4.63
C ALA A 178 -3.47 44.71 3.45
N LYS A 179 -3.69 45.22 2.24
CA LYS A 179 -3.57 44.41 1.03
C LYS A 179 -2.13 44.23 0.60
N THR A 180 -1.78 42.99 0.31
CA THR A 180 -0.43 42.60 -0.09
C THR A 180 -0.12 43.17 -1.49
N ILE A 181 1.15 43.47 -1.71
CA ILE A 181 1.62 44.09 -2.95
C ILE A 181 2.59 43.13 -3.62
N ILE A 182 2.25 42.69 -4.84
CA ILE A 182 3.13 41.81 -5.61
C ILE A 182 3.93 42.68 -6.58
N VAL A 183 5.25 42.55 -6.55
CA VAL A 183 6.14 43.24 -7.47
C VAL A 183 6.55 42.26 -8.55
N HIS A 184 6.19 42.52 -9.80
CA HIS A 184 6.68 41.72 -10.91
C HIS A 184 7.87 42.44 -11.49
N LEU A 185 9.02 41.79 -11.49
CA LEU A 185 10.26 42.41 -11.96
C LEU A 185 10.41 42.28 -13.48
N ASN A 186 11.22 43.11 -14.10
CA ASN A 186 11.49 42.87 -15.51
C ASN A 186 12.84 42.22 -15.73
N LYS A 187 13.70 42.26 -14.73
CA LYS A 187 14.96 41.58 -14.84
C LYS A 187 15.20 40.86 -13.54
N SER A 188 15.60 39.59 -13.64
CA SER A 188 15.76 38.72 -12.48
C SER A 188 17.16 38.78 -11.93
N VAL A 189 17.27 38.49 -10.63
CA VAL A 189 18.55 38.39 -9.94
C VAL A 189 18.63 37.01 -9.31
N GLU A 190 19.79 36.36 -9.47
CA GLU A 190 19.99 35.03 -8.92
C GLU A 190 20.20 35.13 -7.43
N ILE A 191 19.57 34.22 -6.70
CA ILE A 191 19.82 34.03 -5.28
C ILE A 191 20.31 32.58 -5.14
N ASN A 192 21.55 32.44 -4.67
CA ASN A 192 22.26 31.17 -4.67
C ASN A 192 22.46 30.66 -3.23
N CYS A 193 21.52 29.82 -2.80
CA CYS A 193 21.48 29.30 -1.44
C CYS A 193 22.20 27.98 -1.31
N THR A 194 22.90 27.79 -0.19
CA THR A 194 23.77 26.65 0.00
C THR A 194 23.87 26.25 1.48
N ARG A 195 23.60 24.98 1.76
CA ARG A 195 24.06 24.32 2.98
C ARG A 195 25.30 23.52 2.56
N PRO A 196 26.51 24.02 2.92
CA PRO A 196 27.72 23.31 2.51
C PRO A 196 27.96 22.05 3.33
N SER A 197 28.54 21.03 2.70
CA SER A 197 28.87 19.78 3.38
C SER A 197 30.16 19.90 4.19
N ASN A 198 30.02 20.18 5.49
CA ASN A 198 31.18 20.31 6.39
C ASN A 198 31.90 18.95 6.51
N GLY A 199 31.20 17.97 7.08
CA GLY A 199 31.79 16.70 7.48
C GLY A 199 32.33 16.80 8.89
N GLY A 205 29.90 19.97 13.93
CA GLY A 205 29.49 20.73 12.75
C GLY A 205 27.99 20.98 12.70
N ASP A 206 27.61 22.26 12.60
CA ASP A 206 26.20 22.63 12.48
C ASP A 206 25.66 22.34 11.08
N ILE A 207 24.94 21.22 10.94
CA ILE A 207 24.27 20.86 9.67
C ILE A 207 23.14 21.82 9.24
N ARG A 208 22.65 22.67 10.16
CA ARG A 208 21.57 23.62 9.86
C ARG A 208 22.03 25.00 9.41
N LYS A 209 23.31 25.32 9.60
CA LYS A 209 23.86 26.60 9.15
C LYS A 209 23.99 26.56 7.63
N ALA A 210 23.27 27.47 6.97
CA ALA A 210 23.32 27.64 5.51
C ALA A 210 23.35 29.15 5.20
N TYR A 211 23.36 29.50 3.92
CA TYR A 211 23.34 30.91 3.50
C TYR A 211 22.91 31.05 2.05
N CYS A 212 22.56 32.27 1.65
CA CYS A 212 22.33 32.61 0.24
C CYS A 212 23.24 33.77 -0.16
N GLU A 213 23.69 33.74 -1.42
CA GLU A 213 24.56 34.75 -1.98
C GLU A 213 23.87 35.40 -3.18
N ILE A 214 23.72 36.72 -3.13
CA ILE A 214 23.16 37.49 -4.23
C ILE A 214 24.19 38.51 -4.66
N ASN A 215 24.37 38.69 -5.97
CA ASN A 215 25.23 39.75 -6.48
C ASN A 215 24.59 41.07 -6.07
N GLY A 216 25.09 41.62 -4.97
CA GLY A 216 24.64 42.91 -4.46
C GLY A 216 24.72 44.06 -5.45
N THR A 217 25.60 43.98 -6.46
CA THR A 217 25.58 44.94 -7.58
C THR A 217 24.22 44.78 -8.26
N LYS A 218 24.07 43.69 -9.01
CA LYS A 218 22.89 43.46 -9.86
C LYS A 218 21.56 43.66 -9.13
N TRP A 219 21.55 43.39 -7.82
CA TRP A 219 20.35 43.56 -6.99
C TRP A 219 20.00 45.01 -6.68
N ASN A 220 20.89 45.72 -5.99
CA ASN A 220 20.57 47.09 -5.53
C ASN A 220 20.22 48.08 -6.66
N LYS A 221 20.51 47.71 -7.91
CA LYS A 221 19.99 48.39 -9.10
C LYS A 221 18.50 48.09 -9.27
N VAL A 222 18.15 46.80 -9.26
CA VAL A 222 16.76 46.36 -9.40
C VAL A 222 15.87 46.99 -8.32
N LEU A 223 16.41 47.08 -7.11
CA LEU A 223 15.69 47.65 -5.98
C LEU A 223 15.46 49.15 -6.14
N LYS A 224 16.48 49.90 -6.59
CA LYS A 224 16.33 51.32 -6.89
C LYS A 224 15.25 51.57 -7.95
N GLN A 225 15.13 50.64 -8.90
CA GLN A 225 14.05 50.69 -9.90
C GLN A 225 12.69 50.31 -9.31
N VAL A 226 12.69 49.32 -8.41
CA VAL A 226 11.48 48.97 -7.66
C VAL A 226 11.02 50.19 -6.84
N THR A 227 11.99 50.89 -6.25
CA THR A 227 11.72 52.15 -5.51
C THR A 227 11.08 53.20 -6.41
N GLU A 228 11.71 53.46 -7.55
CA GLU A 228 11.25 54.49 -8.49
C GLU A 228 9.88 54.18 -9.08
N LYS A 229 9.60 52.90 -9.31
CA LYS A 229 8.25 52.50 -9.74
C LYS A 229 7.24 52.75 -8.62
N LEU A 230 7.63 52.44 -7.37
CA LEU A 230 6.80 52.77 -6.23
C LEU A 230 6.60 54.26 -6.05
N LYS A 231 7.63 55.06 -6.33
CA LYS A 231 7.52 56.54 -6.30
C LYS A 231 6.34 57.06 -7.14
N GLU A 232 6.07 56.40 -8.26
CA GLU A 232 4.99 56.79 -9.17
C GLU A 232 3.60 56.59 -8.55
N HIS A 233 3.41 55.49 -7.82
CA HIS A 233 2.12 55.20 -7.18
C HIS A 233 1.84 55.99 -5.89
N PHE A 234 2.87 56.61 -5.31
CA PHE A 234 2.72 57.35 -4.05
C PHE A 234 3.33 58.74 -4.18
N ASN A 235 2.80 59.49 -5.15
CA ASN A 235 3.30 60.82 -5.57
C ASN A 235 4.74 61.20 -5.18
N ASN A 236 5.68 60.59 -5.89
CA ASN A 236 7.12 60.89 -5.79
C ASN A 236 7.69 60.75 -4.38
N LYS A 237 7.11 60.35 -3.30
CA LYS A 237 7.48 60.21 -1.87
C LYS A 237 8.73 59.36 -1.71
N THR A 238 9.43 59.56 -0.60
CA THR A 238 10.63 58.78 -0.29
C THR A 238 10.19 57.37 0.07
N ILE A 239 10.43 56.43 -0.84
CA ILE A 239 10.13 55.03 -0.59
C ILE A 239 11.23 54.47 0.28
N ILE A 240 10.84 53.69 1.27
CA ILE A 240 11.72 53.32 2.37
C ILE A 240 11.38 51.89 2.80
N PHE A 241 12.40 51.02 2.86
CA PHE A 241 12.25 49.63 3.29
C PHE A 241 12.62 49.43 4.75
N GLN A 242 11.97 48.47 5.39
CA GLN A 242 12.33 48.02 6.74
C GLN A 242 12.13 46.51 6.85
N PRO A 243 12.77 45.86 7.85
CA PRO A 243 12.48 44.45 8.10
C PRO A 243 11.01 44.20 8.48
N PRO A 244 10.56 42.93 8.48
CA PRO A 244 9.19 42.67 8.91
C PRO A 244 9.03 42.94 10.40
N SER A 245 8.02 43.73 10.75
CA SER A 245 7.88 44.26 12.13
C SER A 245 7.51 43.19 13.15
N GLY A 246 7.11 42.00 12.70
CA GLY A 246 6.98 40.84 13.58
C GLY A 246 6.17 39.72 12.97
N GLY A 247 6.08 38.60 13.68
CA GLY A 247 5.28 37.45 13.27
C GLY A 247 6.03 36.12 13.30
N ASP A 248 5.51 35.15 12.56
CA ASP A 248 6.14 33.85 12.41
C ASP A 248 7.40 33.94 11.57
N LEU A 249 8.31 32.99 11.79
CA LEU A 249 9.59 32.90 11.06
C LEU A 249 9.37 32.67 9.56
N GLU A 250 8.28 32.00 9.24
CA GLU A 250 7.93 31.73 7.86
C GLU A 250 7.73 33.02 7.06
N ILE A 251 7.25 34.07 7.71
CA ILE A 251 7.06 35.37 7.03
C ILE A 251 8.03 36.47 7.46
N THR A 252 8.62 36.37 8.64
CA THR A 252 9.70 37.28 9.03
C THR A 252 10.99 36.98 8.28
N MET A 253 11.10 35.78 7.72
CA MET A 253 12.26 35.36 6.92
C MET A 253 11.84 34.81 5.56
N HIS A 254 12.77 34.82 4.61
CA HIS A 254 12.54 34.26 3.29
C HIS A 254 12.54 32.76 3.45
N SER A 255 11.35 32.17 3.43
CA SER A 255 11.19 30.74 3.64
C SER A 255 10.81 30.09 2.34
N PHE A 256 11.46 28.98 2.05
CA PHE A 256 11.29 28.26 0.78
C PHE A 256 11.79 26.83 0.98
N ASN A 257 11.50 25.95 0.03
CA ASN A 257 11.98 24.57 0.11
C ASN A 257 13.02 24.34 -0.97
N CYS A 258 14.19 23.86 -0.56
CA CYS A 258 15.29 23.60 -1.48
C CYS A 258 15.74 22.15 -1.30
N ARG A 259 15.63 21.37 -2.37
CA ARG A 259 16.01 19.95 -2.37
C ARG A 259 15.30 19.10 -1.32
N GLY A 260 14.11 19.52 -0.90
CA GLY A 260 13.37 18.88 0.18
C GLY A 260 13.49 19.58 1.52
N GLU A 261 14.62 20.23 1.78
CA GLU A 261 14.89 20.86 3.07
C GLU A 261 14.19 22.21 3.18
N PHE A 262 13.90 22.60 4.41
CA PHE A 262 13.17 23.83 4.68
C PHE A 262 14.12 24.93 5.12
N PHE A 263 14.33 25.91 4.24
CA PHE A 263 15.26 27.01 4.48
C PHE A 263 14.53 28.23 5.04
N TYR A 264 15.17 28.90 5.99
CA TYR A 264 14.72 30.19 6.51
C TYR A 264 15.91 31.12 6.39
N CYS A 265 15.74 32.22 5.66
CA CYS A 265 16.84 33.15 5.41
C CYS A 265 16.44 34.56 5.77
N ASN A 266 17.38 35.29 6.37
CA ASN A 266 17.15 36.65 6.84
C ASN A 266 17.38 37.64 5.68
N THR A 267 16.35 38.40 5.33
CA THR A 267 16.45 39.38 4.26
C THR A 267 16.63 40.81 4.76
N THR A 268 17.26 40.99 5.92
CA THR A 268 17.61 42.32 6.42
C THR A 268 18.54 43.02 5.43
N GLN A 269 19.54 42.29 4.95
CA GLN A 269 20.59 42.86 4.10
C GLN A 269 20.12 43.14 2.66
N LEU A 270 19.04 42.48 2.23
CA LEU A 270 18.49 42.70 0.89
C LEU A 270 17.81 44.04 0.71
N PHE A 271 17.24 44.60 1.77
CA PHE A 271 16.50 45.84 1.69
C PHE A 271 17.23 46.92 2.46
N ASN A 272 18.40 47.29 1.95
CA ASN A 272 19.27 48.32 2.54
C ASN A 272 19.13 49.64 1.77
N ASN A 273 18.70 50.67 2.47
CA ASN A 273 18.33 51.94 1.86
C ASN A 273 19.56 52.76 1.51
N THR A 274 20.64 52.56 2.27
CA THR A 274 21.92 53.26 2.02
C THR A 274 22.50 52.94 0.63
N CYS A 275 22.21 51.73 0.14
CA CYS A 275 22.61 51.32 -1.22
C CYS A 275 21.72 51.91 -2.35
N ILE A 276 20.64 52.61 -2.00
CA ILE A 276 19.69 53.19 -2.96
C ILE A 276 19.75 54.69 -2.85
N MET A 281 29.00 54.97 -1.75
CA MET A 281 28.28 53.70 -1.75
C MET A 281 29.10 52.62 -1.04
N LYS A 282 29.30 52.82 0.27
CA LYS A 282 30.10 51.92 1.13
C LYS A 282 29.58 50.49 1.05
N GLY A 283 30.49 49.53 0.79
CA GLY A 283 30.10 48.13 0.64
C GLY A 283 29.11 47.95 -0.49
N CYS A 284 27.91 47.43 -0.18
CA CYS A 284 26.74 47.37 -1.09
C CYS A 284 27.01 46.68 -2.44
N ASN A 285 27.84 47.31 -3.28
CA ASN A 285 28.30 46.81 -4.59
C ASN A 285 28.55 45.31 -4.71
N GLY A 286 29.27 44.74 -3.73
CA GLY A 286 29.74 43.35 -3.78
C GLY A 286 28.68 42.28 -3.55
N THR A 287 29.00 41.30 -2.71
CA THR A 287 28.14 40.13 -2.51
C THR A 287 27.39 40.23 -1.19
N ILE A 288 26.07 40.19 -1.27
CA ILE A 288 25.21 40.12 -0.10
C ILE A 288 25.09 38.66 0.30
N THR A 289 25.51 38.34 1.53
CA THR A 289 25.39 36.99 2.08
C THR A 289 24.39 36.97 3.22
N LEU A 290 23.25 36.32 3.00
CA LEU A 290 22.16 36.29 3.96
C LEU A 290 22.29 35.03 4.82
N PRO A 291 22.21 35.17 6.15
CA PRO A 291 22.32 34.01 7.02
C PRO A 291 21.06 33.15 6.96
N CYS A 292 21.24 31.85 6.77
CA CYS A 292 20.13 30.90 6.70
C CYS A 292 20.25 29.81 7.74
N LYS A 293 19.13 29.13 7.94
CA LYS A 293 18.95 28.17 9.00
C LYS A 293 17.95 27.14 8.49
N ILE A 294 18.36 25.88 8.37
CA ILE A 294 17.44 24.81 7.98
C ILE A 294 16.64 24.39 9.20
N LYS A 295 15.34 24.24 9.05
CA LYS A 295 14.46 23.91 10.15
C LYS A 295 13.68 22.62 9.88
N GLN A 296 13.46 21.85 10.95
CA GLN A 296 12.70 20.61 10.90
C GLN A 296 11.27 20.81 11.35
N ILE A 297 11.09 21.48 12.48
CA ILE A 297 9.76 21.87 12.97
C ILE A 297 9.37 23.20 12.32
N ILE A 298 8.30 23.18 11.53
CA ILE A 298 7.82 24.36 10.82
C ILE A 298 6.32 24.52 11.05
N ASN A 299 5.77 25.69 10.71
CA ASN A 299 4.33 25.84 10.56
C ASN A 299 3.99 25.55 9.12
N MET A 300 2.80 25.01 8.91
CA MET A 300 2.40 24.52 7.60
C MET A 300 1.68 25.62 6.83
N TRP A 301 2.11 25.83 5.58
CA TRP A 301 1.33 26.67 4.66
C TRP A 301 0.03 25.99 4.21
N GLN A 302 -0.02 24.67 4.21
CA GLN A 302 -1.16 23.90 3.68
C GLN A 302 -2.44 24.21 4.47
N GLY A 303 -2.50 23.71 5.71
CA GLY A 303 -3.52 24.07 6.68
C GLY A 303 -2.83 24.58 7.93
N THR A 304 -3.61 25.02 8.92
CA THR A 304 -3.05 25.57 10.15
C THR A 304 -2.61 24.40 11.02
N GLY A 305 -1.38 24.49 11.52
CA GLY A 305 -0.78 23.44 12.31
C GLY A 305 0.72 23.49 12.22
N GLN A 306 1.36 22.65 13.03
CA GLN A 306 2.81 22.50 13.05
C GLN A 306 3.19 21.11 12.55
N ALA A 307 4.41 20.99 12.05
CA ALA A 307 4.91 19.73 11.50
C ALA A 307 6.42 19.62 11.66
N MET A 308 6.90 18.38 11.81
CA MET A 308 8.32 18.10 11.88
C MET A 308 8.70 17.15 10.75
N TYR A 309 9.83 17.44 10.12
CA TYR A 309 10.40 16.62 9.06
C TYR A 309 11.74 16.11 9.55
N ALA A 310 12.29 15.11 8.86
CA ALA A 310 13.54 14.48 9.29
C ALA A 310 14.72 15.48 9.21
N PRO A 311 15.83 15.18 9.90
CA PRO A 311 16.97 16.09 9.80
C PRO A 311 17.55 16.11 8.41
N PRO A 312 18.25 17.21 8.05
CA PRO A 312 18.65 17.35 6.65
C PRO A 312 19.59 16.26 6.16
N ILE A 313 19.60 16.04 4.85
CA ILE A 313 20.51 15.09 4.23
C ILE A 313 21.94 15.64 4.32
N ASP A 314 22.91 14.75 4.17
CA ASP A 314 24.32 15.14 4.16
C ASP A 314 24.72 15.55 2.75
N GLY A 315 25.94 16.08 2.63
CA GLY A 315 26.41 16.61 1.35
C GLY A 315 25.97 18.04 1.12
N LYS A 316 26.35 18.56 -0.03
CA LYS A 316 26.16 19.96 -0.37
C LYS A 316 24.77 20.16 -0.94
N ILE A 317 23.87 20.80 -0.17
CA ILE A 317 22.57 21.22 -0.67
C ILE A 317 22.74 22.56 -1.36
N ASN A 318 22.19 22.69 -2.57
CA ASN A 318 22.26 23.93 -3.32
C ASN A 318 21.06 24.13 -4.24
N CYS A 319 20.47 25.31 -4.16
CA CYS A 319 19.52 25.80 -5.14
C CYS A 319 19.92 27.20 -5.57
N VAL A 320 19.94 27.43 -6.88
CA VAL A 320 20.07 28.78 -7.42
C VAL A 320 18.76 29.13 -8.09
N SER A 321 18.07 30.12 -7.53
CA SER A 321 16.76 30.55 -8.01
C SER A 321 16.87 31.95 -8.61
N ASN A 322 16.07 32.21 -9.64
CA ASN A 322 15.92 33.57 -10.18
C ASN A 322 14.85 34.25 -9.35
N ILE A 323 15.16 35.39 -8.75
CA ILE A 323 14.13 36.17 -8.08
C ILE A 323 13.35 36.89 -9.18
N THR A 324 12.09 36.51 -9.34
CA THR A 324 11.23 37.12 -10.35
C THR A 324 10.17 38.04 -9.78
N GLY A 325 9.98 38.04 -8.45
CA GLY A 325 9.06 38.98 -7.83
C GLY A 325 9.30 39.14 -6.35
N ILE A 326 8.73 40.19 -5.78
CA ILE A 326 8.85 40.50 -4.36
C ILE A 326 7.46 40.80 -3.82
N LEU A 327 7.11 40.12 -2.72
CA LEU A 327 5.89 40.39 -1.98
C LEU A 327 6.19 41.42 -0.88
N LEU A 328 5.52 42.58 -0.96
CA LEU A 328 5.67 43.61 0.06
C LEU A 328 4.31 43.92 0.68
N THR A 329 4.36 44.46 1.89
CA THR A 329 3.20 45.08 2.54
C THR A 329 3.60 46.51 2.87
N ARG A 330 2.65 47.43 2.77
CA ARG A 330 2.89 48.83 3.14
C ARG A 330 2.57 49.01 4.61
N ASP A 331 3.01 50.12 5.20
CA ASP A 331 2.82 50.32 6.64
C ASP A 331 1.52 51.06 6.94
N GLY A 332 1.36 52.26 6.40
CA GLY A 332 0.12 53.02 6.58
C GLY A 332 -0.03 53.61 7.98
N GLY A 333 -0.90 54.61 8.09
CA GLY A 333 -0.91 55.50 9.24
C GLY A 333 0.00 56.69 8.98
N ALA A 334 1.14 56.45 8.33
CA ALA A 334 2.00 57.51 7.79
C ALA A 334 1.42 58.10 6.48
N ASN A 335 0.26 58.76 6.59
CA ASN A 335 -0.39 59.39 5.43
C ASN A 335 -1.20 60.66 5.74
N ASN A 336 -0.60 61.81 6.13
CA ASN A 336 0.71 62.02 6.82
C ASN A 336 2.04 61.70 6.10
N THR A 337 3.11 62.38 6.55
CA THR A 337 4.50 61.97 6.31
C THR A 337 4.95 62.15 4.86
N SER A 338 6.24 62.45 4.68
CA SER A 338 6.85 62.47 3.35
C SER A 338 7.37 61.07 2.91
N ASN A 339 6.95 60.01 3.59
CA ASN A 339 7.55 58.69 3.44
C ASN A 339 6.49 57.60 3.43
N GLU A 340 6.78 56.52 2.71
CA GLU A 340 5.95 55.32 2.69
C GLU A 340 6.88 54.14 2.96
N THR A 341 6.52 53.35 3.97
CA THR A 341 7.38 52.26 4.43
C THR A 341 6.85 50.91 3.93
N PHE A 342 7.76 50.11 3.38
CA PHE A 342 7.42 48.78 2.85
C PHE A 342 8.26 47.72 3.55
N ARG A 343 7.65 46.55 3.76
CA ARG A 343 8.30 45.44 4.47
C ARG A 343 8.01 44.11 3.77
N PRO A 344 9.03 43.22 3.70
CA PRO A 344 8.86 41.88 3.13
C PRO A 344 7.68 41.12 3.75
N GLY A 345 6.80 40.64 2.88
CA GLY A 345 5.54 40.02 3.28
C GLY A 345 5.34 38.65 2.68
N GLY A 346 4.11 38.36 2.27
CA GLY A 346 3.75 37.02 1.82
C GLY A 346 3.29 36.17 2.98
N GLY A 347 2.99 34.91 2.68
CA GLY A 347 2.39 33.99 3.63
C GLY A 347 1.20 33.29 2.99
N ASN A 348 0.36 34.06 2.31
CA ASN A 348 -0.73 33.50 1.53
C ASN A 348 -0.14 32.94 0.24
N ILE A 349 -0.16 31.63 0.10
CA ILE A 349 0.50 30.95 -1.02
C ILE A 349 -0.33 31.10 -2.32
N LYS A 350 -1.59 31.46 -2.19
CA LYS A 350 -2.42 31.84 -3.35
C LYS A 350 -1.86 33.09 -4.05
N ASP A 351 -1.28 34.02 -3.28
CA ASP A 351 -0.63 35.18 -3.88
C ASP A 351 0.48 34.77 -4.84
N ASN A 352 1.21 33.71 -4.53
CA ASN A 352 2.21 33.17 -5.47
C ASN A 352 1.58 32.71 -6.79
N TRP A 353 0.48 31.98 -6.70
CA TRP A 353 -0.19 31.51 -7.92
C TRP A 353 -0.80 32.66 -8.71
N ARG A 354 -1.23 33.71 -8.01
CA ARG A 354 -1.66 34.95 -8.67
C ARG A 354 -0.52 35.60 -9.43
N SER A 355 0.71 35.49 -8.90
CA SER A 355 1.86 36.09 -9.56
C SER A 355 2.14 35.52 -10.96
N GLU A 356 1.51 34.39 -11.27
CA GLU A 356 1.57 33.79 -12.60
C GLU A 356 0.21 33.78 -13.34
N LEU A 357 -0.86 33.42 -12.63
CA LEU A 357 -2.20 33.32 -13.23
C LEU A 357 -2.95 34.65 -13.38
N TYR A 358 -2.31 35.76 -13.04
CA TYR A 358 -2.94 37.10 -13.17
C TYR A 358 -3.47 37.39 -14.57
N LYS A 359 -2.71 36.99 -15.58
CA LYS A 359 -3.04 37.31 -16.96
C LYS A 359 -4.02 36.35 -17.61
N TYR A 360 -4.37 35.27 -16.91
CA TYR A 360 -5.31 34.25 -17.42
C TYR A 360 -6.71 34.42 -16.84
N LYS A 361 -7.70 33.84 -17.52
CA LYS A 361 -9.11 34.00 -17.15
C LYS A 361 -9.99 33.00 -17.90
N VAL A 362 -10.69 32.15 -17.17
CA VAL A 362 -11.57 31.13 -17.78
C VAL A 362 -12.83 31.81 -18.32
N VAL A 363 -13.37 31.25 -19.39
CA VAL A 363 -14.59 31.76 -19.98
C VAL A 363 -15.32 30.63 -20.71
N GLN A 364 -16.65 30.66 -20.73
CA GLN A 364 -17.48 29.61 -21.34
C GLN A 364 -17.98 30.01 -22.72
N ILE A 365 -17.94 29.06 -23.66
CA ILE A 365 -18.34 29.31 -25.05
C ILE A 365 -19.74 28.76 -25.29
N GLU A 366 -20.56 29.51 -26.04
CA GLU A 366 -21.85 29.08 -26.61
C GLU A 366 -22.73 30.32 -26.89
N ASN B 2 -5.04 30.65 13.26
N ASN B 2 -5.00 30.70 13.26
CA ASN B 2 -5.87 31.05 14.42
CA ASN B 2 -5.82 31.03 14.46
C ASN B 2 -5.49 32.46 14.86
C ASN B 2 -5.49 32.46 14.90
N LEU B 3 -6.38 33.40 14.58
CA LEU B 3 -6.15 34.83 14.82
C LEU B 3 -6.02 35.19 16.30
N HIS B 4 -6.87 34.65 17.16
CA HIS B 4 -6.82 34.97 18.59
C HIS B 4 -5.41 34.76 19.12
N PHE B 5 -4.91 33.53 18.94
CA PHE B 5 -3.56 33.15 19.35
C PHE B 5 -2.51 34.06 18.71
N CYS B 6 -2.76 34.51 17.48
CA CYS B 6 -1.88 35.46 16.80
C CYS B 6 -1.88 36.86 17.41
N GLN B 7 -3.06 37.48 17.51
CA GLN B 7 -3.23 38.79 18.18
C GLN B 7 -2.52 38.82 19.53
N LEU B 8 -2.73 37.75 20.30
CA LEU B 8 -2.18 37.62 21.64
C LEU B 8 -0.66 37.53 21.62
N ARG B 9 -0.12 36.70 20.73
CA ARG B 9 1.34 36.58 20.57
C ARG B 9 1.97 37.93 20.19
N CYS B 10 1.30 38.67 19.30
CA CYS B 10 1.80 39.97 18.84
C CYS B 10 1.72 41.06 19.91
N LYS B 11 0.63 41.09 20.68
CA LYS B 11 0.50 42.03 21.80
C LYS B 11 1.71 42.00 22.73
N SER B 12 2.27 40.81 22.96
CA SER B 12 3.50 40.67 23.75
C SER B 12 4.69 41.48 23.19
N LEU B 13 4.70 41.75 21.88
CA LEU B 13 5.69 42.65 21.27
C LEU B 13 5.17 44.09 21.02
N GLY B 14 4.04 44.44 21.63
CA GLY B 14 3.42 45.76 21.45
C GLY B 14 2.84 46.01 20.07
N LEU B 15 2.24 44.98 19.48
CA LEU B 15 1.76 45.00 18.10
C LEU B 15 0.38 44.35 18.03
N LEU B 16 -0.36 44.65 16.98
CA LEU B 16 -1.61 43.96 16.67
C LEU B 16 -1.30 42.75 15.81
N GLY B 17 -2.26 41.83 15.70
CA GLY B 17 -2.09 40.58 14.95
C GLY B 17 -2.93 40.53 13.69
N ARG B 18 -2.46 39.75 12.71
CA ARG B 18 -3.10 39.67 11.40
C ARG B 18 -2.63 38.39 10.70
N CYS B 19 -3.59 37.56 10.27
CA CYS B 19 -3.24 36.35 9.53
C CYS B 19 -2.59 36.66 8.18
N ALA B 20 -1.64 35.81 7.81
CA ALA B 20 -1.02 35.82 6.49
C ALA B 20 -1.25 34.42 5.89
N THR B 22 -2.13 30.96 6.62
CA THR B 22 -2.08 30.18 7.86
C THR B 22 -1.08 30.81 8.82
N CYS B 24 1.02 34.06 11.18
CA CYS B 24 0.69 35.19 12.09
C CYS B 24 1.64 36.33 11.79
N ALA B 25 1.12 37.42 11.25
CA ALA B 25 1.89 38.64 11.02
C ALA B 25 1.53 39.67 12.08
N CYS B 26 2.54 40.39 12.57
CA CYS B 26 2.35 41.44 13.56
C CYS B 26 2.53 42.81 12.91
N VAL B 27 1.56 43.69 13.11
CA VAL B 27 1.70 45.14 12.83
C VAL B 27 0.80 45.94 13.78
N GLU C 1 1.34 -8.18 -5.19
CA GLU C 1 0.90 -7.86 -6.59
C GLU C 1 -0.37 -7.03 -6.60
N VAL C 2 -0.53 -6.25 -7.66
CA VAL C 2 -1.68 -5.38 -7.81
C VAL C 2 -2.89 -6.29 -8.03
N GLN C 3 -4.02 -5.90 -7.46
CA GLN C 3 -5.28 -6.61 -7.60
C GLN C 3 -6.35 -5.55 -7.83
N LEU C 4 -7.24 -5.79 -8.80
CA LEU C 4 -8.38 -4.93 -9.07
C LEU C 4 -9.59 -5.84 -9.26
N VAL C 5 -10.60 -5.70 -8.42
CA VAL C 5 -11.78 -6.56 -8.48
C VAL C 5 -13.00 -5.70 -8.72
N GLU C 6 -13.54 -5.79 -9.94
CA GLU C 6 -14.73 -5.03 -10.31
C GLU C 6 -15.96 -5.74 -9.78
N SER C 7 -16.97 -4.96 -9.42
CA SER C 7 -18.24 -5.50 -8.91
C SER C 7 -19.39 -4.58 -9.25
N GLY C 8 -20.61 -5.09 -9.06
CA GLY C 8 -21.83 -4.33 -9.30
C GLY C 8 -22.31 -4.29 -10.74
N GLY C 9 -21.78 -5.16 -11.60
CA GLY C 9 -22.32 -5.32 -12.96
C GLY C 9 -23.58 -6.15 -12.86
N GLY C 10 -24.32 -6.25 -13.97
CA GLY C 10 -25.54 -7.04 -14.02
C GLY C 10 -26.48 -6.66 -15.16
N LEU C 11 -27.70 -7.19 -15.08
CA LEU C 11 -28.74 -6.94 -16.08
C LEU C 11 -29.56 -5.71 -15.71
N VAL C 12 -29.76 -4.81 -16.66
CA VAL C 12 -30.48 -3.56 -16.42
C VAL C 12 -31.10 -3.07 -17.73
N GLN C 13 -32.21 -2.35 -17.63
CA GLN C 13 -32.99 -1.96 -18.80
C GLN C 13 -32.64 -0.55 -19.29
N PRO C 14 -32.92 -0.24 -20.58
CA PRO C 14 -32.69 1.10 -21.15
C PRO C 14 -33.26 2.22 -20.28
N GLY C 15 -32.46 3.27 -20.07
CA GLY C 15 -32.81 4.34 -19.16
C GLY C 15 -32.43 4.06 -17.71
N GLY C 16 -32.30 2.78 -17.35
CA GLY C 16 -31.91 2.36 -16.01
C GLY C 16 -30.50 2.78 -15.64
N SER C 17 -30.08 2.43 -14.43
CA SER C 17 -28.80 2.89 -13.88
C SER C 17 -28.13 1.84 -13.00
N LEU C 18 -26.80 1.85 -13.01
CA LEU C 18 -26.00 1.00 -12.13
C LEU C 18 -24.78 1.77 -11.66
N ARG C 19 -24.14 1.22 -10.64
CA ARG C 19 -22.84 1.70 -10.20
C ARG C 19 -21.86 0.54 -10.08
N LEU C 20 -20.66 0.74 -10.63
CA LEU C 20 -19.60 -0.23 -10.58
C LEU C 20 -18.57 0.17 -9.53
N SER C 21 -17.88 -0.83 -8.99
CA SER C 21 -16.86 -0.61 -7.97
C SER C 21 -15.63 -1.40 -8.33
N CYS C 22 -14.47 -0.83 -8.05
CA CYS C 22 -13.21 -1.54 -8.23
C CYS C 22 -12.44 -1.47 -6.92
N ALA C 23 -12.15 -2.65 -6.35
CA ALA C 23 -11.40 -2.75 -5.12
C ALA C 23 -9.92 -2.86 -5.43
N ALA C 24 -9.16 -1.80 -5.11
CA ALA C 24 -7.73 -1.77 -5.34
C ALA C 24 -6.96 -2.32 -4.15
N SER C 25 -5.89 -3.04 -4.47
CA SER C 25 -5.01 -3.62 -3.45
C SER C 25 -3.64 -3.89 -4.04
N GLY C 26 -2.65 -3.96 -3.17
CA GLY C 26 -1.28 -4.25 -3.57
C GLY C 26 -0.53 -3.11 -4.23
N PHE C 27 -0.98 -1.87 -4.03
CA PHE C 27 -0.25 -0.68 -4.45
C PHE C 27 -0.86 0.51 -3.78
N THR C 28 -0.15 1.64 -3.76
CA THR C 28 -0.69 2.87 -3.17
C THR C 28 -1.71 3.49 -4.13
N PHE C 29 -2.97 3.08 -3.99
CA PHE C 29 -4.09 3.51 -4.85
C PHE C 29 -4.14 5.02 -5.10
N SER C 30 -3.86 5.81 -4.09
CA SER C 30 -4.05 7.26 -4.18
C SER C 30 -3.01 7.96 -5.04
N THR C 31 -1.93 7.29 -5.44
CA THR C 31 -0.90 7.95 -6.25
C THR C 31 -0.98 7.64 -7.75
N TYR C 32 -1.85 6.69 -8.13
CA TYR C 32 -1.97 6.25 -9.52
C TYR C 32 -3.26 6.76 -10.16
N ALA C 33 -3.15 7.26 -11.38
CA ALA C 33 -4.31 7.56 -12.20
C ALA C 33 -4.99 6.25 -12.58
N MET C 34 -6.31 6.24 -12.61
CA MET C 34 -7.08 5.03 -12.85
C MET C 34 -8.08 5.30 -13.97
N SER C 35 -8.49 4.22 -14.64
CA SER C 35 -9.35 4.30 -15.79
C SER C 35 -10.37 3.19 -15.84
N TRP C 36 -11.48 3.45 -16.53
CA TRP C 36 -12.42 2.42 -16.95
C TRP C 36 -12.33 2.25 -18.46
N VAL C 37 -12.08 1.02 -18.89
CA VAL C 37 -12.09 0.67 -20.31
C VAL C 37 -13.10 -0.44 -20.49
N ARG C 38 -13.93 -0.34 -21.51
CA ARG C 38 -14.97 -1.35 -21.75
C ARG C 38 -14.79 -2.06 -23.08
N GLN C 39 -15.48 -3.19 -23.19
CA GLN C 39 -15.44 -4.01 -24.39
C GLN C 39 -16.81 -4.62 -24.61
N ALA C 40 -17.50 -4.16 -25.65
CA ALA C 40 -18.78 -4.76 -26.01
C ALA C 40 -18.51 -6.19 -26.45
N PRO C 41 -19.43 -7.12 -26.13
CA PRO C 41 -19.16 -8.54 -26.39
C PRO C 41 -18.78 -8.81 -27.86
N GLY C 42 -17.52 -9.16 -28.07
CA GLY C 42 -17.00 -9.46 -29.40
C GLY C 42 -16.55 -8.27 -30.23
N LYS C 43 -16.47 -7.08 -29.61
CA LYS C 43 -15.99 -5.87 -30.28
C LYS C 43 -14.64 -5.47 -29.68
N GLY C 44 -14.07 -4.37 -30.17
CA GLY C 44 -12.79 -3.87 -29.65
C GLY C 44 -12.88 -3.16 -28.32
N LEU C 45 -11.78 -2.56 -27.90
CA LEU C 45 -11.70 -1.83 -26.65
C LEU C 45 -12.07 -0.37 -26.85
N GLU C 46 -12.73 0.20 -25.84
CA GLU C 46 -13.09 1.60 -25.84
C GLU C 46 -12.78 2.19 -24.48
N TRP C 47 -12.01 3.28 -24.47
CA TRP C 47 -11.78 4.05 -23.24
C TRP C 47 -13.06 4.79 -22.85
N VAL C 48 -13.52 4.55 -21.62
CA VAL C 48 -14.74 5.15 -21.12
C VAL C 48 -14.43 6.41 -20.33
N SER C 49 -13.55 6.30 -19.34
CA SER C 49 -13.23 7.41 -18.48
C SER C 49 -11.94 7.19 -17.70
N SER C 50 -11.30 8.29 -17.31
CA SER C 50 -10.12 8.26 -16.45
C SER C 50 -10.31 9.26 -15.31
N ILE C 51 -9.52 9.09 -14.26
CA ILE C 51 -9.50 10.02 -13.13
C ILE C 51 -8.07 10.20 -12.65
N ASN C 52 -7.69 11.42 -12.29
CA ASN C 52 -6.33 11.68 -11.82
C ASN C 52 -6.16 11.21 -10.37
N ASN C 53 -4.91 11.16 -9.91
CA ASN C 53 -4.59 10.60 -8.60
C ASN C 53 -5.43 11.20 -7.46
N SER C 54 -5.44 12.52 -7.33
CA SER C 54 -6.18 13.20 -6.26
C SER C 54 -7.71 13.02 -6.43
N GLY C 55 -8.16 12.90 -7.67
CA GLY C 55 -9.58 12.74 -7.98
C GLY C 55 -10.28 14.03 -8.35
N ARG C 56 -9.55 15.15 -8.34
CA ARG C 56 -10.11 16.45 -8.65
C ARG C 56 -10.46 16.60 -10.13
N ASN C 57 -9.76 15.86 -10.99
CA ASN C 57 -9.95 15.96 -12.44
C ASN C 57 -10.35 14.64 -13.05
N THR C 58 -11.47 14.65 -13.77
CA THR C 58 -11.97 13.48 -14.47
C THR C 58 -12.06 13.76 -15.96
N PHE C 59 -11.99 12.69 -16.75
CA PHE C 59 -12.01 12.76 -18.20
C PHE C 59 -12.92 11.66 -18.69
N SER C 60 -13.78 11.96 -19.65
CA SER C 60 -14.68 10.94 -20.19
C SER C 60 -14.88 11.12 -21.68
N ALA C 61 -15.31 10.05 -22.35
CA ALA C 61 -15.52 10.07 -23.79
C ALA C 61 -16.83 10.75 -24.15
N ASP C 62 -16.94 11.24 -25.38
CA ASP C 62 -18.16 11.90 -25.86
C ASP C 62 -19.33 10.90 -25.91
N SER C 63 -19.04 9.68 -26.33
CA SER C 63 -20.05 8.61 -26.39
C SER C 63 -20.55 8.16 -25.03
N VAL C 64 -20.05 8.80 -23.97
CA VAL C 64 -20.44 8.51 -22.60
C VAL C 64 -20.62 9.74 -21.69
N LYS C 65 -20.29 10.93 -22.20
CA LYS C 65 -20.32 12.18 -21.45
C LYS C 65 -21.72 12.48 -20.93
N GLY C 66 -21.78 13.06 -19.73
CA GLY C 66 -23.04 13.48 -19.12
C GLY C 66 -23.96 12.37 -18.67
N ARG C 67 -23.48 11.14 -18.61
CA ARG C 67 -24.28 10.00 -18.14
C ARG C 67 -23.47 9.16 -17.17
N PHE C 68 -22.24 8.85 -17.57
CA PHE C 68 -21.29 8.19 -16.68
C PHE C 68 -20.45 9.27 -16.03
N THR C 69 -20.18 9.12 -14.74
CA THR C 69 -19.18 9.93 -14.06
C THR C 69 -18.33 9.02 -13.20
N ILE C 70 -17.02 9.07 -13.45
CA ILE C 70 -16.00 8.35 -12.67
C ILE C 70 -15.69 9.09 -11.37
N SER C 71 -15.53 8.35 -10.28
CA SER C 71 -15.09 8.94 -8.99
C SER C 71 -14.19 7.96 -8.24
N ARG C 72 -13.62 8.41 -7.13
CA ARG C 72 -12.78 7.54 -6.31
C ARG C 72 -12.85 7.94 -4.85
N ASP C 73 -12.77 6.94 -3.98
CA ASP C 73 -12.64 7.15 -2.55
C ASP C 73 -11.25 6.67 -2.14
N ASN C 74 -10.28 7.57 -2.19
CA ASN C 74 -8.89 7.24 -1.88
C ASN C 74 -8.66 6.75 -0.45
N SER C 75 -9.56 7.08 0.47
CA SER C 75 -9.52 6.49 1.80
C SER C 75 -9.87 5.00 1.74
N LYS C 76 -10.85 4.65 0.92
CA LYS C 76 -11.32 3.28 0.84
C LYS C 76 -10.74 2.46 -0.33
N ASN C 77 -9.67 2.97 -0.95
CA ASN C 77 -8.98 2.24 -2.02
C ASN C 77 -9.98 1.71 -3.06
N THR C 78 -10.92 2.56 -3.46
CA THR C 78 -12.03 2.16 -4.32
C THR C 78 -12.17 3.11 -5.51
N LEU C 79 -12.51 2.54 -6.65
CA LEU C 79 -12.85 3.28 -7.86
C LEU C 79 -14.32 3.05 -8.20
N PHE C 80 -14.98 4.07 -8.73
CA PHE C 80 -16.41 4.04 -9.02
C PHE C 80 -16.72 4.44 -10.45
N LEU C 81 -17.86 3.96 -10.95
CA LEU C 81 -18.42 4.48 -12.19
C LEU C 81 -19.94 4.50 -12.06
N VAL C 82 -20.49 5.70 -11.93
CA VAL C 82 -21.93 5.90 -11.89
C VAL C 82 -22.39 5.91 -13.33
N MET C 83 -23.25 4.97 -13.70
CA MET C 83 -23.70 4.82 -15.09
C MET C 83 -25.19 5.11 -15.21
N ASN C 84 -25.55 6.32 -15.62
CA ASN C 84 -26.93 6.73 -15.72
C ASN C 84 -27.42 6.66 -17.15
N SER C 85 -28.74 6.54 -17.30
CA SER C 85 -29.42 6.66 -18.59
C SER C 85 -28.78 5.73 -19.62
N LEU C 86 -28.75 4.45 -19.28
CA LEU C 86 -28.08 3.43 -20.07
C LEU C 86 -28.82 3.10 -21.36
N ARG C 87 -28.05 2.70 -22.38
CA ARG C 87 -28.58 2.35 -23.69
C ARG C 87 -28.05 0.99 -24.10
N ALA C 88 -28.72 0.36 -25.08
CA ALA C 88 -28.29 -0.94 -25.59
C ALA C 88 -26.81 -0.94 -25.95
N GLU C 89 -26.31 0.14 -26.57
CA GLU C 89 -24.89 0.24 -26.92
C GLU C 89 -23.92 0.35 -25.74
N ASP C 90 -24.43 0.62 -24.53
CA ASP C 90 -23.59 0.58 -23.34
C ASP C 90 -23.31 -0.84 -22.87
N THR C 91 -24.02 -1.82 -23.43
CA THR C 91 -23.78 -3.21 -23.11
C THR C 91 -22.31 -3.56 -23.41
N ALA C 92 -21.59 -3.97 -22.37
CA ALA C 92 -20.17 -4.34 -22.47
C ALA C 92 -19.66 -4.96 -21.18
N VAL C 93 -18.49 -5.61 -21.27
CA VAL C 93 -17.66 -5.89 -20.10
C VAL C 93 -16.86 -4.63 -19.79
N TYR C 94 -16.89 -4.21 -18.53
CA TYR C 94 -16.27 -2.97 -18.08
C TYR C 94 -15.06 -3.30 -17.21
N TYR C 95 -13.87 -2.96 -17.71
CA TYR C 95 -12.61 -3.23 -17.03
C TYR C 95 -12.13 -2.02 -16.23
N CYS C 96 -11.57 -2.28 -15.06
CA CYS C 96 -10.93 -1.28 -14.21
C CYS C 96 -9.43 -1.44 -14.38
N ALA C 97 -8.72 -0.32 -14.55
CA ALA C 97 -7.34 -0.36 -15.00
C ALA C 97 -6.44 0.62 -14.26
N LYS C 98 -5.28 0.14 -13.82
CA LYS C 98 -4.27 0.99 -13.18
C LYS C 98 -3.37 1.54 -14.28
N ASP C 99 -3.24 2.85 -14.35
CA ASP C 99 -2.52 3.48 -15.45
C ASP C 99 -1.06 3.77 -15.12
N LEU C 100 -0.25 3.81 -16.17
CA LEU C 100 1.18 4.14 -16.08
C LEU C 100 1.36 5.63 -15.83
N ARG C 101 0.52 6.42 -16.47
CA ARG C 101 0.35 7.84 -16.21
C ARG C 101 -1.09 8.20 -16.55
N LEU C 102 -1.49 9.42 -16.19
CA LEU C 102 -2.81 9.90 -16.60
C LEU C 102 -2.83 10.07 -18.12
N GLY C 103 -3.68 9.27 -18.77
CA GLY C 103 -3.77 9.26 -20.23
C GLY C 103 -2.87 8.28 -20.96
N GLY C 104 -1.92 7.68 -20.24
CA GLY C 104 -1.00 6.71 -20.84
C GLY C 104 -1.58 5.32 -20.75
N GLY C 105 -0.73 4.33 -20.98
CA GLY C 105 -1.15 2.94 -21.02
C GLY C 105 -1.55 2.40 -19.66
N SER C 106 -2.32 1.31 -19.67
CA SER C 106 -2.79 0.67 -18.45
C SER C 106 -2.02 -0.63 -18.24
N ASP C 107 -1.29 -0.73 -17.14
CA ASP C 107 -0.37 -1.85 -16.91
C ASP C 107 -0.95 -2.99 -16.07
N TYR C 108 -2.10 -2.78 -15.45
CA TYR C 108 -2.83 -3.88 -14.83
C TYR C 108 -4.33 -3.63 -14.98
N TRP C 109 -5.05 -4.69 -15.34
CA TRP C 109 -6.48 -4.64 -15.60
C TRP C 109 -7.13 -5.66 -14.69
N GLY C 110 -8.36 -5.40 -14.31
CA GLY C 110 -9.15 -6.36 -13.55
C GLY C 110 -9.77 -7.33 -14.51
N GLN C 111 -10.51 -8.31 -13.99
CA GLN C 111 -11.17 -9.29 -14.85
C GLN C 111 -12.45 -8.75 -15.50
N GLY C 112 -12.79 -7.50 -15.20
CA GLY C 112 -13.97 -6.87 -15.75
C GLY C 112 -15.27 -7.37 -15.14
N THR C 113 -16.31 -6.57 -15.25
CA THR C 113 -17.66 -6.99 -14.88
C THR C 113 -18.57 -6.68 -16.06
N LEU C 114 -19.55 -7.54 -16.27
CA LEU C 114 -20.43 -7.43 -17.42
C LEU C 114 -21.66 -6.60 -17.07
N VAL C 115 -21.94 -5.58 -17.88
CA VAL C 115 -23.18 -4.81 -17.80
C VAL C 115 -24.00 -5.12 -19.06
N THR C 116 -25.19 -5.66 -18.87
CA THR C 116 -26.08 -6.00 -19.99
C THR C 116 -27.27 -5.07 -20.00
N VAL C 117 -27.27 -4.13 -20.95
CA VAL C 117 -28.40 -3.23 -21.12
C VAL C 117 -29.35 -3.84 -22.15
N SER C 118 -30.45 -4.40 -21.66
CA SER C 118 -31.42 -5.08 -22.52
C SER C 118 -32.82 -4.94 -21.94
N SER C 119 -33.71 -4.31 -22.72
CA SER C 119 -35.15 -4.27 -22.41
C SER C 119 -35.74 -5.60 -22.87
N ALA C 120 -35.53 -6.63 -22.06
CA ALA C 120 -36.04 -7.95 -22.39
C ALA C 120 -36.34 -8.74 -21.14
N SER C 121 -37.12 -9.79 -21.33
CA SER C 121 -37.77 -10.49 -20.25
C SER C 121 -37.38 -11.95 -20.28
N THR C 122 -37.43 -12.59 -19.12
CA THR C 122 -37.21 -14.03 -19.03
C THR C 122 -38.31 -14.75 -19.83
N LYS C 123 -37.92 -15.84 -20.48
CA LYS C 123 -38.81 -16.59 -21.36
C LYS C 123 -38.23 -17.97 -21.63
N GLY C 124 -39.11 -18.97 -21.71
CA GLY C 124 -38.72 -20.30 -22.18
C GLY C 124 -38.54 -20.25 -23.70
N PRO C 125 -37.86 -21.26 -24.27
CA PRO C 125 -37.70 -21.29 -25.72
C PRO C 125 -38.92 -21.85 -26.46
N SER C 126 -38.97 -21.61 -27.77
CA SER C 126 -39.92 -22.23 -28.66
C SER C 126 -39.19 -23.39 -29.32
N VAL C 127 -39.71 -24.58 -29.09
CA VAL C 127 -38.98 -25.80 -29.34
C VAL C 127 -39.58 -26.42 -30.61
N PHE C 128 -38.77 -26.64 -31.64
CA PHE C 128 -39.25 -27.17 -32.94
C PHE C 128 -38.31 -28.22 -33.54
N PRO C 129 -38.86 -29.30 -34.14
CA PRO C 129 -37.98 -30.34 -34.71
C PRO C 129 -37.45 -30.06 -36.13
N LEU C 130 -36.17 -30.35 -36.35
CA LEU C 130 -35.54 -30.19 -37.67
C LEU C 130 -35.29 -31.56 -38.29
N ALA C 131 -36.09 -31.92 -39.29
CA ALA C 131 -36.21 -33.30 -39.77
C ALA C 131 -35.16 -33.73 -40.82
N PRO C 132 -34.92 -35.06 -40.94
CA PRO C 132 -34.07 -35.56 -42.02
C PRO C 132 -34.77 -35.54 -43.39
N SER C 133 -33.99 -35.36 -44.46
CA SER C 133 -34.51 -35.45 -45.84
C SER C 133 -34.76 -36.92 -46.20
N THR C 141 -24.71 -40.42 -43.96
CA THR C 141 -25.89 -40.18 -44.80
C THR C 141 -27.11 -39.80 -43.95
N ALA C 142 -27.65 -38.60 -44.22
CA ALA C 142 -28.75 -37.92 -43.46
C ALA C 142 -28.28 -37.26 -42.15
N ALA C 143 -28.82 -36.08 -41.88
CA ALA C 143 -28.56 -35.33 -40.63
C ALA C 143 -29.87 -34.77 -40.11
N LEU C 144 -30.04 -34.80 -38.79
CA LEU C 144 -31.26 -34.30 -38.13
C LEU C 144 -30.86 -33.33 -37.04
N GLY C 145 -31.84 -32.65 -36.47
CA GLY C 145 -31.56 -31.65 -35.45
C GLY C 145 -32.82 -31.02 -34.91
N CYS C 146 -32.66 -29.94 -34.13
CA CYS C 146 -33.76 -29.46 -33.30
C CYS C 146 -33.53 -28.04 -32.74
N LEU C 147 -34.52 -27.17 -32.93
CA LEU C 147 -34.39 -25.71 -32.87
C LEU C 147 -34.91 -25.10 -31.55
N VAL C 148 -34.02 -24.39 -30.86
CA VAL C 148 -34.34 -23.72 -29.60
C VAL C 148 -34.43 -22.21 -29.88
N LYS C 149 -35.64 -21.67 -29.96
CA LYS C 149 -35.85 -20.30 -30.47
C LYS C 149 -36.43 -19.35 -29.40
N ASP C 150 -35.89 -18.12 -29.36
CA ASP C 150 -36.42 -17.03 -28.53
C ASP C 150 -36.49 -17.35 -27.02
N TYR C 151 -35.33 -17.30 -26.39
CA TYR C 151 -35.20 -17.41 -24.93
C TYR C 151 -34.24 -16.32 -24.42
N PHE C 152 -34.26 -16.11 -23.10
CA PHE C 152 -33.41 -15.11 -22.43
C PHE C 152 -33.52 -15.30 -20.90
N PRO C 153 -32.42 -15.38 -20.14
CA PRO C 153 -31.04 -15.43 -20.64
C PRO C 153 -30.38 -16.78 -20.77
N GLU C 154 -29.27 -16.74 -21.49
CA GLU C 154 -28.27 -17.80 -21.55
C GLU C 154 -28.09 -18.36 -20.14
N PRO C 155 -27.78 -19.66 -19.99
CA PRO C 155 -27.59 -20.61 -21.08
C PRO C 155 -28.82 -21.50 -21.28
N VAL C 156 -28.65 -22.61 -22.00
CA VAL C 156 -29.59 -23.74 -22.02
C VAL C 156 -28.77 -25.04 -22.05
N THR C 157 -29.20 -26.05 -21.31
CA THR C 157 -28.64 -27.41 -21.39
C THR C 157 -29.58 -28.31 -22.18
N VAL C 158 -29.01 -29.08 -23.11
CA VAL C 158 -29.78 -29.94 -24.02
C VAL C 158 -29.00 -31.23 -24.26
N SER C 159 -29.65 -32.38 -24.08
CA SER C 159 -29.05 -33.67 -24.42
C SER C 159 -29.86 -34.35 -25.52
N TRP C 160 -29.57 -35.63 -25.77
CA TRP C 160 -30.28 -36.43 -26.76
C TRP C 160 -30.41 -37.85 -26.23
N ASN C 161 -31.65 -38.37 -26.24
CA ASN C 161 -32.01 -39.66 -25.61
C ASN C 161 -31.43 -39.85 -24.22
N SER C 162 -31.98 -39.13 -23.24
CA SER C 162 -31.57 -39.20 -21.84
C SER C 162 -30.06 -38.94 -21.69
N GLY C 163 -29.52 -38.13 -22.61
CA GLY C 163 -28.08 -37.97 -22.79
C GLY C 163 -27.29 -39.21 -23.23
N ALA C 164 -27.98 -40.30 -23.60
CA ALA C 164 -27.31 -41.55 -23.96
C ALA C 164 -26.63 -41.44 -25.32
N LEU C 165 -27.38 -41.01 -26.34
CA LEU C 165 -26.80 -40.78 -27.68
C LEU C 165 -25.83 -39.59 -27.67
N THR C 166 -24.67 -39.77 -28.30
CA THR C 166 -23.77 -38.65 -28.66
C THR C 166 -22.80 -38.97 -29.82
N SER C 167 -22.99 -40.08 -30.55
CA SER C 167 -22.02 -40.56 -31.56
C SER C 167 -21.58 -39.50 -32.57
N GLY C 168 -22.46 -38.54 -32.84
CA GLY C 168 -22.10 -37.36 -33.62
C GLY C 168 -23.08 -36.20 -33.43
N VAL C 169 -23.25 -35.79 -32.18
CA VAL C 169 -24.03 -34.58 -31.86
C VAL C 169 -23.16 -33.35 -32.14
N HIS C 170 -23.81 -32.22 -32.34
CA HIS C 170 -23.12 -30.92 -32.40
C HIS C 170 -24.08 -29.80 -32.04
N THR C 171 -24.21 -29.53 -30.75
CA THR C 171 -25.03 -28.40 -30.27
C THR C 171 -24.22 -27.11 -30.47
N PHE C 172 -24.73 -26.26 -31.35
CA PHE C 172 -24.02 -25.10 -31.91
C PHE C 172 -23.82 -23.96 -30.88
N PRO C 173 -23.29 -22.78 -31.33
CA PRO C 173 -23.32 -21.62 -30.46
C PRO C 173 -24.57 -20.76 -30.63
N ALA C 174 -25.00 -20.13 -29.53
CA ALA C 174 -26.24 -19.38 -29.45
C ALA C 174 -26.14 -18.08 -30.25
N VAL C 175 -27.30 -17.58 -30.66
CA VAL C 175 -27.41 -16.37 -31.46
C VAL C 175 -28.26 -15.37 -30.69
N LEU C 176 -27.74 -14.17 -30.43
CA LEU C 176 -28.56 -13.06 -29.97
C LEU C 176 -29.15 -12.40 -31.19
N GLN C 177 -30.48 -12.33 -31.25
CA GLN C 177 -31.19 -11.73 -32.37
C GLN C 177 -31.29 -10.22 -32.19
N SER C 178 -31.50 -9.50 -33.28
CA SER C 178 -31.80 -8.05 -33.22
C SER C 178 -33.22 -7.84 -32.66
N SER C 179 -33.40 -8.37 -31.46
CA SER C 179 -34.64 -8.36 -30.71
C SER C 179 -34.37 -8.96 -29.31
N GLY C 180 -33.21 -8.62 -28.74
CA GLY C 180 -32.68 -9.15 -27.46
C GLY C 180 -32.94 -10.58 -26.99
N LEU C 181 -33.15 -11.51 -27.92
CA LEU C 181 -33.46 -12.90 -27.57
C LEU C 181 -32.48 -13.86 -28.19
N TYR C 182 -32.07 -14.86 -27.42
CA TYR C 182 -31.13 -15.86 -27.90
C TYR C 182 -31.88 -17.01 -28.58
N SER C 183 -31.21 -17.68 -29.51
CA SER C 183 -31.81 -18.76 -30.28
C SER C 183 -30.74 -19.72 -30.80
N LEU C 184 -30.66 -20.91 -30.19
CA LEU C 184 -29.68 -21.92 -30.53
C LEU C 184 -30.36 -23.08 -31.25
N SER C 185 -29.62 -23.81 -32.09
CA SER C 185 -30.07 -25.11 -32.57
C SER C 185 -29.10 -26.23 -32.24
N SER C 186 -29.62 -27.45 -32.24
CA SER C 186 -28.87 -28.67 -31.97
C SER C 186 -28.94 -29.56 -33.23
N VAL C 187 -27.96 -30.45 -33.42
CA VAL C 187 -27.89 -31.32 -34.60
C VAL C 187 -27.05 -32.57 -34.33
N VAL C 188 -27.63 -33.74 -34.59
CA VAL C 188 -26.94 -35.03 -34.45
C VAL C 188 -26.96 -35.75 -35.81
N THR C 189 -25.87 -36.46 -36.12
CA THR C 189 -25.75 -37.22 -37.36
C THR C 189 -26.30 -38.63 -37.17
N VAL C 190 -26.74 -39.23 -38.27
CA VAL C 190 -27.30 -40.57 -38.25
C VAL C 190 -27.09 -41.20 -39.63
N PRO C 191 -27.08 -42.55 -39.73
CA PRO C 191 -27.15 -43.16 -41.07
C PRO C 191 -28.59 -43.31 -41.57
N SER C 192 -28.82 -43.01 -42.86
CA SER C 192 -30.17 -43.04 -43.45
C SER C 192 -30.89 -44.40 -43.48
N SER C 193 -30.57 -45.28 -42.53
CA SER C 193 -31.24 -46.56 -42.34
C SER C 193 -31.65 -46.76 -40.86
N SER C 194 -31.91 -45.65 -40.17
CA SER C 194 -32.42 -45.65 -38.78
C SER C 194 -33.86 -45.12 -38.76
N LEU C 195 -34.04 -43.95 -39.40
CA LEU C 195 -35.32 -43.41 -39.89
C LEU C 195 -36.59 -44.26 -39.60
N GLY C 196 -37.41 -43.80 -38.66
CA GLY C 196 -38.72 -44.41 -38.40
C GLY C 196 -38.74 -45.67 -37.54
N THR C 197 -37.65 -46.43 -37.52
CA THR C 197 -37.51 -47.59 -36.63
C THR C 197 -37.08 -47.12 -35.26
N GLN C 198 -35.93 -46.45 -35.20
CA GLN C 198 -35.38 -45.91 -33.94
C GLN C 198 -35.98 -44.54 -33.65
N THR C 199 -36.26 -44.29 -32.36
CA THR C 199 -36.65 -42.97 -31.89
C THR C 199 -35.43 -42.21 -31.37
N TYR C 200 -35.46 -40.90 -31.57
CA TYR C 200 -34.60 -39.97 -30.83
C TYR C 200 -35.48 -39.10 -29.97
N ILE C 201 -34.84 -38.29 -29.13
CA ILE C 201 -35.47 -37.18 -28.40
C ILE C 201 -34.38 -36.10 -28.31
N CYS C 202 -34.75 -34.86 -28.02
CA CYS C 202 -33.75 -33.85 -27.63
C CYS C 202 -34.33 -32.95 -26.54
N ASN C 203 -34.39 -33.53 -25.34
CA ASN C 203 -34.66 -32.81 -24.10
C ASN C 203 -33.94 -31.45 -24.01
N VAL C 204 -34.70 -30.36 -24.02
CA VAL C 204 -34.14 -29.02 -23.76
C VAL C 204 -34.73 -28.50 -22.45
N ASN C 205 -33.88 -27.85 -21.64
CA ASN C 205 -34.32 -27.20 -20.40
C ASN C 205 -33.75 -25.80 -20.26
N HIS C 206 -34.60 -24.89 -19.81
CA HIS C 206 -34.23 -23.50 -19.55
C HIS C 206 -34.41 -23.20 -18.05
N LYS C 207 -33.49 -23.70 -17.23
CA LYS C 207 -33.47 -23.44 -15.76
C LYS C 207 -33.68 -21.96 -15.39
N PRO C 208 -33.05 -21.02 -16.13
CA PRO C 208 -33.43 -19.60 -16.11
C PRO C 208 -34.95 -19.32 -15.97
N SER C 209 -35.78 -20.24 -16.45
CA SER C 209 -37.22 -20.30 -16.14
C SER C 209 -37.67 -21.56 -15.37
N ASN C 210 -37.12 -22.71 -15.75
CA ASN C 210 -37.56 -24.09 -15.43
C ASN C 210 -38.37 -24.71 -16.60
N THR C 211 -38.54 -23.95 -17.68
CA THR C 211 -39.27 -24.40 -18.87
C THR C 211 -38.53 -25.57 -19.53
N LYS C 212 -39.24 -26.69 -19.66
CA LYS C 212 -38.70 -27.95 -20.20
C LYS C 212 -39.63 -28.48 -21.29
N VAL C 213 -39.05 -28.98 -22.38
CA VAL C 213 -39.79 -29.70 -23.43
C VAL C 213 -38.95 -30.89 -23.92
N ASP C 214 -39.47 -32.11 -23.74
CA ASP C 214 -38.80 -33.34 -24.20
C ASP C 214 -39.46 -33.79 -25.50
N LYS C 215 -39.16 -33.07 -26.58
CA LYS C 215 -39.84 -33.25 -27.88
C LYS C 215 -39.33 -34.43 -28.70
N ARG C 216 -39.89 -34.59 -29.90
CA ARG C 216 -39.39 -35.55 -30.88
C ARG C 216 -39.23 -34.90 -32.27
N VAL C 217 -38.18 -35.34 -32.98
CA VAL C 217 -37.94 -35.03 -34.41
C VAL C 217 -38.08 -36.31 -35.24
N GLU C 218 -38.97 -36.31 -36.23
CA GLU C 218 -39.12 -37.45 -37.15
C GLU C 218 -39.23 -36.98 -38.61
N PRO C 219 -38.91 -37.86 -39.58
CA PRO C 219 -38.96 -37.48 -41.01
C PRO C 219 -40.34 -37.05 -41.52
N SER D 2 -13.05 3.34 -34.03
CA SER D 2 -11.60 3.19 -33.67
C SER D 2 -10.72 4.16 -34.48
N ALA D 3 -10.39 5.32 -33.90
CA ALA D 3 -9.60 6.35 -34.61
C ALA D 3 -8.11 5.96 -34.85
N LEU D 4 -7.72 4.77 -34.40
CA LEU D 4 -6.52 4.08 -34.87
C LEU D 4 -6.91 2.85 -35.72
N THR D 5 -6.23 2.68 -36.85
CA THR D 5 -6.52 1.61 -37.80
C THR D 5 -5.50 0.48 -37.68
N GLN D 6 -5.95 -0.70 -37.28
CA GLN D 6 -5.15 -1.93 -37.38
C GLN D 6 -5.80 -2.86 -38.38
N PRO D 7 -5.02 -3.75 -39.03
CA PRO D 7 -5.62 -4.76 -39.89
C PRO D 7 -6.47 -5.75 -39.08
N ALA D 8 -7.59 -6.18 -39.66
CA ALA D 8 -8.56 -7.05 -38.97
C ALA D 8 -7.91 -8.33 -38.49
N SER D 9 -7.13 -8.97 -39.37
CA SER D 9 -6.40 -10.17 -39.02
C SER D 9 -5.02 -10.18 -39.65
N VAL D 10 -4.11 -10.88 -38.99
CA VAL D 10 -2.76 -11.14 -39.47
C VAL D 10 -2.39 -12.58 -39.14
N SER D 11 -1.74 -13.27 -40.07
CA SER D 11 -1.29 -14.65 -39.88
C SER D 11 0.20 -14.78 -40.10
N GLY D 12 0.76 -15.89 -39.66
CA GLY D 12 2.19 -16.15 -39.83
C GLY D 12 2.56 -17.57 -39.45
N SER D 13 3.64 -18.07 -40.06
CA SER D 13 4.08 -19.43 -39.78
C SER D 13 4.84 -19.50 -38.45
N PRO D 14 4.75 -20.66 -37.74
CA PRO D 14 5.54 -20.85 -36.52
C PRO D 14 7.02 -20.60 -36.75
N GLY D 15 7.66 -19.92 -35.79
CA GLY D 15 9.08 -19.60 -35.86
C GLY D 15 9.41 -18.30 -36.57
N GLN D 16 8.46 -17.75 -37.33
CA GLN D 16 8.70 -16.57 -38.15
C GLN D 16 8.26 -15.32 -37.44
N SER D 17 8.67 -14.18 -37.98
CA SER D 17 8.33 -12.90 -37.38
C SER D 17 7.16 -12.28 -38.11
N ILE D 18 6.26 -11.64 -37.35
CA ILE D 18 5.15 -10.88 -37.93
C ILE D 18 5.13 -9.48 -37.33
N THR D 19 4.51 -8.56 -38.05
CA THR D 19 4.41 -7.16 -37.65
C THR D 19 2.97 -6.68 -37.81
N ILE D 20 2.33 -6.35 -36.68
CA ILE D 20 1.00 -5.74 -36.70
C ILE D 20 1.18 -4.22 -36.67
N SER D 21 0.51 -3.52 -37.58
CA SER D 21 0.66 -2.07 -37.71
C SER D 21 -0.54 -1.34 -37.12
N CYS D 22 -0.28 -0.13 -36.61
CA CYS D 22 -1.29 0.71 -35.98
C CYS D 22 -1.12 2.11 -36.53
N THR D 23 -2.08 2.56 -37.35
CA THR D 23 -2.00 3.85 -38.04
C THR D 23 -3.04 4.83 -37.45
N GLY D 24 -2.55 6.00 -37.04
CA GLY D 24 -3.38 7.07 -36.48
C GLY D 24 -3.15 8.41 -37.15
N THR D 25 -3.65 9.47 -36.52
CA THR D 25 -3.47 10.84 -37.01
C THR D 25 -2.20 11.43 -36.43
N SER D 26 -1.87 12.65 -36.84
CA SER D 26 -0.73 13.39 -36.30
C SER D 26 -0.97 13.96 -34.90
N SER D 27 -2.25 14.10 -34.51
CA SER D 27 -2.62 14.63 -33.19
C SER D 27 -2.72 13.53 -32.12
N ASP D 28 -2.34 12.30 -32.45
CA ASP D 28 -2.14 11.24 -31.45
C ASP D 28 -0.77 10.57 -31.62
N VAL D 29 -0.66 9.56 -32.47
CA VAL D 29 0.58 8.76 -32.56
C VAL D 29 1.76 9.64 -33.00
N GLY D 30 1.50 10.65 -33.83
CA GLY D 30 2.52 11.57 -34.30
C GLY D 30 2.82 12.74 -33.37
N SER D 31 2.01 12.89 -32.32
CA SER D 31 2.24 13.92 -31.30
C SER D 31 2.74 13.37 -29.96
N TYR D 32 2.63 12.06 -29.74
CA TYR D 32 2.92 11.48 -28.43
C TYR D 32 3.67 10.16 -28.54
N ASN D 33 4.57 9.91 -27.59
CA ASN D 33 5.25 8.61 -27.45
C ASN D 33 4.59 7.75 -26.36
N PHE D 34 3.25 7.72 -26.37
CA PHE D 34 2.47 6.94 -25.41
C PHE D 34 1.62 5.87 -26.11
N VAL D 35 2.28 5.16 -27.02
CA VAL D 35 1.67 4.06 -27.75
C VAL D 35 1.83 2.79 -26.91
N SER D 36 0.70 2.16 -26.59
CA SER D 36 0.68 0.94 -25.80
C SER D 36 0.16 -0.18 -26.68
N TRP D 37 0.48 -1.40 -26.30
CA TRP D 37 0.05 -2.60 -27.02
C TRP D 37 -0.45 -3.62 -26.03
N TYR D 38 -1.58 -4.24 -26.35
CA TYR D 38 -2.23 -5.18 -25.44
C TYR D 38 -2.54 -6.49 -26.13
N GLN D 39 -2.46 -7.58 -25.36
CA GLN D 39 -2.78 -8.93 -25.80
C GLN D 39 -4.05 -9.36 -25.08
N GLN D 40 -4.97 -9.99 -25.82
CA GLN D 40 -6.20 -10.55 -25.24
C GLN D 40 -6.53 -11.93 -25.81
N HIS D 41 -6.29 -12.98 -25.02
CA HIS D 41 -6.79 -14.33 -25.31
C HIS D 41 -8.29 -14.40 -24.98
N PRO D 42 -9.00 -15.46 -25.45
CA PRO D 42 -10.46 -15.50 -25.23
C PRO D 42 -10.85 -15.43 -23.75
N GLY D 43 -11.79 -14.54 -23.43
CA GLY D 43 -12.37 -14.44 -22.09
C GLY D 43 -11.47 -13.99 -20.95
N LYS D 44 -10.36 -13.35 -21.27
CA LYS D 44 -9.40 -12.91 -20.25
C LYS D 44 -9.10 -11.43 -20.37
N ALA D 45 -8.52 -10.89 -19.31
CA ALA D 45 -8.19 -9.47 -19.26
C ALA D 45 -7.15 -9.15 -20.32
N PRO D 46 -7.21 -7.94 -20.90
CA PRO D 46 -6.10 -7.49 -21.73
C PRO D 46 -4.80 -7.39 -20.94
N LYS D 47 -3.69 -7.50 -21.65
CA LYS D 47 -2.38 -7.59 -21.01
C LYS D 47 -1.38 -6.72 -21.74
N LEU D 48 -0.72 -5.82 -21.02
CA LEU D 48 0.22 -4.87 -21.60
C LEU D 48 1.46 -5.60 -22.05
N MET D 49 1.74 -5.53 -23.35
CA MET D 49 2.94 -6.11 -23.93
C MET D 49 3.99 -5.04 -24.13
N ILE D 50 3.55 -3.90 -24.68
CA ILE D 50 4.42 -2.76 -24.89
C ILE D 50 3.74 -1.53 -24.28
N TYR D 51 4.55 -0.63 -23.71
CA TYR D 51 4.10 0.70 -23.34
C TYR D 51 5.15 1.73 -23.73
N GLU D 52 4.71 2.98 -23.87
CA GLU D 52 5.55 4.06 -24.36
C GLU D 52 6.33 3.63 -25.60
N VAL D 53 5.57 3.27 -26.63
CA VAL D 53 6.08 2.95 -27.98
C VAL D 53 6.85 1.64 -28.04
N SER D 54 7.91 1.51 -27.23
CA SER D 54 8.81 0.39 -27.34
C SER D 54 9.35 -0.18 -26.03
N GLU D 55 8.72 0.10 -24.89
CA GLU D 55 9.15 -0.48 -23.61
C GLU D 55 8.35 -1.72 -23.28
N ARG D 56 8.99 -2.64 -22.59
CA ARG D 56 8.45 -3.96 -22.36
C ARG D 56 8.41 -4.23 -20.85
N PRO D 57 7.21 -4.36 -20.26
CA PRO D 57 7.13 -4.64 -18.82
C PRO D 57 7.88 -5.90 -18.41
N SER D 58 8.17 -6.01 -17.13
CA SER D 58 8.94 -7.15 -16.60
C SER D 58 8.15 -8.44 -16.79
N GLY D 59 8.84 -9.47 -17.27
CA GLY D 59 8.23 -10.77 -17.49
C GLY D 59 7.36 -10.84 -18.73
N ILE D 60 7.65 -9.99 -19.71
CA ILE D 60 7.05 -10.06 -21.03
C ILE D 60 8.15 -10.53 -21.96
N SER D 61 7.82 -11.45 -22.86
CA SER D 61 8.82 -12.08 -23.72
C SER D 61 9.51 -11.03 -24.57
N ASN D 62 10.84 -11.14 -24.66
CA ASN D 62 11.66 -10.27 -25.52
C ASN D 62 11.37 -10.41 -27.02
N ARG D 63 10.49 -11.35 -27.38
CA ARG D 63 10.04 -11.49 -28.75
C ARG D 63 9.12 -10.35 -29.19
N PHE D 64 8.40 -9.76 -28.24
CA PHE D 64 7.57 -8.58 -28.49
C PHE D 64 8.40 -7.30 -28.40
N SER D 65 8.11 -6.37 -29.30
CA SER D 65 8.87 -5.13 -29.42
C SER D 65 8.07 -4.13 -30.24
N GLY D 66 8.04 -2.89 -29.77
CA GLY D 66 7.30 -1.83 -30.44
C GLY D 66 8.22 -0.83 -31.12
N SER D 67 7.65 -0.10 -32.07
CA SER D 67 8.38 0.93 -32.84
C SER D 67 7.40 1.89 -33.48
N LYS D 68 7.88 3.09 -33.78
CA LYS D 68 7.04 4.14 -34.35
C LYS D 68 7.74 4.80 -35.52
N SER D 69 6.93 5.24 -36.48
CA SER D 69 7.41 6.00 -37.62
C SER D 69 6.27 6.86 -38.10
N GLY D 70 6.41 8.18 -37.98
CA GLY D 70 5.37 9.13 -38.34
C GLY D 70 4.16 8.90 -37.47
N ASN D 71 3.01 8.65 -38.12
CA ASN D 71 1.76 8.40 -37.42
C ASN D 71 1.46 6.90 -37.27
N THR D 72 2.41 6.04 -37.63
CA THR D 72 2.21 4.59 -37.62
C THR D 72 3.12 3.92 -36.60
N ALA D 73 2.52 3.09 -35.75
CA ALA D 73 3.25 2.30 -34.77
C ALA D 73 3.15 0.84 -35.12
N SER D 74 4.23 0.10 -34.93
CA SER D 74 4.29 -1.31 -35.29
C SER D 74 4.62 -2.18 -34.10
N LEU D 75 3.79 -3.20 -33.86
CA LEU D 75 4.13 -4.31 -32.95
C LEU D 75 4.75 -5.42 -33.77
N THR D 76 5.80 -6.05 -33.24
CA THR D 76 6.52 -7.10 -33.94
C THR D 76 6.77 -8.28 -33.02
N ILE D 77 6.25 -9.45 -33.40
CA ILE D 77 6.47 -10.69 -32.66
C ILE D 77 7.39 -11.57 -33.49
N SER D 78 8.59 -11.84 -32.98
CA SER D 78 9.52 -12.80 -33.60
C SER D 78 9.28 -14.18 -33.00
N GLY D 79 9.88 -15.20 -33.60
CA GLY D 79 9.76 -16.58 -33.10
C GLY D 79 8.34 -16.98 -32.76
N LEU D 80 7.44 -16.70 -33.70
CA LEU D 80 6.00 -16.83 -33.47
C LEU D 80 5.64 -18.23 -32.99
N GLN D 81 4.89 -18.31 -31.88
CA GLN D 81 4.49 -19.57 -31.27
C GLN D 81 2.98 -19.76 -31.33
N ALA D 82 2.56 -20.99 -31.07
CA ALA D 82 1.14 -21.39 -31.12
C ALA D 82 0.28 -20.55 -30.18
N GLU D 83 0.78 -20.37 -28.97
CA GLU D 83 0.13 -19.61 -27.91
C GLU D 83 -0.13 -18.14 -28.23
N ASP D 84 0.70 -17.54 -29.07
CA ASP D 84 0.54 -16.12 -29.46
C ASP D 84 -0.73 -15.84 -30.25
N GLU D 85 -1.46 -16.88 -30.67
CA GLU D 85 -2.74 -16.72 -31.34
C GLU D 85 -3.72 -16.02 -30.39
N ALA D 86 -4.03 -14.75 -30.69
CA ALA D 86 -4.87 -13.92 -29.83
C ALA D 86 -5.25 -12.63 -30.53
N ASP D 87 -6.07 -11.82 -29.87
CA ASP D 87 -6.38 -10.46 -30.31
C ASP D 87 -5.35 -9.48 -29.74
N TYR D 88 -5.05 -8.43 -30.50
CA TYR D 88 -4.08 -7.43 -30.09
C TYR D 88 -4.61 -6.03 -30.38
N TYR D 89 -4.56 -5.15 -29.39
CA TYR D 89 -5.01 -3.77 -29.57
C TYR D 89 -3.88 -2.80 -29.30
N CYS D 90 -3.78 -1.78 -30.15
CA CYS D 90 -2.89 -0.65 -29.93
C CYS D 90 -3.68 0.47 -29.27
N SER D 91 -2.98 1.48 -28.77
CA SER D 91 -3.62 2.57 -28.06
C SER D 91 -2.67 3.74 -27.96
N SER D 92 -3.18 4.96 -28.09
CA SER D 92 -2.36 6.16 -27.88
C SER D 92 -3.13 7.25 -27.17
N TYR D 93 -2.37 8.13 -26.53
CA TYR D 93 -2.91 9.36 -26.00
C TYR D 93 -3.20 10.26 -27.20
N ALA D 94 -4.26 11.07 -27.09
CA ALA D 94 -4.76 11.86 -28.21
C ALA D 94 -5.25 13.26 -27.80
N GLY D 95 -4.51 13.90 -26.90
CA GLY D 95 -4.88 15.24 -26.40
C GLY D 95 -5.98 15.16 -25.36
N SER D 96 -6.33 16.30 -24.79
CA SER D 96 -7.17 16.33 -23.60
C SER D 96 -8.64 15.92 -23.80
N THR D 97 -9.16 16.03 -25.02
CA THR D 97 -10.56 15.77 -25.29
C THR D 97 -10.82 14.34 -25.77
N THR D 98 -10.09 13.92 -26.79
CA THR D 98 -10.11 12.52 -27.25
C THR D 98 -9.58 11.59 -26.15
N PHE D 99 -8.53 12.07 -25.48
CA PHE D 99 -7.88 11.38 -24.37
C PHE D 99 -7.19 10.09 -24.81
N ARG D 100 -7.94 9.01 -25.01
CA ARG D 100 -7.33 7.72 -25.32
C ARG D 100 -8.07 6.95 -26.38
N VAL D 101 -7.35 6.64 -27.46
CA VAL D 101 -7.89 5.92 -28.62
C VAL D 101 -7.33 4.51 -28.61
N PHE D 102 -8.12 3.58 -29.10
CA PHE D 102 -7.70 2.22 -29.30
C PHE D 102 -7.85 1.86 -30.76
N GLY D 103 -7.01 0.95 -31.23
CA GLY D 103 -7.18 0.34 -32.54
C GLY D 103 -8.39 -0.58 -32.57
N GLY D 104 -8.86 -0.85 -33.78
CA GLY D 104 -9.93 -1.83 -33.99
C GLY D 104 -9.61 -3.20 -33.43
N GLY D 105 -8.32 -3.53 -33.34
CA GLY D 105 -7.87 -4.82 -32.85
C GLY D 105 -7.41 -5.67 -34.03
N THR D 106 -6.45 -6.54 -33.78
CA THR D 106 -5.91 -7.44 -34.80
C THR D 106 -5.91 -8.86 -34.28
N LYS D 107 -6.62 -9.74 -35.01
CA LYS D 107 -6.76 -11.14 -34.64
C LYS D 107 -5.60 -11.90 -35.28
N LEU D 108 -4.64 -12.31 -34.45
CA LEU D 108 -3.44 -13.02 -34.91
C LEU D 108 -3.64 -14.51 -34.84
N THR D 109 -3.47 -15.20 -35.97
CA THR D 109 -3.53 -16.67 -36.02
C THR D 109 -2.20 -17.19 -36.55
N VAL D 110 -1.85 -18.42 -36.18
CA VAL D 110 -0.58 -19.00 -36.62
C VAL D 110 -0.84 -20.24 -37.46
N ARG D 111 -0.17 -20.30 -38.61
CA ARG D 111 -0.54 -21.22 -39.67
C ARG D 111 -0.07 -22.64 -39.40
N GLY D 112 -0.50 -23.55 -40.26
CA GLY D 112 -0.12 -24.96 -40.19
C GLY D 112 -1.22 -25.77 -40.84
N GLN D 113 -2.40 -25.76 -40.21
CA GLN D 113 -3.56 -26.49 -40.74
C GLN D 113 -4.03 -25.90 -42.08
N PRO D 114 -4.42 -26.77 -43.04
CA PRO D 114 -4.77 -26.31 -44.39
C PRO D 114 -6.20 -25.82 -44.53
N LYS D 115 -6.50 -25.20 -45.67
CA LYS D 115 -7.85 -24.75 -46.00
C LYS D 115 -8.80 -25.94 -46.08
N ALA D 116 -10.05 -25.73 -45.66
CA ALA D 116 -11.08 -26.75 -45.74
C ALA D 116 -12.48 -26.12 -45.69
N ALA D 117 -13.23 -26.29 -46.77
CA ALA D 117 -14.57 -25.71 -46.92
C ALA D 117 -15.55 -26.30 -45.89
N PRO D 118 -16.56 -25.51 -45.47
CA PRO D 118 -17.51 -25.94 -44.44
C PRO D 118 -18.53 -26.98 -44.89
N SER D 119 -18.90 -27.87 -43.96
CA SER D 119 -19.94 -28.86 -44.19
C SER D 119 -21.31 -28.25 -43.84
N VAL D 120 -21.93 -27.60 -44.83
CA VAL D 120 -23.21 -26.88 -44.66
C VAL D 120 -24.37 -27.86 -44.44
N THR D 121 -25.34 -27.44 -43.63
CA THR D 121 -26.58 -28.20 -43.42
C THR D 121 -27.70 -27.19 -43.19
N LEU D 122 -28.67 -27.15 -44.13
CA LEU D 122 -29.77 -26.21 -44.09
C LEU D 122 -31.10 -26.93 -43.90
N PHE D 123 -31.92 -26.42 -42.97
CA PHE D 123 -33.26 -26.96 -42.75
C PHE D 123 -34.35 -25.91 -43.04
N PRO D 124 -35.55 -26.37 -43.47
CA PRO D 124 -36.68 -25.47 -43.72
C PRO D 124 -37.45 -25.23 -42.42
N PRO D 125 -38.55 -24.44 -42.46
CA PRO D 125 -39.32 -24.30 -41.22
C PRO D 125 -40.07 -25.60 -40.93
N SER D 126 -40.35 -25.85 -39.65
CA SER D 126 -41.15 -27.00 -39.25
C SER D 126 -42.62 -26.60 -39.30
N SER D 127 -43.49 -27.53 -39.70
CA SER D 127 -44.93 -27.29 -39.67
C SER D 127 -45.36 -26.93 -38.25
N GLU D 128 -44.82 -27.63 -37.24
CA GLU D 128 -44.99 -27.24 -35.82
C GLU D 128 -44.74 -25.75 -35.57
N GLU D 129 -43.83 -25.14 -36.34
CA GLU D 129 -43.60 -23.69 -36.34
C GLU D 129 -44.59 -22.88 -37.19
N LEU D 130 -44.98 -23.41 -38.36
CA LEU D 130 -45.98 -22.76 -39.22
C LEU D 130 -47.42 -22.92 -38.67
N GLN D 131 -47.63 -23.88 -37.78
CA GLN D 131 -48.86 -23.96 -36.97
C GLN D 131 -48.95 -22.72 -36.06
N ALA D 132 -47.80 -22.32 -35.52
CA ALA D 132 -47.68 -21.09 -34.74
C ALA D 132 -47.56 -19.80 -35.58
N ASN D 133 -47.68 -19.92 -36.91
CA ASN D 133 -47.78 -18.78 -37.86
C ASN D 133 -46.46 -17.99 -38.07
N LYS D 134 -45.34 -18.67 -37.92
CA LYS D 134 -44.00 -18.09 -38.17
C LYS D 134 -43.13 -19.11 -38.93
N ALA D 135 -41.98 -18.65 -39.42
CA ALA D 135 -41.03 -19.52 -40.12
C ALA D 135 -39.61 -19.00 -39.95
N THR D 136 -38.70 -19.89 -39.56
CA THR D 136 -37.26 -19.58 -39.51
C THR D 136 -36.47 -20.77 -40.07
N LEU D 137 -35.49 -20.46 -40.91
CA LEU D 137 -34.67 -21.47 -41.59
C LEU D 137 -33.31 -21.58 -40.90
N VAL D 138 -32.90 -22.81 -40.58
CA VAL D 138 -31.68 -23.04 -39.81
C VAL D 138 -30.58 -23.45 -40.78
N CYS D 139 -29.64 -22.55 -41.06
CA CYS D 139 -28.47 -22.87 -41.84
C CYS D 139 -27.31 -23.13 -40.89
N LEU D 140 -26.79 -24.35 -40.90
CA LEU D 140 -25.72 -24.76 -39.99
C LEU D 140 -24.40 -24.96 -40.72
N ILE D 141 -23.40 -24.21 -40.27
CA ILE D 141 -22.07 -24.16 -40.87
C ILE D 141 -21.10 -24.80 -39.88
N SER D 142 -20.43 -25.89 -40.27
CA SER D 142 -19.48 -26.56 -39.37
C SER D 142 -18.23 -27.08 -40.08
N ASP D 143 -17.11 -27.03 -39.34
CA ASP D 143 -15.81 -27.58 -39.76
C ASP D 143 -15.21 -26.85 -40.98
N PHE D 144 -14.89 -25.58 -40.81
CA PHE D 144 -14.17 -24.81 -41.84
C PHE D 144 -12.94 -24.11 -41.29
N TYR D 145 -12.00 -23.79 -42.18
CA TYR D 145 -10.79 -23.04 -41.85
C TYR D 145 -10.22 -22.40 -43.13
N PRO D 146 -9.82 -21.12 -43.14
CA PRO D 146 -9.83 -20.18 -41.99
C PRO D 146 -11.22 -19.81 -41.47
N GLY D 147 -11.28 -19.33 -40.22
CA GLY D 147 -12.54 -19.05 -39.53
C GLY D 147 -13.22 -17.75 -39.91
N ALA D 148 -13.77 -17.69 -41.12
CA ALA D 148 -14.46 -16.50 -41.63
C ALA D 148 -15.34 -16.87 -42.81
N VAL D 149 -16.65 -16.74 -42.65
CA VAL D 149 -17.60 -17.06 -43.70
C VAL D 149 -18.40 -15.83 -44.09
N THR D 150 -18.76 -15.76 -45.37
CA THR D 150 -19.75 -14.83 -45.88
C THR D 150 -21.00 -15.67 -46.15
N VAL D 151 -22.12 -15.26 -45.57
CA VAL D 151 -23.39 -15.94 -45.78
C VAL D 151 -24.30 -15.00 -46.58
N ALA D 152 -24.76 -15.49 -47.72
CA ALA D 152 -25.65 -14.74 -48.61
C ALA D 152 -26.92 -15.55 -48.85
N TRP D 153 -28.07 -15.00 -48.46
CA TRP D 153 -29.34 -15.70 -48.56
C TRP D 153 -30.07 -15.28 -49.82
N LYS D 154 -30.78 -16.24 -50.42
CA LYS D 154 -31.58 -15.98 -51.62
C LYS D 154 -33.03 -16.34 -51.39
N ALA D 155 -33.91 -15.60 -52.07
CA ALA D 155 -35.31 -15.94 -52.23
C ALA D 155 -35.51 -16.19 -53.72
N ASP D 156 -35.85 -17.43 -54.08
CA ASP D 156 -35.93 -17.88 -55.47
C ASP D 156 -34.65 -17.60 -56.25
N SER D 157 -34.49 -16.34 -56.65
CA SER D 157 -33.33 -15.86 -57.41
C SER D 157 -32.76 -14.57 -56.84
N SER D 158 -33.63 -13.61 -56.48
CA SER D 158 -33.21 -12.35 -55.84
C SER D 158 -32.73 -12.58 -54.40
N PRO D 159 -31.83 -11.69 -53.88
CA PRO D 159 -31.27 -11.90 -52.55
C PRO D 159 -32.23 -11.44 -51.45
N VAL D 160 -31.82 -11.62 -50.19
CA VAL D 160 -32.57 -11.10 -49.05
C VAL D 160 -31.64 -10.52 -47.98
N LYS D 161 -32.08 -9.40 -47.42
CA LYS D 161 -31.38 -8.64 -46.38
C LYS D 161 -32.02 -8.75 -44.98
N ALA D 162 -33.32 -9.05 -44.95
CA ALA D 162 -34.14 -8.97 -43.73
C ALA D 162 -34.32 -10.34 -43.07
N GLY D 163 -34.63 -10.32 -41.78
CA GLY D 163 -34.75 -11.53 -40.97
C GLY D 163 -33.47 -12.33 -40.78
N VAL D 164 -32.33 -11.81 -41.27
CA VAL D 164 -31.07 -12.56 -41.32
C VAL D 164 -30.33 -12.33 -40.00
N GLU D 165 -29.97 -13.44 -39.34
CA GLU D 165 -29.38 -13.42 -38.01
C GLU D 165 -28.22 -14.43 -37.96
N THR D 166 -27.02 -13.96 -38.32
CA THR D 166 -25.84 -14.82 -38.48
C THR D 166 -24.81 -14.51 -37.39
N THR D 167 -24.11 -15.55 -36.93
CA THR D 167 -23.23 -15.45 -35.75
C THR D 167 -21.76 -15.44 -36.15
N THR D 168 -20.97 -14.68 -35.40
CA THR D 168 -19.53 -14.67 -35.56
C THR D 168 -19.04 -16.09 -35.30
N PRO D 169 -18.15 -16.62 -36.14
CA PRO D 169 -17.80 -18.03 -36.01
C PRO D 169 -16.90 -18.33 -34.81
N SER D 170 -17.40 -19.15 -33.88
CA SER D 170 -16.57 -19.65 -32.78
C SER D 170 -15.89 -20.95 -33.19
N LYS D 171 -14.85 -21.33 -32.46
CA LYS D 171 -14.00 -22.45 -32.82
C LYS D 171 -14.38 -23.73 -32.07
N GLN D 172 -14.23 -24.86 -32.77
CA GLN D 172 -14.65 -26.18 -32.28
C GLN D 172 -13.48 -26.92 -31.59
N SER D 173 -13.81 -27.91 -30.73
CA SER D 173 -12.83 -28.87 -30.15
C SER D 173 -11.91 -29.45 -31.23
N ASN D 174 -12.50 -29.68 -32.39
CA ASN D 174 -11.84 -30.04 -33.64
C ASN D 174 -10.74 -29.04 -34.15
N ASN D 175 -10.65 -27.84 -33.57
CA ASN D 175 -9.75 -26.76 -33.98
C ASN D 175 -10.12 -26.17 -35.36
N LYS D 176 -11.39 -26.27 -35.72
CA LYS D 176 -11.93 -25.59 -36.89
C LYS D 176 -13.18 -24.83 -36.45
N TYR D 177 -13.84 -24.16 -37.37
CA TYR D 177 -14.88 -23.21 -37.02
C TYR D 177 -16.27 -23.68 -37.42
N ALA D 178 -17.24 -23.31 -36.59
CA ALA D 178 -18.66 -23.45 -36.90
C ALA D 178 -19.28 -22.06 -36.98
N ALA D 179 -20.54 -22.01 -37.39
CA ALA D 179 -21.30 -20.75 -37.45
C ALA D 179 -22.80 -21.05 -37.38
N SER D 180 -23.64 -20.09 -37.76
CA SER D 180 -25.09 -20.29 -37.79
C SER D 180 -25.72 -19.10 -38.49
N SER D 181 -26.70 -19.34 -39.36
CA SER D 181 -27.52 -18.26 -39.91
C SER D 181 -29.00 -18.62 -39.83
N TYR D 182 -29.78 -17.67 -39.34
CA TYR D 182 -31.22 -17.84 -39.17
C TYR D 182 -31.92 -16.75 -39.99
N LEU D 183 -32.73 -17.16 -40.95
CA LEU D 183 -33.56 -16.24 -41.75
C LEU D 183 -35.01 -16.39 -41.31
N SER D 184 -35.61 -15.27 -40.90
CA SER D 184 -37.00 -15.25 -40.46
C SER D 184 -37.90 -14.73 -41.58
N LEU D 185 -38.92 -15.53 -41.90
CA LEU D 185 -39.99 -15.13 -42.83
C LEU D 185 -41.32 -15.57 -42.24
N THR D 186 -42.40 -14.94 -42.69
CA THR D 186 -43.74 -15.42 -42.37
C THR D 186 -44.02 -16.61 -43.30
N PRO D 187 -44.92 -17.53 -42.92
CA PRO D 187 -45.32 -18.65 -43.80
C PRO D 187 -45.72 -18.18 -45.19
N GLU D 188 -46.40 -17.04 -45.25
CA GLU D 188 -46.75 -16.34 -46.49
C GLU D 188 -45.61 -16.27 -47.49
N GLN D 189 -44.52 -15.58 -47.14
CA GLN D 189 -43.38 -15.45 -48.05
C GLN D 189 -42.77 -16.82 -48.36
N TRP D 190 -42.69 -17.67 -47.34
CA TRP D 190 -42.16 -19.04 -47.47
C TRP D 190 -42.77 -19.76 -48.68
N LYS D 191 -44.09 -19.83 -48.72
CA LYS D 191 -44.80 -20.46 -49.84
C LYS D 191 -44.60 -19.66 -51.14
N SER D 192 -44.74 -18.33 -51.04
CA SER D 192 -44.61 -17.38 -52.17
C SER D 192 -43.39 -17.51 -53.10
N HIS D 193 -42.42 -18.35 -52.74
CA HIS D 193 -41.23 -18.58 -53.56
C HIS D 193 -41.02 -20.08 -53.84
N ARG D 194 -40.53 -20.39 -55.05
CA ARG D 194 -40.05 -21.72 -55.46
C ARG D 194 -39.03 -22.36 -54.51
N SER D 195 -38.06 -21.56 -54.06
CA SER D 195 -36.90 -22.07 -53.33
C SER D 195 -36.34 -21.01 -52.37
N TYR D 196 -35.42 -21.46 -51.49
CA TYR D 196 -34.62 -20.56 -50.65
C TYR D 196 -33.28 -21.22 -50.40
N SER D 197 -32.21 -20.41 -50.50
CA SER D 197 -30.85 -20.92 -50.44
C SER D 197 -29.95 -20.19 -49.47
N CYS D 198 -29.25 -20.97 -48.66
CA CYS D 198 -28.12 -20.51 -47.89
C CYS D 198 -26.94 -20.62 -48.85
N GLN D 199 -25.98 -19.71 -48.73
CA GLN D 199 -24.88 -19.62 -49.70
C GLN D 199 -23.62 -19.13 -48.99
N VAL D 200 -22.73 -20.08 -48.66
CA VAL D 200 -21.63 -19.83 -47.75
C VAL D 200 -20.34 -19.72 -48.56
N THR D 201 -19.81 -18.50 -48.63
CA THR D 201 -18.56 -18.21 -49.31
C THR D 201 -17.40 -18.35 -48.31
N HIS D 202 -16.40 -19.14 -48.68
CA HIS D 202 -15.27 -19.48 -47.80
C HIS D 202 -13.96 -19.58 -48.59
N GLU D 203 -13.22 -18.46 -48.63
CA GLU D 203 -12.01 -18.34 -49.44
C GLU D 203 -12.32 -18.64 -50.92
N GLY D 204 -13.01 -17.70 -51.57
CA GLY D 204 -13.42 -17.85 -52.96
C GLY D 204 -14.58 -18.80 -53.21
N SER D 205 -14.60 -19.95 -52.52
CA SER D 205 -15.60 -21.01 -52.70
C SER D 205 -17.05 -20.58 -52.45
N THR D 206 -17.99 -21.49 -52.73
CA THR D 206 -19.41 -21.24 -52.45
C THR D 206 -20.16 -22.56 -52.30
N VAL D 207 -20.47 -22.92 -51.06
CA VAL D 207 -21.36 -24.04 -50.78
C VAL D 207 -22.77 -23.47 -50.71
N GLU D 208 -23.71 -24.12 -51.42
CA GLU D 208 -25.08 -23.63 -51.54
C GLU D 208 -26.08 -24.78 -51.36
N LYS D 209 -26.80 -24.76 -50.24
CA LYS D 209 -27.91 -25.69 -50.02
C LYS D 209 -29.23 -24.97 -50.16
N THR D 210 -30.21 -25.63 -50.76
CA THR D 210 -31.51 -25.06 -51.07
C THR D 210 -32.62 -25.90 -50.46
N VAL D 211 -33.66 -25.25 -49.95
CA VAL D 211 -34.85 -25.93 -49.44
C VAL D 211 -36.11 -25.29 -50.03
N ALA D 212 -37.18 -26.07 -50.10
CA ALA D 212 -38.46 -25.63 -50.68
C ALA D 212 -39.62 -26.47 -50.16
N PRO D 213 -40.86 -25.96 -50.31
CA PRO D 213 -42.07 -26.74 -49.98
C PRO D 213 -42.16 -28.10 -50.70
N GLN E 1 9.39 16.06 -46.97
CA GLN E 1 8.45 15.87 -48.12
C GLN E 1 7.30 16.90 -48.09
N VAL E 2 6.28 16.62 -47.27
CA VAL E 2 5.00 17.36 -47.22
C VAL E 2 4.52 17.87 -48.60
N GLN E 3 3.61 17.12 -49.23
CA GLN E 3 3.03 17.52 -50.52
C GLN E 3 1.53 17.31 -50.55
N LEU E 4 0.84 18.19 -51.28
CA LEU E 4 -0.61 18.18 -51.39
C LEU E 4 -1.01 17.93 -52.82
N VAL E 5 -1.98 17.04 -53.03
CA VAL E 5 -2.46 16.70 -54.38
C VAL E 5 -3.97 16.69 -54.41
N GLN E 6 -4.52 17.40 -55.39
CA GLN E 6 -5.94 17.73 -55.43
C GLN E 6 -6.64 16.94 -56.50
N SER E 7 -7.96 16.89 -56.39
CA SER E 7 -8.81 16.19 -57.35
C SER E 7 -8.72 16.80 -58.75
N GLY E 8 -9.33 16.11 -59.71
CA GLY E 8 -9.27 16.52 -61.11
C GLY E 8 -10.10 17.73 -61.45
N ALA E 9 -9.76 18.33 -62.59
CA ALA E 9 -10.52 19.44 -63.20
C ALA E 9 -11.97 19.07 -63.35
N GLU E 10 -12.86 20.04 -63.15
CA GLU E 10 -14.29 19.79 -63.25
C GLU E 10 -15.05 20.92 -63.92
N VAL E 11 -16.21 20.58 -64.48
CA VAL E 11 -17.05 21.48 -65.22
C VAL E 11 -18.42 21.47 -64.57
N LYS E 12 -18.96 22.66 -64.26
CA LYS E 12 -20.21 22.78 -63.50
C LYS E 12 -21.17 23.81 -64.11
N LYS E 13 -22.46 23.51 -64.06
CA LYS E 13 -23.47 24.44 -64.58
C LYS E 13 -23.68 25.53 -63.52
N PRO E 14 -24.15 26.73 -63.93
CA PRO E 14 -24.45 27.75 -62.93
C PRO E 14 -25.55 27.33 -61.95
N GLY E 15 -25.49 27.87 -60.73
CA GLY E 15 -26.40 27.49 -59.66
C GLY E 15 -26.26 26.05 -59.23
N SER E 16 -25.04 25.52 -59.31
CA SER E 16 -24.73 24.15 -58.86
C SER E 16 -23.63 24.20 -57.77
N SER E 17 -23.10 23.03 -57.40
CA SER E 17 -22.17 22.90 -56.27
C SER E 17 -20.98 22.04 -56.65
N VAL E 18 -19.79 22.49 -56.28
CA VAL E 18 -18.55 21.77 -56.57
C VAL E 18 -17.88 21.39 -55.25
N ARG E 19 -17.16 20.27 -55.27
CA ARG E 19 -16.41 19.79 -54.12
C ARG E 19 -15.03 19.37 -54.60
N VAL E 20 -13.99 20.06 -54.14
CA VAL E 20 -12.62 19.72 -54.50
C VAL E 20 -12.02 19.02 -53.31
N SER E 21 -11.13 18.06 -53.54
CA SER E 21 -10.45 17.41 -52.44
C SER E 21 -8.96 17.70 -52.53
N CYS E 22 -8.26 17.53 -51.42
CA CYS E 22 -6.82 17.82 -51.33
C CYS E 22 -6.20 16.86 -50.33
N LYS E 23 -5.40 15.92 -50.84
CA LYS E 23 -4.82 14.85 -50.02
C LYS E 23 -3.38 15.18 -49.66
N ALA E 24 -3.07 15.17 -48.37
CA ALA E 24 -1.74 15.47 -47.85
C ALA E 24 -0.94 14.20 -47.64
N SER E 25 0.37 14.27 -47.82
CA SER E 25 1.25 13.11 -47.65
C SER E 25 2.57 13.53 -47.01
N GLY E 26 3.10 12.64 -46.15
CA GLY E 26 4.41 12.80 -45.54
C GLY E 26 4.65 14.10 -44.81
N GLY E 27 3.85 14.35 -43.77
CA GLY E 27 4.04 15.54 -42.93
C GLY E 27 3.27 15.48 -41.63
N SER E 28 2.53 16.54 -41.35
CA SER E 28 1.55 16.57 -40.27
C SER E 28 0.29 17.18 -40.84
N PHE E 29 -0.87 16.64 -40.47
CA PHE E 29 -2.14 17.10 -41.04
C PHE E 29 -3.01 17.87 -40.03
N SER E 30 -4.10 17.31 -39.52
CA SER E 30 -5.13 18.08 -38.80
C SER E 30 -5.94 19.01 -39.71
N ARG E 31 -7.09 19.46 -39.20
CA ARG E 31 -8.04 20.27 -39.97
C ARG E 31 -7.44 21.61 -40.31
N TYR E 32 -6.70 22.16 -39.35
CA TYR E 32 -6.14 23.51 -39.41
C TYR E 32 -5.18 23.73 -40.57
N THR E 33 -4.42 22.71 -40.93
CA THR E 33 -3.36 22.86 -41.94
C THR E 33 -3.83 23.47 -43.24
N VAL E 34 -4.94 22.98 -43.78
CA VAL E 34 -5.36 23.38 -45.12
C VAL E 34 -6.13 24.69 -45.12
N ASN E 35 -5.62 25.62 -45.92
CA ASN E 35 -6.37 26.81 -46.34
C ASN E 35 -6.66 26.65 -47.81
N TRP E 36 -7.72 27.31 -48.28
CA TRP E 36 -8.10 27.25 -49.69
C TRP E 36 -8.01 28.63 -50.30
N VAL E 37 -7.27 28.73 -51.39
CA VAL E 37 -7.10 29.94 -52.17
C VAL E 37 -7.51 29.66 -53.60
N ARG E 38 -8.01 30.67 -54.30
CA ARG E 38 -8.34 30.53 -55.72
C ARG E 38 -7.74 31.63 -56.58
N GLN E 39 -7.78 31.40 -57.89
CA GLN E 39 -7.30 32.36 -58.86
C GLN E 39 -8.06 32.21 -60.17
N ALA E 40 -8.92 33.17 -60.45
CA ALA E 40 -9.61 33.29 -61.73
C ALA E 40 -8.57 33.50 -62.83
N PRO E 41 -8.90 33.14 -64.08
CA PRO E 41 -7.91 33.06 -65.17
C PRO E 41 -7.14 34.37 -65.48
N GLY E 42 -5.90 34.44 -64.99
CA GLY E 42 -5.03 35.62 -65.20
C GLY E 42 -5.39 36.82 -64.33
N GLN E 43 -6.09 36.56 -63.23
CA GLN E 43 -6.42 37.57 -62.23
C GLN E 43 -5.61 37.22 -60.99
N GLY E 44 -5.76 38.02 -59.94
CA GLY E 44 -5.02 37.82 -58.71
C GLY E 44 -5.45 36.63 -57.85
N LEU E 45 -4.62 36.34 -56.86
CA LEU E 45 -4.95 35.37 -55.84
C LEU E 45 -6.07 35.90 -54.97
N GLU E 46 -6.88 34.98 -54.48
CA GLU E 46 -8.04 35.31 -53.69
C GLU E 46 -8.20 34.24 -52.64
N TRP E 47 -8.00 34.63 -51.37
CA TRP E 47 -8.14 33.72 -50.25
C TRP E 47 -9.63 33.48 -49.94
N MET E 48 -9.93 32.27 -49.45
CA MET E 48 -11.32 31.86 -49.24
C MET E 48 -11.65 31.32 -47.84
N ALA E 49 -10.91 30.30 -47.39
CA ALA E 49 -11.32 29.56 -46.20
C ALA E 49 -10.16 29.00 -45.38
N ARG E 50 -10.36 28.95 -44.07
CA ARG E 50 -9.48 28.25 -43.13
C ARG E 50 -10.30 27.54 -42.07
N PHE E 51 -9.61 26.85 -41.17
CA PHE E 51 -10.24 26.32 -39.98
C PHE E 51 -9.57 26.93 -38.74
N ILE E 52 -10.36 27.61 -37.91
CA ILE E 52 -9.85 28.28 -36.72
C ILE E 52 -9.72 27.25 -35.60
N PRO E 53 -8.50 27.11 -35.02
CA PRO E 53 -8.39 26.20 -33.88
C PRO E 53 -9.11 26.68 -32.60
N ILE E 54 -8.95 25.93 -31.52
CA ILE E 54 -9.68 26.11 -30.25
C ILE E 54 -11.21 26.11 -30.39
N PHE E 55 -11.74 26.99 -31.24
CA PHE E 55 -13.16 27.35 -31.22
C PHE E 55 -14.25 26.37 -31.71
N ASN E 56 -14.00 25.44 -32.62
CA ASN E 56 -12.95 25.50 -33.61
C ASN E 56 -13.76 25.44 -34.89
N MET E 57 -14.04 26.62 -35.43
CA MET E 57 -15.01 26.80 -36.50
C MET E 57 -14.31 27.13 -37.83
N PRO E 58 -15.05 26.98 -38.95
CA PRO E 58 -14.59 27.54 -40.20
C PRO E 58 -14.69 29.05 -40.17
N ASP E 59 -13.70 29.72 -40.74
CA ASP E 59 -13.79 31.15 -41.05
C ASP E 59 -13.57 31.33 -42.53
N TYR E 60 -14.50 32.04 -43.16
CA TYR E 60 -14.50 32.24 -44.60
C TYR E 60 -14.30 33.70 -44.95
N ALA E 61 -14.02 33.96 -46.21
CA ALA E 61 -13.97 35.33 -46.72
C ALA E 61 -15.42 35.78 -46.96
N PRO E 62 -15.75 37.06 -46.63
CA PRO E 62 -17.11 37.60 -46.76
C PRO E 62 -17.83 37.27 -48.08
N LYS E 63 -17.06 37.31 -49.18
CA LYS E 63 -17.57 37.02 -50.52
C LYS E 63 -18.30 35.67 -50.64
N PHE E 64 -17.87 34.67 -49.87
CA PHE E 64 -18.37 33.31 -50.00
C PHE E 64 -19.19 32.84 -48.80
N GLN E 65 -19.54 33.76 -47.90
CA GLN E 65 -19.98 33.38 -46.55
C GLN E 65 -21.03 32.26 -46.50
N GLY E 66 -22.16 32.47 -47.17
CA GLY E 66 -23.25 31.49 -47.14
C GLY E 66 -23.20 30.39 -48.18
N ARG E 67 -22.12 30.32 -48.96
CA ARG E 67 -22.05 29.47 -50.15
C ARG E 67 -21.07 28.31 -50.01
N ILE E 68 -20.38 28.25 -48.87
CA ILE E 68 -19.09 27.57 -48.77
C ILE E 68 -19.09 26.60 -47.58
N THR E 69 -18.31 25.52 -47.70
CA THR E 69 -18.21 24.51 -46.65
C THR E 69 -16.85 23.83 -46.71
N ILE E 70 -16.07 24.00 -45.64
CA ILE E 70 -14.71 23.45 -45.51
C ILE E 70 -14.74 22.26 -44.53
N THR E 71 -13.94 21.24 -44.83
CA THR E 71 -14.02 19.95 -44.15
C THR E 71 -12.65 19.26 -44.17
N ALA E 72 -12.41 18.40 -43.19
CA ALA E 72 -11.15 17.68 -43.12
C ALA E 72 -11.34 16.31 -42.50
N ASP E 73 -10.94 15.27 -43.24
CA ASP E 73 -10.95 13.90 -42.77
C ASP E 73 -9.54 13.57 -42.29
N GLU E 74 -9.41 13.35 -40.98
CA GLU E 74 -8.10 13.26 -40.35
C GLU E 74 -7.39 11.95 -40.64
N SER E 75 -8.12 10.83 -40.55
CA SER E 75 -7.57 9.49 -40.86
C SER E 75 -7.17 9.33 -42.33
N THR E 76 -8.01 9.84 -43.23
CA THR E 76 -7.72 9.84 -44.67
C THR E 76 -6.65 10.86 -45.04
N SER E 77 -6.47 11.87 -44.19
CA SER E 77 -5.48 12.93 -44.38
C SER E 77 -5.87 13.76 -45.60
N THR E 78 -7.17 14.07 -45.70
CA THR E 78 -7.74 14.83 -46.81
C THR E 78 -8.53 16.05 -46.35
N ALA E 79 -8.40 17.15 -47.10
CA ALA E 79 -9.24 18.34 -46.92
C ALA E 79 -10.22 18.48 -48.08
N TYR E 80 -11.35 19.11 -47.80
CA TYR E 80 -12.41 19.31 -48.79
C TYR E 80 -12.91 20.76 -48.74
N LEU E 81 -13.21 21.31 -49.93
CA LEU E 81 -13.86 22.61 -50.07
C LEU E 81 -15.13 22.40 -50.86
N GLU E 82 -16.20 23.12 -50.49
CA GLU E 82 -17.49 22.94 -51.12
C GLU E 82 -18.15 24.30 -51.38
N LEU E 83 -18.11 24.74 -52.63
CA LEU E 83 -18.73 26.00 -53.05
C LEU E 83 -20.02 25.71 -53.81
N SER E 84 -21.08 26.44 -53.46
CA SER E 84 -22.43 26.19 -53.99
C SER E 84 -23.04 27.43 -54.61
N SER E 85 -24.10 27.21 -55.38
CA SER E 85 -24.76 28.25 -56.15
C SER E 85 -23.72 28.99 -56.96
N LEU E 86 -23.05 28.23 -57.82
CA LEU E 86 -21.92 28.73 -58.60
C LEU E 86 -22.38 29.69 -59.69
N THR E 87 -21.50 30.64 -60.04
CA THR E 87 -21.79 31.66 -61.05
C THR E 87 -20.60 31.74 -62.00
N SER E 88 -20.87 32.12 -63.26
CA SER E 88 -19.86 32.09 -64.34
C SER E 88 -18.45 32.62 -63.99
N ASP E 89 -18.36 33.51 -62.99
CA ASP E 89 -17.08 34.01 -62.49
C ASP E 89 -16.65 33.41 -61.15
N ASP E 90 -17.08 32.17 -60.89
CA ASP E 90 -16.41 31.28 -59.92
C ASP E 90 -15.43 30.35 -60.64
N THR E 91 -15.41 30.41 -61.98
CA THR E 91 -14.36 29.78 -62.78
C THR E 91 -13.00 30.24 -62.28
N ALA E 92 -12.18 29.30 -61.85
CA ALA E 92 -10.87 29.62 -61.33
C ALA E 92 -10.05 28.35 -61.18
N VAL E 93 -8.80 28.53 -60.79
CA VAL E 93 -7.94 27.43 -60.35
C VAL E 93 -7.99 27.45 -58.82
N TYR E 94 -8.57 26.41 -58.22
CA TYR E 94 -8.71 26.31 -56.78
C TYR E 94 -7.51 25.57 -56.19
N TYR E 95 -6.75 26.27 -55.34
CA TYR E 95 -5.58 25.71 -54.67
C TYR E 95 -5.91 25.36 -53.21
N CYS E 96 -5.31 24.26 -52.73
CA CYS E 96 -5.25 23.99 -51.30
C CYS E 96 -3.82 24.30 -50.88
N ALA E 97 -3.69 24.95 -49.73
CA ALA E 97 -2.40 25.44 -49.27
C ALA E 97 -2.24 25.21 -47.78
N SER E 98 -1.08 24.68 -47.37
CA SER E 98 -0.88 24.28 -45.98
C SER E 98 -0.42 25.45 -45.11
N ARG E 99 -1.28 25.81 -44.16
CA ARG E 99 -0.93 26.70 -43.08
C ARG E 99 0.28 26.17 -42.35
N GLN E 100 1.09 27.10 -41.82
CA GLN E 100 2.25 26.72 -41.03
C GLN E 100 2.04 27.31 -39.64
N HIS E 101 3.13 27.61 -38.93
CA HIS E 101 3.05 28.13 -37.56
C HIS E 101 2.37 29.51 -37.45
N HIS E 102 2.28 30.24 -38.55
CA HIS E 102 1.79 31.62 -38.51
C HIS E 102 0.75 32.08 -39.54
N GLU E 103 0.28 31.20 -40.44
CA GLU E 103 -0.71 31.53 -41.51
C GLU E 103 -0.12 32.16 -42.77
N TYR E 104 0.86 31.50 -43.38
CA TYR E 104 1.46 32.01 -44.61
C TYR E 104 1.48 31.06 -45.82
N PHE E 105 1.32 29.75 -45.62
CA PHE E 105 1.21 28.76 -46.74
C PHE E 105 2.54 28.44 -47.44
N GLN E 106 3.16 27.32 -47.07
CA GLN E 106 4.42 26.89 -47.68
C GLN E 106 4.20 25.82 -48.74
N GLU E 107 3.27 24.90 -48.51
CA GLU E 107 2.92 23.89 -49.49
C GLU E 107 1.63 24.27 -50.19
N TRP E 108 1.65 24.28 -51.51
CA TRP E 108 0.47 24.47 -52.33
C TRP E 108 0.20 23.19 -53.09
N GLY E 109 -1.07 22.90 -53.34
CA GLY E 109 -1.43 21.79 -54.22
C GLY E 109 -1.10 22.14 -55.67
N GLN E 110 -1.36 21.21 -56.58
CA GLN E 110 -1.12 21.46 -58.01
C GLN E 110 -2.25 22.28 -58.66
N GLY E 111 -3.34 22.50 -57.93
CA GLY E 111 -4.45 23.31 -58.40
C GLY E 111 -5.54 22.47 -59.02
N THR E 112 -6.72 23.06 -59.16
CA THR E 112 -7.89 22.40 -59.72
C THR E 112 -8.72 23.42 -60.50
N LEU E 113 -8.76 23.27 -61.82
CA LEU E 113 -9.58 24.13 -62.66
C LEU E 113 -11.03 23.70 -62.54
N VAL E 114 -11.82 24.51 -61.83
CA VAL E 114 -13.27 24.39 -61.87
C VAL E 114 -13.77 25.41 -62.89
N THR E 115 -14.35 24.89 -63.99
CA THR E 115 -14.85 25.72 -65.08
C THR E 115 -16.37 25.72 -65.02
N VAL E 116 -16.95 26.70 -64.32
CA VAL E 116 -18.41 26.85 -64.29
C VAL E 116 -18.91 27.63 -65.52
N SER E 117 -19.93 27.06 -66.15
CA SER E 117 -20.37 27.47 -67.49
C SER E 117 -21.58 26.63 -67.84
N SER E 118 -22.53 27.18 -68.60
CA SER E 118 -23.64 26.38 -69.12
C SER E 118 -23.43 26.12 -70.61
N ALA E 119 -22.18 25.93 -71.00
CA ALA E 119 -21.83 25.55 -72.34
C ALA E 119 -21.61 24.06 -72.31
N SER E 120 -21.79 23.44 -73.47
CA SER E 120 -21.59 22.01 -73.59
C SER E 120 -20.23 21.73 -74.20
N THR E 121 -19.65 20.62 -73.76
CA THR E 121 -18.36 20.14 -74.23
C THR E 121 -18.36 19.90 -75.74
N LYS E 122 -17.34 20.44 -76.42
CA LYS E 122 -17.28 20.49 -77.87
C LYS E 122 -15.84 20.56 -78.37
N GLY E 123 -15.57 19.88 -79.49
CA GLY E 123 -14.26 19.91 -80.15
C GLY E 123 -14.11 21.13 -81.04
N PRO E 124 -12.87 21.57 -81.28
CA PRO E 124 -12.62 22.78 -82.05
C PRO E 124 -12.77 22.63 -83.56
N SER E 125 -12.93 23.76 -84.23
CA SER E 125 -12.86 23.84 -85.67
C SER E 125 -11.58 24.60 -85.99
N VAL E 126 -10.67 23.96 -86.71
CA VAL E 126 -9.36 24.53 -87.05
C VAL E 126 -9.40 25.07 -88.47
N PHE E 127 -8.79 26.23 -88.69
CA PHE E 127 -8.78 26.89 -90.00
C PHE E 127 -7.41 27.44 -90.36
N PRO E 128 -7.09 27.53 -91.67
CA PRO E 128 -5.81 28.12 -92.06
C PRO E 128 -5.72 29.63 -91.91
N LEU E 129 -4.53 30.08 -91.50
CA LEU E 129 -4.13 31.47 -91.61
C LEU E 129 -2.93 31.45 -92.56
N ALA E 130 -3.22 31.73 -93.83
CA ALA E 130 -2.30 31.50 -94.93
C ALA E 130 -1.43 32.72 -95.22
N PRO E 131 -0.18 32.49 -95.66
CA PRO E 131 0.73 33.60 -96.00
C PRO E 131 0.36 34.34 -97.31
N SER E 132 1.10 35.41 -97.61
CA SER E 132 0.92 36.20 -98.84
C SER E 132 2.06 37.22 -99.03
N SER E 133 2.19 38.14 -98.08
CA SER E 133 3.19 39.21 -98.14
C SER E 133 3.34 39.90 -96.77
N THR E 140 10.92 37.68 -93.81
CA THR E 140 10.15 36.53 -93.33
C THR E 140 8.69 36.58 -93.79
N ALA E 141 7.99 35.48 -93.52
CA ALA E 141 6.56 35.36 -93.81
C ALA E 141 5.89 34.60 -92.67
N ALA E 142 4.67 35.02 -92.33
CA ALA E 142 3.93 34.41 -91.23
C ALA E 142 2.83 33.49 -91.74
N LEU E 143 2.43 32.57 -90.87
CA LEU E 143 1.30 31.67 -91.12
C LEU E 143 0.83 31.08 -89.81
N GLY E 144 -0.33 30.43 -89.82
CA GLY E 144 -0.87 29.93 -88.57
C GLY E 144 -2.18 29.20 -88.62
N CYS E 145 -2.57 28.68 -87.47
CA CYS E 145 -3.77 27.87 -87.31
C CYS E 145 -4.69 28.51 -86.30
N LEU E 146 -5.89 28.90 -86.73
CA LEU E 146 -6.96 29.38 -85.85
C LEU E 146 -7.77 28.18 -85.35
N VAL E 147 -7.93 28.04 -84.03
CA VAL E 147 -8.66 26.91 -83.44
C VAL E 147 -9.86 27.44 -82.66
N LYS E 148 -11.03 27.37 -83.30
CA LYS E 148 -12.19 28.14 -82.87
C LYS E 148 -13.31 27.29 -82.28
N ASP E 149 -13.97 27.82 -81.26
CA ASP E 149 -15.20 27.27 -80.70
C ASP E 149 -15.01 25.87 -80.12
N TYR E 150 -14.29 25.80 -79.00
CA TYR E 150 -14.14 24.58 -78.21
C TYR E 150 -14.47 24.88 -76.75
N PHE E 151 -14.78 23.83 -76.00
CA PHE E 151 -15.02 23.94 -74.56
C PHE E 151 -14.90 22.55 -73.93
N PRO E 152 -14.34 22.41 -72.73
CA PRO E 152 -13.70 23.48 -71.96
C PRO E 152 -12.21 23.55 -72.28
N GLU E 153 -11.47 24.35 -71.51
CA GLU E 153 -10.00 24.33 -71.58
C GLU E 153 -9.51 22.96 -71.11
N PRO E 154 -8.40 22.42 -71.65
CA PRO E 154 -7.45 23.12 -72.52
C PRO E 154 -7.41 22.60 -73.96
N VAL E 155 -6.52 23.19 -74.76
CA VAL E 155 -6.12 22.63 -76.06
C VAL E 155 -4.60 22.70 -76.21
N THR E 156 -4.03 21.66 -76.82
CA THR E 156 -2.61 21.62 -77.17
C THR E 156 -2.51 21.99 -78.63
N VAL E 157 -1.38 22.58 -79.03
CA VAL E 157 -1.08 22.80 -80.44
C VAL E 157 0.40 22.54 -80.71
N SER E 158 0.67 21.53 -81.56
CA SER E 158 2.03 21.22 -82.02
C SER E 158 2.13 21.52 -83.51
N TRP E 159 3.36 21.49 -84.04
CA TRP E 159 3.63 21.81 -85.44
C TRP E 159 4.57 20.78 -86.06
N ASN E 160 4.14 20.20 -87.19
CA ASN E 160 4.86 19.08 -87.83
C ASN E 160 5.21 17.98 -86.81
N SER E 161 4.30 17.77 -85.85
CA SER E 161 4.45 16.85 -84.70
C SER E 161 5.49 17.19 -83.62
N GLY E 162 6.06 18.40 -83.66
CA GLY E 162 7.15 18.80 -82.76
C GLY E 162 8.42 19.30 -83.45
N ALA E 163 8.50 19.16 -84.78
CA ALA E 163 9.65 19.65 -85.55
C ALA E 163 9.82 21.16 -85.36
N LEU E 164 8.74 21.90 -85.65
CA LEU E 164 8.74 23.36 -85.52
C LEU E 164 8.51 23.79 -84.07
N THR E 165 9.48 24.49 -83.50
CA THR E 165 9.31 25.19 -82.22
C THR E 165 9.75 26.66 -82.28
N SER E 166 10.88 26.96 -82.92
CA SER E 166 11.38 28.34 -83.02
C SER E 166 10.58 29.16 -84.04
N GLY E 167 9.93 30.22 -83.56
CA GLY E 167 9.05 31.04 -84.39
C GLY E 167 7.58 30.95 -83.98
N VAL E 168 7.24 29.93 -83.17
CA VAL E 168 5.84 29.68 -82.81
C VAL E 168 5.37 30.57 -81.67
N HIS E 169 4.09 30.94 -81.73
CA HIS E 169 3.43 31.70 -80.69
C HIS E 169 1.97 31.21 -80.62
N THR E 170 1.77 30.11 -79.90
CA THR E 170 0.43 29.61 -79.62
C THR E 170 -0.19 30.49 -78.54
N PHE E 171 -1.14 31.33 -78.95
CA PHE E 171 -1.69 32.37 -78.08
C PHE E 171 -2.56 31.83 -76.95
N PRO E 172 -2.64 32.56 -75.83
CA PRO E 172 -3.60 32.16 -74.81
C PRO E 172 -5.01 32.20 -75.34
N ALA E 173 -5.88 31.35 -74.79
CA ALA E 173 -7.28 31.31 -75.19
C ALA E 173 -7.97 32.59 -74.78
N VAL E 174 -9.05 32.91 -75.49
CA VAL E 174 -9.96 33.98 -75.12
C VAL E 174 -11.37 33.44 -75.15
N LEU E 175 -12.14 33.76 -74.11
CA LEU E 175 -13.45 33.20 -73.92
C LEU E 175 -14.48 34.03 -74.68
N GLN E 176 -15.02 33.45 -75.75
CA GLN E 176 -15.97 34.18 -76.60
C GLN E 176 -17.30 34.34 -75.85
N SER E 177 -18.11 35.29 -76.31
CA SER E 177 -19.39 35.60 -75.68
C SER E 177 -20.33 34.39 -75.69
N SER E 178 -20.21 33.56 -76.73
CA SER E 178 -20.91 32.28 -76.82
C SER E 178 -20.70 31.38 -75.61
N GLY E 179 -19.53 31.44 -74.99
CA GLY E 179 -19.15 30.57 -73.89
C GLY E 179 -18.09 29.56 -74.27
N LEU E 180 -17.73 29.53 -75.56
CA LEU E 180 -16.63 28.71 -76.06
C LEU E 180 -15.35 29.54 -76.13
N TYR E 181 -14.22 28.84 -76.13
CA TYR E 181 -12.92 29.48 -76.23
C TYR E 181 -12.42 29.42 -77.67
N SER E 182 -11.36 30.18 -77.97
CA SER E 182 -10.80 30.26 -79.32
C SER E 182 -9.41 30.89 -79.27
N LEU E 183 -8.41 30.18 -79.78
CA LEU E 183 -7.03 30.70 -79.86
C LEU E 183 -6.46 30.50 -81.24
N SER E 184 -5.31 31.14 -81.46
CA SER E 184 -4.58 31.02 -82.70
C SER E 184 -3.15 30.60 -82.40
N SER E 185 -2.57 29.82 -83.30
CA SER E 185 -1.16 29.47 -83.28
C SER E 185 -0.55 29.98 -84.57
N VAL E 186 0.52 30.76 -84.45
CA VAL E 186 1.23 31.23 -85.62
C VAL E 186 2.68 30.81 -85.53
N VAL E 187 3.37 30.84 -86.65
CA VAL E 187 4.80 30.57 -86.69
C VAL E 187 5.43 31.38 -87.83
N THR E 188 6.63 31.91 -87.57
CA THR E 188 7.35 32.72 -88.55
C THR E 188 8.33 31.78 -89.26
N VAL E 189 8.35 31.86 -90.60
CA VAL E 189 9.15 30.97 -91.45
C VAL E 189 9.74 31.74 -92.64
N PRO E 190 10.84 31.22 -93.26
CA PRO E 190 11.47 31.97 -94.35
C PRO E 190 10.56 32.14 -95.57
N SER E 191 10.56 33.37 -96.13
CA SER E 191 9.69 33.76 -97.26
C SER E 191 9.54 32.68 -98.32
N SER E 192 10.66 32.07 -98.71
CA SER E 192 10.70 31.02 -99.74
C SER E 192 10.94 29.63 -99.14
N SER E 193 9.83 29.00 -98.77
CA SER E 193 9.81 27.56 -98.45
C SER E 193 8.39 26.97 -98.61
N LEU E 194 7.52 27.69 -99.33
CA LEU E 194 6.08 27.47 -99.27
C LEU E 194 5.66 26.51 -100.38
N GLY E 195 6.03 25.25 -100.19
CA GLY E 195 5.84 24.21 -101.20
C GLY E 195 6.95 23.18 -101.09
N THR E 196 8.19 23.68 -101.10
CA THR E 196 9.37 22.86 -100.83
C THR E 196 9.22 22.23 -99.45
N GLN E 197 9.05 23.08 -98.44
CA GLN E 197 8.76 22.59 -97.09
C GLN E 197 7.27 22.70 -96.82
N THR E 198 6.72 21.67 -96.19
CA THR E 198 5.35 21.69 -95.69
C THR E 198 5.34 22.05 -94.20
N TYR E 199 4.21 22.59 -93.74
CA TYR E 199 3.97 22.75 -92.32
C TYR E 199 2.51 22.46 -92.01
N ILE E 200 2.27 21.81 -90.87
CA ILE E 200 0.93 21.42 -90.43
C ILE E 200 0.81 21.60 -88.92
N CYS E 201 -0.42 21.79 -88.43
CA CYS E 201 -0.65 21.97 -86.99
C CYS E 201 -1.45 20.81 -86.42
N ASN E 202 -1.00 20.33 -85.26
CA ASN E 202 -1.67 19.27 -84.54
C ASN E 202 -2.33 19.86 -83.30
N VAL E 203 -3.66 19.96 -83.34
CA VAL E 203 -4.43 20.41 -82.18
C VAL E 203 -4.95 19.18 -81.45
N ASN E 204 -5.00 19.24 -80.12
CA ASN E 204 -5.52 18.14 -79.31
C ASN E 204 -6.41 18.62 -78.16
N HIS E 205 -7.72 18.44 -78.34
CA HIS E 205 -8.70 18.73 -77.31
C HIS E 205 -9.12 17.43 -76.63
N LYS E 206 -9.32 17.51 -75.31
CA LYS E 206 -9.85 16.41 -74.52
C LYS E 206 -11.11 16.95 -73.83
N PRO E 207 -12.31 16.43 -74.13
CA PRO E 207 -12.59 15.33 -75.08
C PRO E 207 -13.03 15.81 -76.49
N SER E 208 -12.73 15.07 -77.56
CA SER E 208 -11.79 13.92 -77.59
C SER E 208 -11.16 13.93 -78.98
N ASN E 209 -10.56 15.07 -79.31
CA ASN E 209 -10.20 15.44 -80.68
C ASN E 209 -8.70 15.51 -80.91
N THR E 210 -8.30 15.03 -82.09
CA THR E 210 -7.04 15.38 -82.72
C THR E 210 -7.42 15.81 -84.14
N LYS E 211 -7.06 17.02 -84.52
CA LYS E 211 -7.29 17.52 -85.87
C LYS E 211 -5.95 18.02 -86.43
N VAL E 212 -5.45 17.31 -87.43
CA VAL E 212 -4.15 17.61 -88.04
C VAL E 212 -4.41 18.37 -89.36
N ASP E 213 -4.24 19.69 -89.33
CA ASP E 213 -4.62 20.57 -90.46
C ASP E 213 -3.38 21.09 -91.22
N LYS E 214 -3.58 21.51 -92.48
CA LYS E 214 -2.49 21.90 -93.38
C LYS E 214 -2.61 23.34 -93.87
N ARG E 215 -1.47 23.98 -94.09
CA ARG E 215 -1.38 25.39 -94.48
C ARG E 215 -0.60 25.63 -95.78
N VAL E 216 -1.28 25.61 -96.93
CA VAL E 216 -0.62 25.90 -98.22
C VAL E 216 -0.59 27.44 -98.46
N GLU E 217 -0.50 27.88 -99.72
CA GLU E 217 -0.32 29.30 -100.09
C GLU E 217 1.01 29.85 -99.59
N ILE F 2 -9.73 44.33 -44.40
CA ILE F 2 -8.43 45.02 -44.66
C ILE F 2 -8.00 44.79 -46.11
N VAL F 3 -7.55 45.86 -46.76
CA VAL F 3 -7.15 45.86 -48.17
C VAL F 3 -5.67 46.14 -48.30
N LEU F 4 -5.05 45.49 -49.27
CA LEU F 4 -3.64 45.66 -49.50
C LEU F 4 -3.37 45.72 -51.02
N THR F 5 -2.45 46.59 -51.44
CA THR F 5 -2.23 46.92 -52.87
C THR F 5 -0.74 47.10 -53.19
N GLN F 6 -0.32 46.66 -54.38
CA GLN F 6 1.06 46.80 -54.84
C GLN F 6 1.11 47.73 -56.06
N SER F 7 1.73 48.88 -55.89
CA SER F 7 2.00 49.76 -56.99
C SER F 7 3.45 49.47 -57.32
N PRO F 8 3.76 49.21 -58.58
CA PRO F 8 2.85 49.33 -59.70
C PRO F 8 2.41 47.98 -60.23
N GLY F 9 1.44 48.01 -61.14
CA GLY F 9 0.98 46.81 -61.81
C GLY F 9 2.12 46.11 -62.52
N THR F 10 2.88 46.88 -63.29
CA THR F 10 4.00 46.29 -64.03
C THR F 10 5.27 47.00 -63.62
N LEU F 11 6.34 46.23 -63.45
CA LEU F 11 7.64 46.75 -63.06
C LEU F 11 8.63 46.25 -64.09
N SER F 12 8.94 47.11 -65.07
CA SER F 12 9.82 46.74 -66.19
C SER F 12 11.26 47.11 -65.85
N MET F 13 12.08 46.09 -65.59
CA MET F 13 13.48 46.28 -65.19
C MET F 13 14.31 45.10 -65.71
N SER F 14 15.42 45.41 -66.37
CA SER F 14 16.30 44.39 -66.97
C SER F 14 17.15 43.69 -65.91
N PRO F 15 17.72 42.51 -66.24
CA PRO F 15 18.42 41.69 -65.26
C PRO F 15 19.54 42.40 -64.51
N GLY F 16 19.78 41.97 -63.28
CA GLY F 16 20.77 42.54 -62.40
C GLY F 16 20.51 43.96 -61.93
N GLU F 17 19.26 44.40 -62.00
CA GLU F 17 18.90 45.75 -61.57
C GLU F 17 18.08 45.68 -60.29
N ARG F 18 18.69 46.09 -59.18
CA ARG F 18 17.97 46.10 -57.89
C ARG F 18 16.58 46.73 -58.07
N ALA F 19 16.40 48.00 -57.74
CA ALA F 19 15.09 48.66 -57.73
C ALA F 19 13.87 47.73 -57.49
N THR F 20 12.98 48.14 -56.59
CA THR F 20 12.10 47.21 -55.91
C THR F 20 10.66 47.72 -55.75
N LEU F 21 9.76 46.80 -55.37
CA LEU F 21 8.33 47.10 -55.14
C LEU F 21 7.93 46.88 -53.69
N SER F 22 6.70 47.23 -53.32
CA SER F 22 6.28 47.17 -51.91
C SER F 22 4.77 47.06 -51.69
N CYS F 23 4.41 46.39 -50.60
CA CYS F 23 3.00 46.17 -50.23
C CYS F 23 2.57 47.38 -49.43
N ARG F 24 1.25 47.60 -49.35
CA ARG F 24 0.72 48.80 -48.71
C ARG F 24 -0.69 48.59 -48.16
N ALA F 25 -0.78 48.51 -46.84
CA ALA F 25 -2.05 48.16 -46.17
C ALA F 25 -3.03 49.29 -45.98
N SER F 26 -4.29 48.98 -46.21
CA SER F 26 -5.39 49.91 -46.00
C SER F 26 -5.45 50.40 -44.56
N ARG F 27 -5.84 49.53 -43.66
CA ARG F 27 -6.06 49.92 -42.28
C ARG F 27 -5.05 49.23 -41.35
N THR F 28 -3.78 49.27 -41.77
CA THR F 28 -2.60 48.66 -41.11
C THR F 28 -2.65 47.22 -40.55
N VAL F 29 -1.94 46.41 -41.17
CA VAL F 29 -1.85 45.04 -40.78
C VAL F 29 -0.94 45.05 -39.56
N SER F 30 -1.24 44.19 -38.60
CA SER F 30 -0.58 44.24 -37.28
C SER F 30 0.87 43.73 -37.24
N SER F 31 1.32 43.33 -36.05
CA SER F 31 2.59 42.66 -35.85
C SER F 31 3.24 42.18 -37.14
N SER F 32 4.57 42.17 -37.17
CA SER F 32 5.30 41.70 -38.35
C SER F 32 4.77 40.33 -38.81
N ASN F 33 3.60 40.38 -39.46
CA ASN F 33 2.81 39.21 -39.88
C ASN F 33 2.37 39.42 -41.33
N LEU F 34 3.27 39.13 -42.26
CA LEU F 34 3.04 39.36 -43.68
C LEU F 34 4.05 38.60 -44.52
N ALA F 35 3.56 37.96 -45.57
CA ALA F 35 4.36 37.10 -46.44
C ALA F 35 4.12 37.48 -47.88
N TRP F 36 4.97 36.95 -48.75
CA TRP F 36 4.84 37.15 -50.18
C TRP F 36 5.21 35.90 -50.96
N TYR F 37 4.81 35.87 -52.23
CA TYR F 37 4.97 34.70 -53.08
C TYR F 37 5.34 35.06 -54.50
N GLN F 38 6.08 34.17 -55.14
CA GLN F 38 6.43 34.24 -56.55
C GLN F 38 5.49 33.34 -57.33
N GLN F 39 4.73 33.90 -58.28
CA GLN F 39 3.92 33.08 -59.18
C GLN F 39 4.38 33.27 -60.61
N LYS F 40 4.73 32.15 -61.24
CA LYS F 40 5.15 32.12 -62.64
C LYS F 40 3.98 31.67 -63.50
N PRO F 41 4.04 31.94 -64.82
CA PRO F 41 2.93 31.53 -65.69
C PRO F 41 2.80 30.00 -65.76
N GLY F 42 1.60 29.51 -65.49
CA GLY F 42 1.29 28.08 -65.53
C GLY F 42 1.57 27.29 -64.26
N GLN F 43 2.10 27.96 -63.23
CA GLN F 43 2.51 27.29 -61.99
C GLN F 43 1.66 27.75 -60.82
N ALA F 44 1.80 27.05 -59.69
CA ALA F 44 1.16 27.44 -58.42
C ALA F 44 2.04 28.48 -57.73
N PRO F 45 1.47 29.26 -56.79
CA PRO F 45 2.29 30.20 -56.03
C PRO F 45 3.36 29.51 -55.18
N ARG F 46 4.42 30.25 -54.87
CA ARG F 46 5.59 29.73 -54.20
C ARG F 46 5.94 30.63 -53.03
N LEU F 47 6.11 30.05 -51.85
CA LEU F 47 6.44 30.82 -50.66
C LEU F 47 7.83 31.40 -50.78
N LEU F 48 7.91 32.73 -50.72
CA LEU F 48 9.18 33.43 -50.72
C LEU F 48 9.61 33.74 -49.28
N ILE F 49 8.95 34.72 -48.69
CA ILE F 49 9.34 35.27 -47.40
C ILE F 49 8.16 35.20 -46.45
N TYR F 50 8.44 35.11 -45.16
CA TYR F 50 7.40 35.00 -44.14
C TYR F 50 7.76 35.76 -42.86
N ASP F 51 6.76 35.94 -42.01
CA ASP F 51 6.71 36.95 -40.94
C ASP F 51 6.89 38.36 -41.51
N VAL F 52 8.09 38.64 -41.99
CA VAL F 52 8.35 39.80 -42.86
C VAL F 52 9.71 39.76 -43.57
N SER F 53 10.68 39.05 -42.98
CA SER F 53 11.99 38.96 -43.53
C SER F 53 12.56 37.56 -43.54
N SER F 54 11.87 36.57 -42.98
CA SER F 54 12.45 35.25 -42.91
C SER F 54 12.27 34.59 -44.26
N ARG F 55 13.32 33.95 -44.73
CA ARG F 55 13.29 33.40 -46.07
C ARG F 55 13.09 31.89 -46.01
N ALA F 56 12.04 31.44 -46.69
CA ALA F 56 11.68 30.03 -46.72
C ALA F 56 12.82 29.09 -47.09
N THR F 57 12.80 27.92 -46.45
CA THR F 57 13.72 26.86 -46.79
C THR F 57 13.66 26.67 -48.31
N GLY F 58 14.81 26.51 -48.93
CA GLY F 58 14.91 26.34 -50.39
C GLY F 58 15.39 27.58 -51.12
N ILE F 59 14.88 28.74 -50.71
CA ILE F 59 15.23 30.02 -51.33
C ILE F 59 16.70 30.41 -51.15
N PRO F 60 17.45 30.48 -52.26
CA PRO F 60 18.76 31.11 -52.22
C PRO F 60 18.57 32.63 -52.30
N ASP F 61 19.33 33.36 -51.48
CA ASP F 61 19.16 34.81 -51.19
C ASP F 61 18.37 35.71 -52.18
N ARG F 62 19.07 36.39 -53.12
CA ARG F 62 18.48 37.38 -54.06
C ARG F 62 17.26 38.18 -53.53
N PHE F 63 16.31 37.43 -52.98
CA PHE F 63 15.09 37.93 -52.36
C PHE F 63 15.19 38.38 -50.88
N SER F 64 15.49 39.67 -50.69
CA SER F 64 15.39 40.32 -49.39
C SER F 64 13.97 40.87 -49.24
N GLY F 65 13.64 41.38 -48.06
CA GLY F 65 12.32 41.95 -47.80
C GLY F 65 12.14 42.45 -46.37
N ARG F 66 11.31 43.47 -46.21
CA ARG F 66 11.18 44.18 -44.93
C ARG F 66 9.95 45.09 -44.94
N GLY F 67 9.55 45.53 -43.75
CA GLY F 67 8.50 46.52 -43.53
C GLY F 67 8.05 46.28 -42.09
N SER F 68 7.06 47.03 -41.61
CA SER F 68 6.56 46.81 -40.23
C SER F 68 5.17 47.39 -39.94
N GLY F 69 5.01 48.68 -40.19
CA GLY F 69 3.74 49.36 -39.92
C GLY F 69 2.73 49.03 -40.99
N THR F 70 2.85 49.72 -42.13
CA THR F 70 1.94 49.54 -43.27
C THR F 70 2.67 49.39 -44.64
N ASP F 71 3.97 49.69 -44.67
CA ASP F 71 4.79 49.71 -45.88
C ASP F 71 5.86 48.59 -45.79
N PHE F 72 5.60 47.47 -46.48
CA PHE F 72 6.55 46.33 -46.53
C PHE F 72 7.10 46.20 -47.94
N THR F 73 8.41 46.35 -48.07
CA THR F 73 9.10 46.37 -49.34
C THR F 73 9.58 44.98 -49.69
N LEU F 74 9.14 44.52 -50.84
CA LEU F 74 9.59 43.27 -51.33
C LEU F 74 10.83 43.68 -52.04
N THR F 75 11.95 43.21 -51.51
CA THR F 75 13.27 43.75 -51.84
C THR F 75 14.06 42.97 -52.92
N ILE F 76 14.19 43.58 -54.09
CA ILE F 76 14.84 42.97 -55.24
C ILE F 76 16.37 42.79 -55.08
N SER F 77 17.17 43.75 -55.59
CA SER F 77 18.65 43.67 -55.78
C SER F 77 19.17 42.43 -56.52
N ARG F 78 19.64 42.61 -57.77
CA ARG F 78 20.15 41.53 -58.68
C ARG F 78 19.09 40.51 -59.14
N LEU F 79 18.51 40.78 -60.30
CA LEU F 79 17.50 39.83 -60.87
C LEU F 79 18.11 38.57 -61.52
N GLU F 80 17.31 37.77 -62.22
CA GLU F 80 17.81 36.53 -62.84
C GLU F 80 16.83 36.13 -63.94
N PRO F 81 17.21 35.18 -64.83
CA PRO F 81 16.29 34.83 -65.92
C PRO F 81 14.97 34.18 -65.45
N GLU F 82 15.03 33.31 -64.45
CA GLU F 82 13.82 32.71 -63.86
C GLU F 82 13.20 33.50 -62.69
N ASP F 83 13.53 34.79 -62.56
CA ASP F 83 12.97 35.65 -61.50
C ASP F 83 11.98 36.70 -62.01
N PHE F 84 11.63 36.62 -63.30
CA PHE F 84 10.62 37.51 -63.87
C PHE F 84 9.30 36.79 -63.77
N ALA F 85 8.57 37.09 -62.70
CA ALA F 85 7.27 36.52 -62.44
C ALA F 85 6.37 37.57 -61.81
N VAL F 86 5.17 37.14 -61.40
CA VAL F 86 4.24 38.02 -60.69
C VAL F 86 4.48 37.78 -59.21
N TYR F 87 4.46 38.85 -58.42
CA TYR F 87 4.74 38.76 -56.99
C TYR F 87 3.53 39.18 -56.20
N TYR F 88 2.99 38.23 -55.44
CA TYR F 88 1.81 38.47 -54.61
C TYR F 88 2.22 38.68 -53.17
N CYS F 89 1.24 39.03 -52.34
CA CYS F 89 1.50 39.51 -51.01
C CYS F 89 0.29 39.32 -50.14
N GLN F 90 0.48 38.84 -48.92
CA GLN F 90 -0.65 38.57 -48.05
C GLN F 90 -0.30 38.82 -46.60
N GLN F 91 -1.25 39.39 -45.88
CA GLN F 91 -1.10 39.63 -44.47
C GLN F 91 -1.80 38.50 -43.74
N TYR F 92 -1.17 38.00 -42.69
CA TYR F 92 -1.87 36.99 -41.90
C TYR F 92 -2.63 37.83 -40.92
N GLY F 93 -1.88 38.59 -40.12
CA GLY F 93 -2.44 39.36 -39.01
C GLY F 93 -3.61 40.23 -39.45
N THR F 94 -4.77 39.99 -38.87
CA THR F 94 -5.99 40.82 -39.04
C THR F 94 -7.11 40.15 -39.85
N SER F 95 -8.33 40.57 -39.52
CA SER F 95 -9.62 39.95 -39.87
C SER F 95 -9.60 38.77 -40.86
N PRO F 96 -9.89 38.98 -42.17
CA PRO F 96 -9.94 37.86 -43.11
C PRO F 96 -8.67 37.89 -43.94
N LEU F 97 -8.09 36.73 -44.23
CA LEU F 97 -6.79 36.73 -44.91
C LEU F 97 -6.99 37.28 -46.32
N THR F 98 -6.13 38.22 -46.71
CA THR F 98 -6.25 38.87 -48.00
C THR F 98 -4.94 38.82 -48.74
N PHE F 99 -5.06 38.84 -50.07
CA PHE F 99 -3.92 38.92 -50.95
C PHE F 99 -3.86 40.32 -51.57
N GLY F 100 -2.78 40.60 -52.29
CA GLY F 100 -2.59 41.87 -52.99
C GLY F 100 -2.44 41.66 -54.46
N GLY F 101 -3.32 42.29 -55.24
CA GLY F 101 -3.37 42.22 -56.72
C GLY F 101 -2.17 41.81 -57.55
N GLY F 102 -0.96 42.02 -57.02
CA GLY F 102 0.26 41.49 -57.58
C GLY F 102 1.02 42.56 -58.33
N THR F 103 2.31 42.33 -58.54
CA THR F 103 3.14 43.17 -59.41
C THR F 103 3.94 42.26 -60.33
N LYS F 104 3.82 42.50 -61.63
CA LYS F 104 4.54 41.75 -62.64
C LYS F 104 5.87 42.42 -62.87
N VAL F 105 6.94 41.62 -62.85
CA VAL F 105 8.24 42.11 -63.29
C VAL F 105 8.47 41.61 -64.72
N GLU F 106 8.31 42.54 -65.65
CA GLU F 106 8.59 42.31 -67.06
C GLU F 106 10.07 42.51 -67.34
N ILE F 107 10.60 41.82 -68.35
CA ILE F 107 11.97 42.03 -68.79
C ILE F 107 11.99 43.29 -69.66
N LYS F 108 12.90 44.22 -69.37
CA LYS F 108 13.06 45.44 -70.18
C LYS F 108 14.02 45.21 -71.34
N ARG F 109 13.71 45.85 -72.46
CA ARG F 109 14.58 45.82 -73.63
C ARG F 109 14.45 47.11 -74.43
N THR F 110 15.21 47.21 -75.52
CA THR F 110 15.06 48.31 -76.48
C THR F 110 13.70 48.20 -77.17
N VAL F 111 13.14 49.34 -77.56
CA VAL F 111 11.81 49.36 -78.20
C VAL F 111 11.87 48.68 -79.57
N ALA F 112 10.87 47.84 -79.83
CA ALA F 112 10.73 47.10 -81.09
C ALA F 112 9.32 47.23 -81.60
N ALA F 113 9.16 47.78 -82.79
CA ALA F 113 7.86 47.87 -83.45
C ALA F 113 7.41 46.46 -83.89
N PRO F 114 6.09 46.24 -83.99
CA PRO F 114 5.58 44.93 -84.38
C PRO F 114 5.63 44.70 -85.89
N SER F 115 5.92 43.47 -86.28
CA SER F 115 5.83 43.05 -87.67
C SER F 115 4.38 42.64 -87.90
N VAL F 116 3.59 43.55 -88.44
CA VAL F 116 2.14 43.33 -88.54
C VAL F 116 1.84 42.40 -89.71
N PHE F 117 1.24 41.25 -89.39
CA PHE F 117 0.77 40.30 -90.40
C PHE F 117 -0.76 40.21 -90.31
N ILE F 118 -1.40 40.10 -91.47
CA ILE F 118 -2.87 40.02 -91.56
C ILE F 118 -3.25 38.77 -92.34
N PHE F 119 -4.41 38.20 -92.01
CA PHE F 119 -4.89 36.98 -92.66
C PHE F 119 -6.36 37.14 -93.04
N PRO F 120 -6.71 36.94 -94.32
CA PRO F 120 -8.13 36.85 -94.61
C PRO F 120 -8.73 35.59 -93.98
N PRO F 121 -10.06 35.49 -93.97
CA PRO F 121 -10.68 34.26 -93.50
C PRO F 121 -10.32 33.06 -94.37
N SER F 122 -10.66 31.89 -93.87
CA SER F 122 -10.38 30.65 -94.56
C SER F 122 -11.63 30.27 -95.32
N ASP F 123 -11.45 29.94 -96.60
CA ASP F 123 -12.54 29.43 -97.45
C ASP F 123 -13.30 28.27 -96.80
N GLU F 124 -12.61 27.44 -96.01
CA GLU F 124 -13.24 26.39 -95.22
C GLU F 124 -14.24 26.98 -94.22
N GLN F 125 -13.90 28.11 -93.61
CA GLN F 125 -14.77 28.72 -92.60
C GLN F 125 -16.02 29.34 -93.22
N LEU F 126 -15.87 30.09 -94.31
CA LEU F 126 -17.01 30.79 -94.92
C LEU F 126 -18.12 29.83 -95.39
N LYS F 127 -17.79 28.56 -95.60
CA LYS F 127 -18.80 27.51 -95.78
C LYS F 127 -19.77 27.38 -94.58
N SER F 128 -19.33 27.77 -93.39
CA SER F 128 -20.14 27.73 -92.17
C SER F 128 -20.96 29.01 -91.88
N GLY F 129 -20.65 30.11 -92.58
CA GLY F 129 -21.38 31.36 -92.41
C GLY F 129 -20.76 32.41 -91.50
N THR F 130 -19.62 32.10 -90.87
CA THR F 130 -18.87 33.05 -90.05
C THR F 130 -17.48 33.27 -90.64
N ALA F 131 -16.99 34.51 -90.55
CA ALA F 131 -15.67 34.88 -91.07
C ALA F 131 -14.83 35.47 -89.95
N SER F 132 -13.61 34.97 -89.80
CA SER F 132 -12.67 35.41 -88.77
C SER F 132 -11.41 35.99 -89.42
N VAL F 133 -11.17 37.29 -89.19
CA VAL F 133 -10.00 37.99 -89.73
C VAL F 133 -8.98 38.16 -88.60
N VAL F 134 -7.85 37.47 -88.74
CA VAL F 134 -6.77 37.52 -87.76
C VAL F 134 -5.74 38.56 -88.18
N CYS F 135 -5.33 39.41 -87.24
CA CYS F 135 -4.21 40.33 -87.44
C CYS F 135 -3.15 40.08 -86.38
N LEU F 136 -2.01 39.56 -86.83
CA LEU F 136 -0.88 39.26 -85.95
C LEU F 136 0.02 40.48 -85.82
N LEU F 137 0.35 40.82 -84.57
CA LEU F 137 1.42 41.77 -84.24
C LEU F 137 2.51 40.91 -83.60
N ASN F 138 3.66 40.79 -84.24
CA ASN F 138 4.67 39.82 -83.80
C ASN F 138 5.99 40.46 -83.39
N ASN F 139 6.45 40.11 -82.20
CA ASN F 139 7.76 40.48 -81.66
C ASN F 139 7.93 41.99 -81.51
N PHE F 140 7.22 42.54 -80.53
CA PHE F 140 7.25 43.98 -80.24
C PHE F 140 7.53 44.27 -78.76
N TYR F 141 7.77 45.54 -78.48
CA TYR F 141 7.98 46.02 -77.11
C TYR F 141 7.85 47.55 -77.05
N PRO F 142 7.23 48.14 -76.02
CA PRO F 142 6.57 47.44 -74.91
C PRO F 142 5.21 46.84 -75.26
N ARG F 143 4.61 46.14 -74.28
CA ARG F 143 3.34 45.42 -74.44
C ARG F 143 2.20 46.28 -75.01
N GLU F 144 2.11 47.52 -74.54
CA GLU F 144 0.96 48.39 -74.84
C GLU F 144 0.92 48.67 -76.34
N ALA F 145 -0.19 48.32 -76.98
CA ALA F 145 -0.37 48.48 -78.42
C ALA F 145 -1.86 48.57 -78.76
N LYS F 146 -2.18 49.38 -79.76
CA LYS F 146 -3.56 49.63 -80.17
C LYS F 146 -3.81 49.08 -81.57
N VAL F 147 -4.91 48.34 -81.73
CA VAL F 147 -5.28 47.74 -83.00
C VAL F 147 -6.72 48.12 -83.34
N GLN F 148 -6.87 48.94 -84.38
CA GLN F 148 -8.17 49.33 -84.90
C GLN F 148 -8.52 48.48 -86.12
N TRP F 149 -9.78 48.08 -86.22
CA TRP F 149 -10.28 47.34 -87.37
C TRP F 149 -11.11 48.27 -88.21
N LYS F 150 -10.86 48.22 -89.53
CA LYS F 150 -11.60 49.02 -90.49
C LYS F 150 -12.20 48.12 -91.56
N VAL F 151 -13.49 48.32 -91.84
CA VAL F 151 -14.21 47.63 -92.90
C VAL F 151 -14.77 48.71 -93.82
N ASP F 152 -14.21 48.81 -95.02
CA ASP F 152 -14.39 49.97 -95.90
C ASP F 152 -14.10 51.27 -95.13
N ASN F 153 -13.06 51.24 -94.31
CA ASN F 153 -12.68 52.36 -93.42
C ASN F 153 -13.77 52.85 -92.44
N ALA F 154 -14.78 52.03 -92.21
CA ALA F 154 -15.71 52.22 -91.10
C ALA F 154 -15.04 51.57 -89.91
N LEU F 155 -14.98 52.29 -88.79
CA LEU F 155 -14.29 51.78 -87.60
C LEU F 155 -15.18 50.82 -86.83
N GLN F 156 -14.61 49.66 -86.51
CA GLN F 156 -15.34 48.58 -85.86
C GLN F 156 -15.14 48.63 -84.35
N SER F 157 -16.14 48.13 -83.63
CA SER F 157 -16.05 47.99 -82.18
C SER F 157 -17.04 46.94 -81.68
N GLY F 158 -16.60 46.14 -80.72
CA GLY F 158 -17.41 45.06 -80.18
C GLY F 158 -17.56 43.88 -81.12
N ASN F 159 -16.47 43.53 -81.80
CA ASN F 159 -16.41 42.30 -82.58
C ASN F 159 -14.98 41.81 -82.81
N SER F 160 -14.06 42.18 -81.90
CA SER F 160 -12.64 41.90 -82.08
C SER F 160 -11.94 41.73 -80.73
N GLN F 161 -11.86 40.49 -80.28
CA GLN F 161 -11.10 40.15 -79.08
C GLN F 161 -9.62 40.01 -79.41
N GLU F 162 -8.78 40.09 -78.38
CA GLU F 162 -7.35 39.90 -78.55
C GLU F 162 -6.70 39.23 -77.35
N SER F 163 -5.54 38.62 -77.60
CA SER F 163 -4.73 38.05 -76.53
C SER F 163 -3.26 38.18 -76.89
N VAL F 164 -2.38 38.03 -75.90
CA VAL F 164 -0.94 38.25 -76.09
C VAL F 164 -0.08 37.13 -75.50
N THR F 165 1.07 36.90 -76.12
CA THR F 165 2.09 35.97 -75.63
C THR F 165 2.53 36.36 -74.21
N GLU F 166 2.86 35.36 -73.40
CA GLU F 166 3.61 35.60 -72.16
C GLU F 166 5.05 35.81 -72.61
N GLN F 167 5.56 37.01 -72.38
CA GLN F 167 6.85 37.49 -72.88
C GLN F 167 7.89 36.39 -73.22
N ASP F 168 8.28 36.30 -74.48
CA ASP F 168 9.28 35.32 -74.93
C ASP F 168 10.61 35.49 -74.17
N SER F 169 11.31 34.38 -73.95
CA SER F 169 12.56 34.37 -73.18
C SER F 169 13.69 35.02 -73.98
N LYS F 170 13.96 34.45 -75.16
CA LYS F 170 15.16 34.80 -75.94
C LYS F 170 15.18 36.30 -76.24
N ASP F 171 14.15 36.77 -76.95
CA ASP F 171 14.06 38.16 -77.41
C ASP F 171 13.53 39.15 -76.35
N SER F 172 12.77 38.63 -75.38
CA SER F 172 12.05 39.44 -74.39
C SER F 172 10.99 40.37 -75.01
N THR F 173 10.26 39.86 -76.00
CA THR F 173 9.23 40.62 -76.73
C THR F 173 7.88 39.96 -76.56
N TYR F 174 6.85 40.61 -77.10
CA TYR F 174 5.47 40.13 -77.05
C TYR F 174 4.97 39.74 -78.43
N SER F 175 3.73 39.30 -78.47
CA SER F 175 2.96 39.17 -79.71
C SER F 175 1.50 39.46 -79.38
N LEU F 176 0.65 39.60 -80.39
CA LEU F 176 -0.76 39.92 -80.15
C LEU F 176 -1.62 39.44 -81.30
N SER F 177 -2.79 38.90 -80.97
CA SER F 177 -3.75 38.40 -81.95
C SER F 177 -5.07 39.11 -81.80
N SER F 178 -5.32 40.13 -82.60
CA SER F 178 -6.66 40.70 -82.68
C SER F 178 -7.42 39.94 -83.74
N THR F 179 -8.46 39.22 -83.32
CA THR F 179 -9.29 38.41 -84.22
C THR F 179 -10.66 39.08 -84.39
N LEU F 180 -10.86 39.64 -85.58
CA LEU F 180 -12.08 40.34 -85.95
C LEU F 180 -13.09 39.33 -86.52
N THR F 181 -14.17 39.07 -85.78
CA THR F 181 -15.17 38.06 -86.17
C THR F 181 -16.43 38.75 -86.64
N LEU F 182 -16.93 38.35 -87.81
CA LEU F 182 -18.23 38.81 -88.30
C LEU F 182 -18.88 37.79 -89.24
N SER F 183 -20.18 37.97 -89.49
CA SER F 183 -20.94 37.07 -90.36
C SER F 183 -20.46 37.15 -91.81
N LYS F 184 -20.39 35.99 -92.47
CA LYS F 184 -20.09 35.93 -93.91
C LYS F 184 -21.00 36.85 -94.73
N ALA F 185 -22.26 37.00 -94.31
CA ALA F 185 -23.19 37.96 -94.93
C ALA F 185 -22.58 39.35 -95.01
N ASP F 186 -22.11 39.85 -93.87
CA ASP F 186 -21.45 41.17 -93.79
C ASP F 186 -20.08 41.17 -94.42
N TYR F 187 -19.37 40.03 -94.39
CA TYR F 187 -18.05 39.95 -95.00
C TYR F 187 -18.09 40.21 -96.51
N GLU F 188 -18.97 39.49 -97.21
CA GLU F 188 -19.12 39.66 -98.65
C GLU F 188 -19.72 41.01 -99.07
N LYS F 189 -20.43 41.67 -98.14
CA LYS F 189 -20.99 43.02 -98.37
C LYS F 189 -19.95 44.14 -98.50
N HIS F 190 -18.77 43.95 -97.92
CA HIS F 190 -17.71 44.96 -97.95
C HIS F 190 -16.46 44.38 -98.61
N LYS F 191 -15.48 45.23 -98.90
CA LYS F 191 -14.39 44.84 -99.79
C LYS F 191 -13.02 44.84 -99.12
N VAL F 192 -12.58 46.01 -98.65
CA VAL F 192 -11.22 46.19 -98.14
C VAL F 192 -11.20 46.17 -96.62
N TYR F 193 -10.33 45.33 -96.06
CA TYR F 193 -10.27 45.07 -94.61
C TYR F 193 -8.91 45.46 -94.10
N ALA F 194 -8.88 46.43 -93.20
CA ALA F 194 -7.63 47.03 -92.74
C ALA F 194 -7.38 46.75 -91.27
N CYS F 195 -6.10 46.66 -90.93
CA CYS F 195 -5.65 46.47 -89.57
C CYS F 195 -4.65 47.59 -89.20
N GLU F 196 -5.19 48.77 -88.85
CA GLU F 196 -4.37 49.90 -88.39
C GLU F 196 -3.78 49.58 -87.00
N VAL F 197 -2.47 49.83 -86.86
CA VAL F 197 -1.72 49.51 -85.65
C VAL F 197 -0.99 50.76 -85.14
N THR F 198 -1.44 51.27 -83.99
CA THR F 198 -0.66 52.23 -83.19
C THR F 198 0.31 51.42 -82.33
N HIS F 199 1.42 52.02 -81.94
CA HIS F 199 2.34 51.38 -80.99
C HIS F 199 3.26 52.39 -80.27
N GLN F 200 4.49 52.59 -80.77
CA GLN F 200 5.52 53.35 -80.05
C GLN F 200 6.70 53.54 -80.99
N GLY F 201 7.21 52.43 -81.50
CA GLY F 201 8.21 52.45 -82.56
C GLY F 201 7.70 52.75 -83.96
N LEU F 202 6.48 53.28 -84.08
CA LEU F 202 5.92 53.70 -85.36
C LEU F 202 5.72 55.22 -85.35
N SER F 203 6.40 55.92 -86.28
CA SER F 203 6.16 57.35 -86.49
C SER F 203 4.72 57.52 -86.98
N SER F 204 4.43 56.83 -88.09
CA SER F 204 3.09 56.74 -88.65
C SER F 204 2.50 55.38 -88.24
N PRO F 205 1.23 55.36 -87.80
CA PRO F 205 0.53 54.08 -87.60
C PRO F 205 0.47 53.21 -88.86
N VAL F 206 0.97 51.98 -88.76
CA VAL F 206 1.01 51.04 -89.89
C VAL F 206 -0.36 50.38 -90.05
N THR F 207 -0.85 50.36 -91.27
CA THR F 207 -2.07 49.63 -91.60
C THR F 207 -1.67 48.51 -92.53
N LYS F 208 -2.23 47.33 -92.29
CA LYS F 208 -2.09 46.21 -93.20
C LYS F 208 -3.48 45.87 -93.69
N SER F 209 -3.59 45.67 -94.99
CA SER F 209 -4.88 45.50 -95.61
C SER F 209 -4.89 44.35 -96.61
N PHE F 210 -6.10 43.91 -96.91
CA PHE F 210 -6.36 42.92 -97.92
C PHE F 210 -7.77 43.19 -98.45
N ASN F 211 -7.98 42.90 -99.74
CA ASN F 211 -9.29 42.98 -100.39
C ASN F 211 -9.84 41.57 -100.53
N ARG F 212 -11.16 41.43 -100.62
CA ARG F 212 -11.78 40.10 -100.63
C ARG F 212 -11.32 39.21 -101.80
N GLY F 213 -10.31 38.38 -101.53
CA GLY F 213 -9.79 37.38 -102.49
C GLY F 213 -9.41 37.90 -103.87
N GLU F 214 -8.24 38.55 -104.04
CA GLU F 214 -7.20 38.71 -103.02
C GLU F 214 -6.47 40.04 -103.18
N ASP G 2 17.54 -8.81 34.83
CA ASP G 2 17.58 -10.11 35.58
C ASP G 2 18.28 -11.22 34.79
N ASN G 3 17.70 -11.56 33.63
CA ASN G 3 18.21 -12.60 32.69
C ASN G 3 18.24 -14.02 33.21
N LEU G 4 19.37 -14.73 33.08
CA LEU G 4 19.40 -16.18 33.16
C LEU G 4 18.83 -16.85 34.42
N TRP G 5 17.99 -17.85 34.20
CA TRP G 5 17.46 -18.73 35.24
C TRP G 5 17.99 -20.11 34.93
N VAL G 6 19.05 -20.52 35.61
CA VAL G 6 19.69 -21.81 35.38
C VAL G 6 19.08 -22.83 36.34
N THR G 7 18.92 -24.06 35.88
CA THR G 7 18.31 -25.13 36.66
C THR G 7 19.05 -26.44 36.37
N VAL G 8 18.98 -27.39 37.30
CA VAL G 8 19.62 -28.71 37.11
C VAL G 8 18.57 -29.82 36.98
N TYR G 9 18.88 -30.85 36.19
CA TYR G 9 17.95 -31.98 35.95
C TYR G 9 18.65 -33.29 35.65
N TYR G 10 18.15 -34.39 36.24
CA TYR G 10 18.86 -35.68 36.26
C TYR G 10 18.16 -36.85 35.55
N GLY G 11 18.53 -37.08 34.29
CA GLY G 11 18.22 -38.32 33.54
C GLY G 11 16.80 -38.43 33.00
N VAL G 12 16.25 -37.29 32.62
CA VAL G 12 14.81 -37.11 32.50
C VAL G 12 14.62 -35.84 31.65
N PRO G 13 13.73 -35.80 30.63
CA PRO G 13 12.89 -36.89 30.14
C PRO G 13 13.46 -37.60 28.88
N VAL G 14 12.61 -38.35 28.17
CA VAL G 14 13.01 -39.01 26.90
C VAL G 14 12.65 -38.14 25.68
N TRP G 15 13.52 -38.17 24.67
CA TRP G 15 13.38 -37.29 23.51
C TRP G 15 14.03 -37.83 22.24
N LYS G 16 13.61 -37.29 21.10
CA LYS G 16 14.10 -37.68 19.77
C LYS G 16 14.79 -36.50 19.10
N ASP G 17 15.69 -36.80 18.19
CA ASP G 17 16.14 -35.80 17.22
C ASP G 17 14.97 -35.52 16.32
N ALA G 18 14.74 -34.25 16.00
CA ALA G 18 13.66 -33.88 15.10
C ALA G 18 13.89 -32.52 14.48
N ASP G 19 13.16 -32.26 13.42
CA ASP G 19 13.14 -30.96 12.79
C ASP G 19 11.73 -30.41 12.90
N THR G 20 11.63 -29.16 13.36
CA THR G 20 10.35 -28.43 13.39
C THR G 20 10.59 -26.97 13.04
N THR G 21 9.51 -26.27 12.72
CA THR G 21 9.56 -24.85 12.40
C THR G 21 9.88 -24.04 13.66
N LEU G 22 10.93 -23.25 13.60
CA LEU G 22 11.31 -22.36 14.70
C LEU G 22 10.85 -20.94 14.38
N PHE G 23 10.46 -20.20 15.41
CA PHE G 23 10.18 -18.77 15.26
C PHE G 23 11.41 -17.99 15.70
N CYS G 24 11.40 -16.68 15.51
CA CYS G 24 12.50 -15.82 15.95
C CYS G 24 12.03 -14.80 16.99
N ALA G 25 12.98 -14.26 17.75
CA ALA G 25 12.71 -13.20 18.73
C ALA G 25 13.72 -12.08 18.63
N SER G 26 13.31 -10.87 18.97
CA SER G 26 14.16 -9.70 18.81
C SER G 26 13.93 -8.66 19.91
N ASP G 27 14.93 -7.84 20.13
CA ASP G 27 14.82 -6.67 21.01
C ASP G 27 14.48 -5.46 20.16
N ALA G 28 13.49 -5.59 19.30
CA ALA G 28 13.29 -4.66 18.19
C ALA G 28 12.25 -3.61 18.54
N LYS G 29 12.45 -2.39 18.04
CA LYS G 29 11.56 -1.28 18.30
C LYS G 29 10.60 -1.06 17.13
N ALA G 30 9.29 -1.07 17.40
CA ALA G 30 8.27 -0.85 16.37
C ALA G 30 8.21 0.60 15.87
N HIS G 31 8.90 1.50 16.57
CA HIS G 31 9.08 2.89 16.16
C HIS G 31 10.39 3.15 15.38
N GLU G 32 11.20 2.13 15.18
CA GLU G 32 12.49 2.30 14.49
C GLU G 32 12.35 2.23 12.96
N THR G 33 12.91 3.22 12.27
CA THR G 33 12.91 3.28 10.81
C THR G 33 13.99 2.35 10.20
N GLU G 34 14.96 1.94 11.03
CA GLU G 34 15.99 0.99 10.60
C GLU G 34 15.36 -0.33 10.17
N VAL G 35 15.86 -0.85 9.07
CA VAL G 35 15.18 -1.91 8.31
C VAL G 35 15.14 -3.25 9.01
N HIS G 36 16.22 -3.62 9.70
CA HIS G 36 16.25 -4.84 10.50
C HIS G 36 15.20 -4.80 11.60
N ASN G 37 15.05 -3.65 12.27
CA ASN G 37 13.99 -3.45 13.27
C ASN G 37 12.60 -3.62 12.65
N VAL G 38 12.37 -3.00 11.48
CA VAL G 38 11.06 -3.05 10.82
C VAL G 38 10.68 -4.49 10.49
N TRP G 39 11.63 -5.21 9.90
CA TRP G 39 11.44 -6.64 9.66
C TRP G 39 11.24 -7.40 10.95
N ALA G 40 12.13 -7.19 11.92
CA ALA G 40 12.11 -7.97 13.15
C ALA G 40 10.82 -7.84 13.94
N THR G 41 10.28 -6.62 14.05
CA THR G 41 9.06 -6.41 14.86
C THR G 41 7.86 -7.16 14.31
N HIS G 42 7.83 -7.41 13.00
CA HIS G 42 6.73 -8.14 12.36
C HIS G 42 7.07 -9.57 11.92
N ALA G 43 8.35 -9.93 11.98
CA ALA G 43 8.81 -11.31 11.74
C ALA G 43 9.02 -12.11 13.03
N CYS G 44 9.46 -11.43 14.09
CA CYS G 44 9.88 -12.07 15.32
C CYS G 44 9.06 -11.57 16.53
N VAL G 45 8.94 -12.43 17.52
CA VAL G 45 8.29 -12.09 18.79
C VAL G 45 9.23 -11.27 19.67
N PRO G 46 8.72 -10.65 20.74
CA PRO G 46 9.61 -9.96 21.67
C PRO G 46 10.39 -10.93 22.55
N THR G 47 11.71 -10.71 22.66
CA THR G 47 12.58 -11.63 23.40
C THR G 47 12.12 -11.70 24.84
N ASP G 48 12.04 -12.92 25.37
CA ASP G 48 11.53 -13.15 26.72
C ASP G 48 12.58 -12.65 27.73
N PRO G 49 12.17 -11.76 28.68
CA PRO G 49 13.18 -11.22 29.61
C PRO G 49 13.61 -12.18 30.71
N ASN G 50 13.00 -13.37 30.79
CA ASN G 50 13.43 -14.42 31.71
C ASN G 50 13.67 -15.70 30.93
N PRO G 51 14.85 -15.81 30.29
CA PRO G 51 15.16 -17.07 29.61
C PRO G 51 15.44 -18.18 30.61
N GLN G 52 15.41 -19.41 30.11
CA GLN G 52 15.48 -20.60 30.94
C GLN G 52 16.50 -21.56 30.35
N GLU G 53 17.49 -21.91 31.16
CA GLU G 53 18.50 -22.90 30.82
C GLU G 53 18.47 -24.01 31.84
N ILE G 54 18.61 -25.25 31.36
CA ILE G 54 18.61 -26.43 32.22
C ILE G 54 19.83 -27.25 31.88
N HIS G 55 20.77 -27.31 32.83
CA HIS G 55 21.93 -28.18 32.72
C HIS G 55 21.48 -29.62 32.94
N LEU G 56 21.54 -30.41 31.87
CA LEU G 56 21.03 -31.78 31.90
C LEU G 56 22.12 -32.70 32.41
N GLU G 57 21.93 -33.19 33.63
CA GLU G 57 22.97 -33.90 34.36
C GLU G 57 23.35 -35.22 33.73
N ASN G 58 24.66 -35.43 33.61
CA ASN G 58 25.23 -36.73 33.22
C ASN G 58 24.51 -37.33 32.01
N VAL G 59 24.20 -36.45 31.06
CA VAL G 59 23.61 -36.83 29.79
C VAL G 59 24.57 -36.38 28.71
N THR G 60 24.63 -37.16 27.63
CA THR G 60 25.53 -36.87 26.51
C THR G 60 24.76 -37.04 25.19
N GLU G 61 25.03 -36.16 24.24
CA GLU G 61 24.26 -36.08 23.01
C GLU G 61 25.18 -35.77 21.82
N ASN G 62 24.88 -36.38 20.67
CA ASN G 62 25.67 -36.22 19.43
C ASN G 62 25.22 -34.98 18.68
N PHE G 63 26.17 -34.18 18.23
CA PHE G 63 25.89 -32.94 17.50
C PHE G 63 26.51 -32.99 16.11
N ASN G 64 25.90 -32.28 15.16
CA ASN G 64 26.41 -32.18 13.79
C ASN G 64 25.96 -30.86 13.18
N MET G 65 26.85 -29.88 13.18
CA MET G 65 26.54 -28.55 12.67
C MET G 65 26.21 -28.52 11.19
N TRP G 66 26.72 -29.49 10.42
CA TRP G 66 26.60 -29.48 8.96
C TRP G 66 25.30 -30.11 8.46
N LYS G 67 24.55 -30.71 9.39
CA LYS G 67 23.23 -31.26 9.13
C LYS G 67 22.33 -30.75 10.25
N ASN G 68 21.87 -29.52 10.08
CA ASN G 68 21.18 -28.79 11.15
C ASN G 68 20.15 -27.87 10.50
N ASN G 69 18.90 -28.30 10.49
CA ASN G 69 17.81 -27.56 9.82
C ASN G 69 17.59 -26.15 10.37
N MET G 70 18.10 -25.85 11.56
CA MET G 70 18.10 -24.48 12.08
C MET G 70 18.87 -23.52 11.17
N VAL G 71 19.97 -24.00 10.59
CA VAL G 71 20.78 -23.20 9.66
C VAL G 71 19.99 -22.84 8.41
N GLU G 72 19.36 -23.86 7.81
CA GLU G 72 18.48 -23.64 6.66
C GLU G 72 17.37 -22.63 6.95
N GLN G 73 16.76 -22.71 8.13
CA GLN G 73 15.64 -21.80 8.47
C GLN G 73 16.06 -20.34 8.66
N MET G 74 17.27 -20.12 9.15
CA MET G 74 17.82 -18.78 9.24
C MET G 74 18.14 -18.23 7.84
N GLN G 75 18.58 -19.10 6.93
CA GLN G 75 18.83 -18.67 5.56
C GLN G 75 17.54 -18.15 4.94
N GLU G 76 16.44 -18.88 5.15
CA GLU G 76 15.12 -18.45 4.67
C GLU G 76 14.80 -17.04 5.16
N ASP G 77 15.00 -16.81 6.46
CA ASP G 77 14.60 -15.55 7.10
C ASP G 77 15.43 -14.39 6.62
N VAL G 78 16.76 -14.55 6.61
CA VAL G 78 17.64 -13.44 6.26
C VAL G 78 17.45 -13.06 4.79
N ILE G 79 17.12 -14.03 3.95
CA ILE G 79 16.70 -13.78 2.57
C ILE G 79 15.46 -12.87 2.56
N SER G 80 14.44 -13.26 3.32
CA SER G 80 13.23 -12.44 3.48
C SER G 80 13.56 -11.05 3.97
N LEU G 81 14.44 -10.98 4.97
CA LEU G 81 14.90 -9.70 5.53
C LEU G 81 15.47 -8.78 4.44
N TRP G 82 16.37 -9.31 3.60
CA TRP G 82 16.97 -8.53 2.51
C TRP G 82 15.98 -8.18 1.42
N ASP G 83 15.19 -9.16 0.99
CA ASP G 83 14.21 -8.96 -0.08
C ASP G 83 13.21 -7.87 0.27
N GLN G 84 12.94 -7.67 1.56
CA GLN G 84 12.10 -6.57 2.05
C GLN G 84 12.86 -5.24 2.18
N SER G 85 14.05 -5.32 2.78
CA SER G 85 14.79 -4.14 3.20
C SER G 85 15.58 -3.50 2.06
N LEU G 86 16.44 -4.32 1.44
CA LEU G 86 17.33 -3.90 0.36
C LEU G 86 16.73 -4.23 -1.01
N GLN G 87 15.74 -3.45 -1.39
CA GLN G 87 15.11 -3.60 -2.70
C GLN G 87 16.06 -3.01 -3.74
N PRO G 88 16.52 -3.81 -4.72
CA PRO G 88 17.36 -3.25 -5.77
C PRO G 88 16.54 -2.52 -6.82
N CYS G 89 17.11 -1.44 -7.34
CA CYS G 89 16.49 -0.66 -8.41
C CYS G 89 16.19 -1.55 -9.61
N VAL G 90 17.20 -2.32 -10.01
CA VAL G 90 17.12 -3.28 -11.10
C VAL G 90 17.61 -4.62 -10.59
N LYS G 91 16.80 -5.65 -10.79
CA LYS G 91 17.15 -7.02 -10.40
C LYS G 91 17.19 -7.90 -11.64
N LEU G 92 18.28 -7.78 -12.40
CA LEU G 92 18.40 -8.50 -13.67
C LEU G 92 18.80 -9.96 -13.43
N THR G 93 17.80 -10.82 -13.32
CA THR G 93 17.99 -12.26 -13.29
C THR G 93 17.98 -12.81 -14.74
N GLY G 94 19.00 -12.42 -15.52
CA GLY G 94 19.28 -13.01 -16.83
C GLY G 94 18.75 -12.19 -17.99
N GLY G 95 19.08 -11.27 -18.78
CA GLY G 95 18.71 -10.49 -19.97
C GLY G 95 17.54 -9.55 -19.74
N SER G 96 16.57 -10.00 -18.93
CA SER G 96 15.53 -9.14 -18.34
C SER G 96 15.10 -9.78 -16.98
N VAL G 97 14.89 -9.10 -15.83
CA VAL G 97 14.97 -7.65 -15.43
C VAL G 97 13.66 -7.26 -14.70
N ILE G 98 13.78 -6.91 -13.42
CA ILE G 98 12.64 -6.44 -12.60
C ILE G 98 13.00 -5.08 -11.99
N LYS G 99 12.02 -4.18 -11.97
CA LYS G 99 12.19 -2.84 -11.44
C LYS G 99 11.36 -2.66 -10.17
N GLN G 100 12.01 -2.38 -9.04
CA GLN G 100 11.31 -1.92 -7.84
C GLN G 100 12.13 -0.82 -7.19
N ALA G 101 11.46 0.21 -6.67
CA ALA G 101 12.14 1.40 -6.15
C ALA G 101 13.08 1.05 -4.99
N CYS G 102 14.18 1.80 -4.93
CA CYS G 102 15.35 1.44 -4.14
C CYS G 102 15.80 2.63 -3.28
N PRO G 103 14.97 3.02 -2.30
CA PRO G 103 15.29 4.21 -1.54
C PRO G 103 16.43 3.96 -0.56
N LYS G 104 17.22 4.99 -0.28
CA LYS G 104 18.37 4.84 0.60
C LYS G 104 17.85 4.72 2.01
N ILE G 105 18.12 3.58 2.64
CA ILE G 105 17.49 3.22 3.92
C ILE G 105 18.50 3.22 5.07
N SER G 106 17.96 3.13 6.28
CA SER G 106 18.72 2.98 7.51
C SER G 106 19.02 1.49 7.73
N PHE G 107 20.31 1.14 7.84
CA PHE G 107 20.77 -0.26 7.88
C PHE G 107 21.82 -0.47 8.95
N ASP G 108 21.52 -1.34 9.90
CA ASP G 108 22.49 -1.87 10.87
C ASP G 108 21.91 -3.13 11.50
N PRO G 109 22.49 -4.30 11.21
CA PRO G 109 21.92 -5.54 11.73
C PRO G 109 21.81 -5.61 13.25
N ILE G 110 20.68 -6.14 13.72
CA ILE G 110 20.40 -6.32 15.14
C ILE G 110 20.34 -7.82 15.43
N PRO G 111 20.53 -8.24 16.70
CA PRO G 111 20.49 -9.67 16.97
C PRO G 111 19.09 -10.26 16.87
N ILE G 112 18.99 -11.47 16.31
CA ILE G 112 17.75 -12.25 16.34
C ILE G 112 18.05 -13.62 16.97
N HIS G 113 17.04 -14.15 17.65
CA HIS G 113 17.12 -15.45 18.33
C HIS G 113 16.24 -16.43 17.62
N TYR G 114 16.57 -17.72 17.73
CA TYR G 114 15.73 -18.79 17.21
C TYR G 114 15.27 -19.68 18.34
N CYS G 115 14.00 -20.05 18.28
CA CYS G 115 13.30 -20.64 19.41
C CYS G 115 12.38 -21.77 18.93
N THR G 116 12.28 -22.82 19.73
CA THR G 116 11.37 -23.92 19.44
C THR G 116 9.97 -23.57 19.93
N PRO G 117 8.95 -24.25 19.40
CA PRO G 117 7.60 -24.18 19.96
C PRO G 117 7.37 -25.22 21.08
N ALA G 118 6.12 -25.33 21.54
CA ALA G 118 5.74 -26.39 22.48
C ALA G 118 5.91 -27.75 21.82
N GLY G 119 6.35 -28.73 22.61
CA GLY G 119 6.63 -30.08 22.12
C GLY G 119 8.04 -30.29 21.59
N TYR G 120 8.85 -29.23 21.57
CA TYR G 120 10.24 -29.27 21.12
C TYR G 120 11.10 -28.40 22.02
N VAL G 121 12.40 -28.64 21.96
CA VAL G 121 13.37 -28.04 22.88
C VAL G 121 14.71 -27.97 22.19
N ILE G 122 15.46 -26.90 22.45
CA ILE G 122 16.77 -26.72 21.86
C ILE G 122 17.81 -27.17 22.86
N LEU G 123 18.54 -28.22 22.53
CA LEU G 123 19.69 -28.67 23.33
C LEU G 123 20.90 -27.86 22.93
N LYS G 124 21.83 -27.71 23.85
CA LYS G 124 22.95 -26.80 23.67
C LYS G 124 24.22 -27.48 24.14
N CYS G 125 25.21 -27.47 23.27
CA CYS G 125 26.50 -28.08 23.58
C CYS G 125 27.40 -27.02 24.19
N ASN G 126 27.69 -27.16 25.49
CA ASN G 126 28.56 -26.23 26.21
C ASN G 126 29.99 -26.78 26.35
N ASP G 127 30.27 -27.94 25.74
CA ASP G 127 31.65 -28.42 25.64
C ASP G 127 32.51 -27.34 25.02
N LYS G 128 33.41 -26.78 25.82
CA LYS G 128 33.98 -25.47 25.49
C LYS G 128 34.87 -25.43 24.24
N ASN G 129 35.55 -26.54 23.93
CA ASN G 129 36.34 -26.66 22.68
C ASN G 129 35.67 -27.56 21.65
N PHE G 130 34.33 -27.49 21.57
CA PHE G 130 33.56 -28.36 20.68
C PHE G 130 33.71 -27.90 19.24
N ASN G 131 33.99 -28.85 18.35
CA ASN G 131 34.32 -28.53 16.95
C ASN G 131 33.13 -28.47 16.01
N GLY G 132 32.02 -29.10 16.38
CA GLY G 132 30.79 -29.02 15.61
C GLY G 132 30.17 -30.35 15.29
N THR G 133 30.97 -31.42 15.31
CA THR G 133 30.47 -32.77 15.10
C THR G 133 30.99 -33.71 16.18
N GLY G 134 30.15 -34.66 16.58
CA GLY G 134 30.50 -35.68 17.57
C GLY G 134 29.71 -35.55 18.86
N PRO G 135 30.12 -36.30 19.90
CA PRO G 135 29.41 -36.25 21.17
C PRO G 135 29.77 -35.01 22.02
N CYS G 136 28.90 -34.72 22.99
CA CYS G 136 29.02 -33.55 23.85
C CYS G 136 28.61 -33.94 25.27
N LYS G 137 29.49 -33.73 26.25
CA LYS G 137 29.23 -34.14 27.64
C LYS G 137 28.41 -33.13 28.45
N ASN G 138 28.75 -31.84 28.36
CA ASN G 138 27.99 -30.80 29.05
C ASN G 138 26.83 -30.38 28.18
N VAL G 139 25.69 -31.04 28.32
CA VAL G 139 24.54 -30.64 27.53
C VAL G 139 23.66 -29.78 28.42
N SER G 140 23.09 -28.74 27.82
CA SER G 140 22.04 -27.95 28.45
C SER G 140 20.82 -27.89 27.53
N SER G 141 19.76 -27.27 28.02
CA SER G 141 18.55 -27.01 27.23
C SER G 141 18.25 -25.53 27.26
N VAL G 142 17.72 -24.98 26.17
CA VAL G 142 17.43 -23.56 26.06
C VAL G 142 16.10 -23.29 25.37
N GLN G 143 15.50 -22.16 25.73
CA GLN G 143 14.25 -21.67 25.12
C GLN G 143 14.55 -21.19 23.70
N CYS G 144 15.66 -20.45 23.59
CA CYS G 144 16.08 -19.80 22.36
C CYS G 144 17.60 -19.76 22.27
N THR G 145 18.12 -19.55 21.08
CA THR G 145 19.56 -19.37 20.89
C THR G 145 19.99 -18.00 21.39
N HIS G 146 21.31 -17.78 21.43
CA HIS G 146 21.84 -16.45 21.72
C HIS G 146 21.50 -15.48 20.58
N GLY G 147 21.61 -14.20 20.86
CA GLY G 147 21.37 -13.18 19.85
C GLY G 147 22.43 -13.24 18.76
N ILE G 148 22.02 -13.61 17.56
CA ILE G 148 22.92 -13.60 16.40
C ILE G 148 22.53 -12.42 15.52
N LYS G 149 23.50 -11.58 15.23
CA LYS G 149 23.33 -10.55 14.22
C LYS G 149 23.44 -11.26 12.87
N PRO G 150 22.42 -11.14 12.00
CA PRO G 150 22.45 -11.81 10.70
C PRO G 150 23.33 -11.04 9.71
N VAL G 151 24.62 -10.97 10.02
CA VAL G 151 25.58 -10.23 9.23
C VAL G 151 25.94 -11.13 8.05
N VAL G 152 25.85 -10.56 6.84
CA VAL G 152 26.20 -11.26 5.61
C VAL G 152 27.54 -10.76 5.12
N SER G 153 28.48 -11.70 4.91
CA SER G 153 29.81 -11.35 4.46
C SER G 153 30.51 -12.53 3.81
N THR G 154 31.64 -12.23 3.17
CA THR G 154 32.56 -13.25 2.67
C THR G 154 33.93 -13.07 3.34
N GLN G 155 34.72 -14.13 3.30
CA GLN G 155 36.07 -14.16 3.90
C GLN G 155 36.08 -14.00 5.43
N LEU G 156 35.76 -12.80 5.92
CA LEU G 156 35.73 -12.53 7.35
C LEU G 156 34.30 -12.58 7.90
N LEU G 157 34.09 -13.45 8.89
CA LEU G 157 32.88 -13.44 9.71
C LEU G 157 32.96 -12.28 10.71
N LEU G 158 31.95 -11.42 10.70
CA LEU G 158 31.95 -10.22 11.53
C LEU G 158 30.90 -10.26 12.64
N ASN G 159 31.12 -9.42 13.65
CA ASN G 159 30.14 -9.14 14.70
C ASN G 159 29.47 -10.39 15.30
N GLY G 160 30.24 -11.46 15.45
CA GLY G 160 29.73 -12.73 15.96
C GLY G 160 30.22 -13.07 17.34
N SER G 161 29.94 -14.30 17.76
CA SER G 161 30.43 -14.85 19.02
C SER G 161 31.86 -15.36 18.85
N LEU G 162 32.54 -15.52 19.98
CA LEU G 162 33.92 -15.95 20.02
C LEU G 162 34.03 -17.27 20.79
N ALA G 163 35.07 -18.03 20.49
CA ALA G 163 35.44 -19.19 21.29
C ALA G 163 35.99 -18.71 22.64
N GLU G 164 35.80 -19.56 23.64
CA GLU G 164 36.03 -19.18 25.03
C GLU G 164 37.43 -19.59 25.52
N GLU G 165 38.09 -20.45 24.75
CA GLU G 165 39.37 -21.04 25.13
C GLU G 165 40.33 -20.96 23.93
N GLU G 166 40.64 -22.10 23.31
CA GLU G 166 41.54 -22.14 22.15
C GLU G 166 40.68 -21.85 20.94
N ILE G 167 41.32 -21.76 19.78
CA ILE G 167 40.60 -21.52 18.53
C ILE G 167 40.04 -22.86 18.09
N ILE G 168 38.87 -22.83 17.46
CA ILE G 168 38.23 -24.05 16.96
C ILE G 168 38.25 -24.02 15.43
N ILE G 169 38.65 -25.14 14.83
CA ILE G 169 38.61 -25.33 13.37
C ILE G 169 37.46 -26.26 13.04
N ARG G 170 36.60 -25.83 12.12
CA ARG G 170 35.37 -26.54 11.78
C ARG G 170 35.40 -26.91 10.30
N SER G 171 35.03 -28.15 10.00
CA SER G 171 34.83 -28.59 8.62
C SER G 171 34.03 -29.88 8.61
N GLU G 172 33.14 -30.01 7.63
CA GLU G 172 32.35 -31.23 7.45
C GLU G 172 33.26 -32.44 7.22
N ASN G 173 34.33 -32.21 6.45
CA ASN G 173 35.41 -33.17 6.28
C ASN G 173 36.65 -32.36 5.94
N LEU G 174 37.53 -32.22 6.91
CA LEU G 174 38.71 -31.39 6.78
C LEU G 174 39.68 -31.88 5.69
N THR G 175 39.72 -33.20 5.47
CA THR G 175 40.56 -33.80 4.43
C THR G 175 40.02 -33.60 3.00
N ASN G 176 38.76 -33.18 2.90
CA ASN G 176 38.17 -32.75 1.63
C ASN G 176 38.42 -31.25 1.46
N ASN G 177 39.32 -30.91 0.54
CA ASN G 177 39.67 -29.50 0.27
C ASN G 177 38.51 -28.69 -0.31
N ALA G 178 37.57 -29.36 -0.97
CA ALA G 178 36.33 -28.70 -1.42
C ALA G 178 35.54 -28.14 -0.25
N LYS G 179 35.50 -28.87 0.86
CA LYS G 179 34.75 -28.42 2.04
C LYS G 179 35.36 -27.18 2.67
N THR G 180 34.49 -26.20 2.92
CA THR G 180 34.85 -24.93 3.53
C THR G 180 35.25 -25.18 4.98
N ILE G 181 36.24 -24.42 5.43
CA ILE G 181 36.76 -24.54 6.78
C ILE G 181 36.50 -23.21 7.49
N ILE G 182 35.72 -23.28 8.57
CA ILE G 182 35.40 -22.09 9.39
C ILE G 182 36.41 -22.01 10.51
N VAL G 183 36.97 -20.84 10.72
CA VAL G 183 37.89 -20.60 11.83
C VAL G 183 37.12 -19.77 12.84
N HIS G 184 37.13 -20.19 14.11
CA HIS G 184 36.38 -19.53 15.17
C HIS G 184 37.36 -18.93 16.15
N LEU G 185 37.48 -17.61 16.13
CA LEU G 185 38.54 -16.91 16.87
C LEU G 185 38.21 -16.79 18.36
N ASN G 186 39.20 -16.99 19.22
CA ASN G 186 38.95 -16.79 20.65
C ASN G 186 39.08 -15.35 21.07
N LYS G 187 39.70 -14.52 20.24
CA LYS G 187 39.86 -13.08 20.51
C LYS G 187 39.72 -12.31 19.21
N SER G 188 38.80 -11.35 19.19
CA SER G 188 38.44 -10.63 17.97
C SER G 188 39.41 -9.50 17.66
N VAL G 189 39.30 -8.98 16.45
CA VAL G 189 40.03 -7.79 16.03
C VAL G 189 39.09 -6.83 15.33
N GLU G 190 39.15 -5.55 15.72
CA GLU G 190 38.36 -4.51 15.08
C GLU G 190 38.86 -4.25 13.66
N ILE G 191 37.94 -4.34 12.70
CA ILE G 191 38.16 -3.89 11.33
C ILE G 191 37.27 -2.66 11.16
N ASN G 192 37.90 -1.52 10.84
CA ASN G 192 37.25 -0.23 10.83
C ASN G 192 37.30 0.33 9.41
N CYS G 193 36.16 0.27 8.72
CA CYS G 193 36.06 0.64 7.31
C CYS G 193 35.26 1.93 7.14
N THR G 194 35.83 2.87 6.39
CA THR G 194 35.31 4.24 6.30
C THR G 194 35.40 4.79 4.88
N ARG G 195 34.28 5.28 4.36
CA ARG G 195 34.25 6.12 3.16
C ARG G 195 34.08 7.57 3.65
N PRO G 196 35.15 8.37 3.59
CA PRO G 196 35.10 9.73 4.15
C PRO G 196 34.36 10.72 3.26
N SER G 197 34.24 11.95 3.73
CA SER G 197 33.52 13.00 3.01
C SER G 197 34.49 13.80 2.13
N ASN G 198 34.05 14.09 0.89
CA ASN G 198 34.63 15.15 0.04
C ASN G 198 36.13 15.07 -0.29
N GLY G 199 36.64 16.09 -0.99
CA GLY G 199 38.09 16.23 -1.25
C GLY G 199 38.39 17.17 -2.39
N GLY G 205 38.21 13.34 -3.70
CA GLY G 205 37.24 12.53 -2.98
C GLY G 205 36.31 11.73 -3.87
N ASP G 206 36.90 10.87 -4.71
CA ASP G 206 36.17 9.82 -5.45
C ASP G 206 35.24 9.08 -4.48
N ILE G 207 33.94 9.22 -4.70
CA ILE G 207 32.93 8.84 -3.70
C ILE G 207 32.76 7.34 -3.48
N ARG G 208 33.23 6.51 -4.39
CA ARG G 208 33.23 5.06 -4.20
C ARG G 208 34.50 4.53 -3.52
N LYS G 209 35.58 5.33 -3.49
CA LYS G 209 36.82 4.95 -2.82
C LYS G 209 36.70 4.99 -1.30
N ALA G 210 36.78 3.81 -0.68
CA ALA G 210 36.82 3.67 0.77
C ALA G 210 38.02 2.81 1.18
N TYR G 211 38.14 2.51 2.47
CA TYR G 211 39.24 1.70 2.99
C TYR G 211 38.93 1.17 4.39
N CYS G 212 39.62 0.10 4.77
CA CYS G 212 39.54 -0.47 6.12
C CYS G 212 40.85 -0.32 6.85
N GLU G 213 40.77 0.01 8.14
CA GLU G 213 41.92 0.13 9.03
C GLU G 213 41.90 -1.01 10.03
N ILE G 214 43.05 -1.66 10.21
CA ILE G 214 43.20 -2.72 11.21
C ILE G 214 44.57 -2.60 11.86
N ASN G 215 44.62 -2.80 13.18
CA ASN G 215 45.87 -2.76 13.93
C ASN G 215 46.67 -4.04 13.61
N GLY G 216 47.84 -3.86 13.00
CA GLY G 216 48.63 -4.98 12.50
C GLY G 216 49.05 -5.99 13.56
N THR G 217 49.47 -5.49 14.72
CA THR G 217 49.99 -6.36 15.80
C THR G 217 48.92 -7.36 16.23
N LYS G 218 47.73 -6.85 16.53
CA LYS G 218 46.61 -7.69 16.95
C LYS G 218 46.26 -8.72 15.91
N TRP G 219 46.20 -8.30 14.65
CA TRP G 219 45.76 -9.17 13.56
C TRP G 219 46.71 -10.37 13.37
N ASN G 220 47.96 -10.06 13.07
CA ASN G 220 48.98 -11.10 12.83
C ASN G 220 49.11 -12.05 14.03
N LYS G 221 48.92 -11.53 15.24
CA LYS G 221 48.91 -12.35 16.45
C LYS G 221 47.82 -13.40 16.41
N VAL G 222 46.59 -12.97 16.14
CA VAL G 222 45.46 -13.90 16.03
C VAL G 222 45.70 -14.84 14.83
N LEU G 223 46.27 -14.29 13.76
CA LEU G 223 46.56 -15.07 12.56
C LEU G 223 47.63 -16.14 12.83
N LYS G 224 48.68 -15.77 13.56
CA LYS G 224 49.79 -16.68 13.86
C LYS G 224 49.34 -17.87 14.73
N GLN G 225 48.37 -17.63 15.61
CA GLN G 225 47.73 -18.69 16.39
C GLN G 225 46.84 -19.56 15.49
N VAL G 226 46.14 -18.91 14.55
CA VAL G 226 45.36 -19.64 13.54
C VAL G 226 46.24 -20.61 12.76
N THR G 227 47.47 -20.19 12.42
CA THR G 227 48.39 -21.07 11.68
C THR G 227 48.71 -22.35 12.44
N GLU G 228 48.73 -22.27 13.77
CA GLU G 228 49.19 -23.38 14.60
C GLU G 228 48.06 -24.34 14.99
N LYS G 229 46.86 -23.82 15.19
CA LYS G 229 45.68 -24.69 15.30
C LYS G 229 45.48 -25.49 14.03
N LEU G 230 45.81 -24.89 12.88
CA LEU G 230 45.81 -25.60 11.61
C LEU G 230 46.94 -26.62 11.55
N LYS G 231 48.13 -26.25 12.02
CA LYS G 231 49.25 -27.19 12.14
C LYS G 231 48.86 -28.46 12.93
N GLU G 232 48.00 -28.30 13.93
CA GLU G 232 47.56 -29.43 14.75
C GLU G 232 46.79 -30.47 13.93
N HIS G 233 45.89 -30.00 13.06
CA HIS G 233 45.11 -30.87 12.19
C HIS G 233 45.83 -31.32 10.92
N PHE G 234 46.91 -30.63 10.55
CA PHE G 234 47.66 -30.99 9.34
C PHE G 234 49.10 -31.38 9.65
N ASN G 235 49.25 -32.40 10.49
CA ASN G 235 50.52 -33.10 10.67
C ASN G 235 51.73 -32.18 10.93
N ASN G 236 51.47 -31.01 11.51
CA ASN G 236 52.49 -29.99 11.77
C ASN G 236 53.27 -29.62 10.49
N LYS G 237 52.74 -29.41 9.37
CA LYS G 237 53.21 -28.88 8.09
C LYS G 237 53.17 -27.36 8.10
N THR G 238 54.08 -26.72 7.38
CA THR G 238 54.03 -25.26 7.19
C THR G 238 52.68 -24.83 6.60
N ILE G 239 52.21 -23.66 7.04
CA ILE G 239 50.89 -23.16 6.66
C ILE G 239 51.06 -21.91 5.82
N ILE G 240 50.50 -21.95 4.62
CA ILE G 240 50.66 -20.91 3.60
C ILE G 240 49.34 -20.19 3.41
N PHE G 241 49.40 -18.86 3.33
CA PHE G 241 48.23 -18.06 2.98
C PHE G 241 48.47 -17.38 1.65
N GLN G 242 47.41 -17.35 0.83
CA GLN G 242 47.46 -16.77 -0.49
C GLN G 242 46.15 -16.05 -0.80
N PRO G 243 46.17 -15.12 -1.78
CA PRO G 243 44.91 -14.56 -2.26
C PRO G 243 43.97 -15.62 -2.84
N PRO G 244 42.67 -15.31 -2.96
CA PRO G 244 41.75 -16.24 -3.62
C PRO G 244 42.11 -16.43 -5.09
N SER G 245 42.18 -17.68 -5.55
CA SER G 245 42.69 -18.01 -6.89
C SER G 245 42.06 -17.17 -8.02
N GLY G 246 40.78 -16.83 -7.84
CA GLY G 246 40.05 -15.95 -8.77
C GLY G 246 38.56 -16.23 -8.71
N GLY G 247 37.78 -15.44 -9.43
CA GLY G 247 36.33 -15.60 -9.45
C GLY G 247 35.59 -14.29 -9.31
N ASP G 248 34.35 -14.36 -8.82
CA ASP G 248 33.53 -13.17 -8.60
C ASP G 248 34.19 -12.21 -7.61
N LEU G 249 34.01 -10.91 -7.83
CA LEU G 249 34.52 -9.90 -6.89
C LEU G 249 33.95 -10.02 -5.46
N GLU G 250 32.80 -10.66 -5.31
CA GLU G 250 32.18 -10.84 -3.99
C GLU G 250 33.01 -11.74 -3.06
N ILE G 251 33.68 -12.74 -3.60
CA ILE G 251 34.42 -13.71 -2.78
C ILE G 251 35.94 -13.66 -2.93
N THR G 252 36.44 -12.97 -3.97
CA THR G 252 37.86 -12.64 -4.06
C THR G 252 38.22 -11.49 -3.13
N MET G 253 37.21 -10.72 -2.71
CA MET G 253 37.38 -9.66 -1.73
C MET G 253 36.50 -9.91 -0.52
N HIS G 254 36.74 -9.16 0.55
CA HIS G 254 35.86 -9.13 1.70
C HIS G 254 34.66 -8.28 1.30
N SER G 255 33.57 -8.94 0.94
CA SER G 255 32.33 -8.25 0.61
C SER G 255 31.38 -8.28 1.81
N PHE G 256 30.70 -7.15 2.03
CA PHE G 256 29.79 -6.96 3.15
C PHE G 256 29.02 -5.67 2.93
N ASN G 257 27.96 -5.49 3.70
CA ASN G 257 27.20 -4.23 3.69
C ASN G 257 27.43 -3.44 4.97
N CYS G 258 27.67 -2.15 4.79
CA CYS G 258 27.87 -1.19 5.87
C CYS G 258 26.94 0.00 5.65
N ARG G 259 25.87 0.08 6.46
CA ARG G 259 24.88 1.16 6.36
C ARG G 259 24.27 1.25 4.94
N GLY G 260 23.81 0.11 4.44
CA GLY G 260 23.14 0.06 3.15
C GLY G 260 24.06 -0.11 1.97
N GLU G 261 25.25 0.49 2.04
CA GLU G 261 26.19 0.44 0.93
C GLU G 261 26.96 -0.89 0.94
N PHE G 262 27.35 -1.32 -0.25
CA PHE G 262 28.07 -2.57 -0.45
C PHE G 262 29.56 -2.31 -0.58
N PHE G 263 30.33 -2.84 0.36
CA PHE G 263 31.78 -2.67 0.36
C PHE G 263 32.48 -3.95 -0.15
N TYR G 264 33.54 -3.74 -0.91
CA TYR G 264 34.39 -4.82 -1.40
C TYR G 264 35.81 -4.40 -1.05
N CYS G 265 36.49 -5.22 -0.25
CA CYS G 265 37.79 -4.83 0.31
C CYS G 265 38.90 -5.83 0.03
N ASN G 266 40.02 -5.32 -0.46
CA ASN G 266 41.15 -6.12 -0.91
C ASN G 266 41.95 -6.63 0.30
N THR G 267 41.83 -7.92 0.58
CA THR G 267 42.40 -8.52 1.78
C THR G 267 43.72 -9.25 1.53
N THR G 268 44.50 -8.84 0.54
CA THR G 268 45.79 -9.49 0.28
C THR G 268 46.87 -8.96 1.23
N GLN G 269 46.69 -7.75 1.75
CA GLN G 269 47.56 -7.22 2.82
C GLN G 269 47.28 -7.86 4.18
N LEU G 270 46.06 -8.38 4.38
CA LEU G 270 45.68 -9.09 5.60
C LEU G 270 46.46 -10.38 5.77
N PHE G 271 46.32 -11.26 4.78
CA PHE G 271 46.89 -12.59 4.84
C PHE G 271 48.30 -12.56 4.27
N ASN G 272 49.22 -12.03 5.07
CA ASN G 272 50.59 -11.73 4.65
C ASN G 272 51.55 -12.66 5.39
N ASN G 273 52.24 -13.50 4.62
CA ASN G 273 53.14 -14.51 5.21
C ASN G 273 54.44 -13.94 5.79
N THR G 274 54.82 -12.72 5.40
CA THR G 274 56.07 -12.10 5.87
C THR G 274 56.05 -11.86 7.39
N CYS G 275 54.90 -11.41 7.90
CA CYS G 275 54.74 -11.04 9.31
C CYS G 275 54.62 -12.25 10.22
N ILE G 276 53.79 -13.20 9.80
CA ILE G 276 53.49 -14.39 10.59
C ILE G 276 54.48 -15.51 10.24
N MET G 281 60.86 -10.55 8.79
CA MET G 281 59.88 -10.12 9.79
C MET G 281 59.66 -8.60 9.77
N LYS G 282 58.97 -8.13 10.80
CA LYS G 282 58.98 -6.74 11.32
C LYS G 282 59.28 -5.58 10.36
N GLY G 283 58.42 -4.56 10.47
CA GLY G 283 58.06 -3.72 9.34
C GLY G 283 56.54 -3.81 9.22
N CYS G 284 55.97 -4.92 9.71
CA CYS G 284 54.52 -5.08 9.85
C CYS G 284 54.04 -4.26 11.08
N ASN G 285 53.28 -4.86 11.99
CA ASN G 285 52.97 -4.28 13.32
C ASN G 285 52.10 -2.99 13.30
N GLY G 286 52.47 -2.01 12.48
CA GLY G 286 51.67 -0.81 12.27
C GLY G 286 50.29 -1.04 11.65
N THR G 287 49.63 0.06 11.29
CA THR G 287 48.27 0.03 10.77
C THR G 287 48.24 -0.63 9.39
N ILE G 288 47.20 -1.44 9.13
CA ILE G 288 46.97 -2.04 7.81
C ILE G 288 45.78 -1.31 7.17
N THR G 289 45.98 -0.84 5.93
CA THR G 289 44.99 -0.04 5.21
C THR G 289 44.57 -0.79 3.93
N LEU G 290 43.45 -1.51 4.00
CA LEU G 290 42.95 -2.31 2.88
C LEU G 290 42.14 -1.40 1.96
N PRO G 291 42.48 -1.36 0.65
CA PRO G 291 41.73 -0.48 -0.25
C PRO G 291 40.39 -1.08 -0.62
N CYS G 292 39.34 -0.26 -0.63
CA CYS G 292 37.98 -0.73 -0.94
C CYS G 292 37.28 0.17 -1.95
N LYS G 293 36.24 -0.37 -2.57
CA LYS G 293 35.35 0.40 -3.43
C LYS G 293 33.90 0.04 -3.11
N ILE G 294 33.03 1.06 -3.04
CA ILE G 294 31.60 0.83 -2.87
C ILE G 294 31.04 0.57 -4.25
N LYS G 295 30.39 -0.58 -4.43
CA LYS G 295 29.83 -0.94 -5.72
C LYS G 295 28.31 -0.87 -5.70
N GLN G 296 27.75 -0.49 -6.85
CA GLN G 296 26.30 -0.44 -7.06
C GLN G 296 25.76 -1.71 -7.73
N ILE G 297 26.49 -2.20 -8.73
CA ILE G 297 26.12 -3.40 -9.46
C ILE G 297 26.84 -4.58 -8.80
N ILE G 298 26.07 -5.52 -8.23
CA ILE G 298 26.61 -6.67 -7.49
C ILE G 298 25.99 -7.96 -7.98
N ASN G 299 26.49 -9.07 -7.46
CA ASN G 299 25.82 -10.37 -7.59
C ASN G 299 25.11 -10.64 -6.30
N MET G 300 23.86 -11.09 -6.39
CA MET G 300 23.06 -11.37 -5.21
C MET G 300 23.52 -12.68 -4.59
N TRP G 301 23.55 -12.73 -3.25
CA TRP G 301 23.78 -13.99 -2.53
C TRP G 301 22.49 -14.81 -2.36
N GLN G 302 21.33 -14.15 -2.43
CA GLN G 302 20.05 -14.78 -2.09
C GLN G 302 19.71 -15.86 -3.13
N GLY G 303 19.58 -15.42 -4.38
CA GLY G 303 19.44 -16.30 -5.55
C GLY G 303 20.43 -15.85 -6.61
N THR G 304 20.62 -16.67 -7.63
CA THR G 304 21.54 -16.33 -8.71
C THR G 304 20.99 -15.11 -9.48
N GLY G 305 21.88 -14.22 -9.91
CA GLY G 305 21.49 -13.00 -10.62
C GLY G 305 22.22 -11.79 -10.10
N GLN G 306 22.22 -10.72 -10.89
CA GLN G 306 22.83 -9.45 -10.52
C GLN G 306 21.74 -8.46 -10.11
N ALA G 307 22.12 -7.49 -9.27
CA ALA G 307 21.23 -6.42 -8.83
C ALA G 307 21.96 -5.09 -8.89
N MET G 308 21.22 -4.00 -9.12
CA MET G 308 21.78 -2.64 -9.11
C MET G 308 21.10 -1.79 -8.05
N TYR G 309 21.90 -1.17 -7.18
CA TYR G 309 21.43 -0.25 -6.14
C TYR G 309 21.89 1.17 -6.50
N ALA G 310 21.35 2.18 -5.81
CA ALA G 310 21.60 3.59 -6.14
C ALA G 310 22.93 4.08 -5.55
N PRO G 311 23.51 5.18 -6.10
CA PRO G 311 24.83 5.65 -5.63
C PRO G 311 24.92 5.88 -4.11
N PRO G 312 26.14 5.88 -3.56
CA PRO G 312 26.31 5.97 -2.11
C PRO G 312 25.89 7.31 -1.50
N ILE G 313 25.34 7.24 -0.28
CA ILE G 313 24.99 8.44 0.50
C ILE G 313 26.21 9.31 0.79
N ASP G 314 25.96 10.58 1.05
CA ASP G 314 27.03 11.57 1.24
C ASP G 314 27.56 11.56 2.68
N GLY G 315 28.61 12.36 2.91
CA GLY G 315 29.24 12.47 4.22
C GLY G 315 30.10 11.25 4.51
N LYS G 316 30.11 10.83 5.77
CA LYS G 316 30.91 9.69 6.23
C LYS G 316 30.06 8.43 6.33
N ILE G 317 30.49 7.38 5.63
CA ILE G 317 29.99 6.03 5.87
C ILE G 317 31.08 5.29 6.62
N ASN G 318 30.74 4.76 7.80
CA ASN G 318 31.71 4.08 8.66
C ASN G 318 31.12 2.91 9.44
N CYS G 319 31.91 1.86 9.59
CA CYS G 319 31.53 0.67 10.35
C CYS G 319 32.76 0.10 11.04
N VAL G 320 32.71 0.02 12.36
CA VAL G 320 33.74 -0.68 13.12
C VAL G 320 33.15 -2.01 13.54
N SER G 321 33.79 -3.10 13.12
CA SER G 321 33.26 -4.45 13.30
C SER G 321 34.34 -5.36 13.90
N ASN G 322 33.93 -6.35 14.68
CA ASN G 322 34.85 -7.34 15.22
C ASN G 322 34.89 -8.52 14.29
N ILE G 323 36.08 -8.89 13.82
CA ILE G 323 36.26 -10.13 13.09
C ILE G 323 36.29 -11.22 14.15
N THR G 324 35.31 -12.12 14.10
CA THR G 324 35.22 -13.24 15.05
C THR G 324 35.31 -14.58 14.35
N GLY G 325 35.79 -14.58 13.11
CA GLY G 325 35.88 -15.81 12.33
C GLY G 325 36.45 -15.57 10.95
N ILE G 326 37.14 -16.58 10.41
CA ILE G 326 37.71 -16.54 9.06
C ILE G 326 37.18 -17.73 8.28
N LEU G 327 36.73 -17.48 7.06
CA LEU G 327 36.28 -18.52 6.16
C LEU G 327 37.44 -18.83 5.22
N LEU G 328 37.97 -20.05 5.30
CA LEU G 328 39.13 -20.45 4.51
C LEU G 328 38.81 -21.63 3.62
N THR G 329 39.63 -21.80 2.57
CA THR G 329 39.55 -22.96 1.68
C THR G 329 40.94 -23.51 1.44
N ARG G 330 41.03 -24.84 1.45
CA ARG G 330 42.30 -25.55 1.31
C ARG G 330 42.59 -25.93 -0.15
N ASP G 331 43.87 -25.96 -0.49
CA ASP G 331 44.30 -26.33 -1.86
C ASP G 331 44.44 -27.84 -2.02
N GLY G 332 45.43 -28.41 -1.35
CA GLY G 332 45.82 -29.78 -1.59
C GLY G 332 46.20 -29.98 -3.06
N GLY G 333 47.22 -29.28 -3.57
CA GLY G 333 48.33 -28.69 -2.80
C GLY G 333 49.10 -29.50 -1.74
N ALA G 334 49.28 -30.81 -1.88
CA ALA G 334 49.21 -31.57 -3.13
C ALA G 334 49.02 -33.05 -2.80
N ASN G 335 47.99 -33.29 -1.99
CA ASN G 335 47.76 -34.56 -1.28
C ASN G 335 49.08 -35.14 -0.68
N ASN G 336 50.11 -34.29 -0.60
CA ASN G 336 51.47 -34.63 -0.18
C ASN G 336 52.39 -33.45 -0.55
N THR G 337 53.20 -33.02 0.42
CA THR G 337 54.25 -31.96 0.31
C THR G 337 54.52 -31.49 1.74
N SER G 338 55.63 -30.78 1.95
CA SER G 338 55.86 -30.02 3.19
C SER G 338 54.78 -28.95 3.52
N ASN G 339 54.10 -28.40 2.50
CA ASN G 339 53.23 -27.23 2.68
C ASN G 339 51.74 -27.55 2.60
N GLU G 340 50.95 -26.68 3.24
CA GLU G 340 49.49 -26.62 3.07
C GLU G 340 49.06 -25.16 2.86
N THR G 341 48.09 -24.96 1.97
CA THR G 341 47.79 -23.64 1.43
C THR G 341 46.31 -23.32 1.64
N PHE G 342 46.05 -22.17 2.27
CA PHE G 342 44.70 -21.73 2.56
C PHE G 342 44.45 -20.35 1.96
N ARG G 343 43.23 -20.14 1.47
CA ARG G 343 42.86 -18.89 0.84
C ARG G 343 41.57 -18.38 1.48
N PRO G 344 41.39 -17.04 1.55
CA PRO G 344 40.08 -16.53 1.98
C PRO G 344 38.98 -17.07 1.09
N GLY G 345 37.94 -17.60 1.70
CA GLY G 345 36.85 -18.25 0.98
C GLY G 345 35.53 -17.71 1.47
N GLY G 346 34.55 -18.61 1.56
CA GLY G 346 33.20 -18.25 1.94
C GLY G 346 32.41 -18.12 0.66
N GLY G 347 31.36 -17.31 0.70
CA GLY G 347 30.41 -17.19 -0.41
C GLY G 347 29.09 -17.87 -0.09
N ASN G 348 29.15 -19.02 0.59
CA ASN G 348 27.95 -19.67 1.11
C ASN G 348 27.56 -19.02 2.43
N ILE G 349 26.42 -18.37 2.45
CA ILE G 349 25.98 -17.59 3.60
C ILE G 349 25.35 -18.51 4.67
N LYS G 350 25.02 -19.75 4.31
CA LYS G 350 24.62 -20.77 5.29
C LYS G 350 25.74 -21.07 6.27
N ASP G 351 26.99 -21.00 5.82
CA ASP G 351 28.14 -21.19 6.70
C ASP G 351 28.17 -20.14 7.79
N ASN G 352 27.85 -18.89 7.44
CA ASN G 352 27.82 -17.81 8.44
C ASN G 352 26.91 -18.18 9.62
N TRP G 353 25.72 -18.68 9.30
CA TRP G 353 24.75 -19.07 10.34
C TRP G 353 25.22 -20.30 11.12
N ARG G 354 26.05 -21.14 10.48
CA ARG G 354 26.69 -22.26 11.17
C ARG G 354 27.71 -21.80 12.18
N SER G 355 28.46 -20.74 11.86
CA SER G 355 29.43 -20.19 12.81
C SER G 355 28.81 -19.80 14.16
N GLU G 356 27.49 -19.65 14.21
CA GLU G 356 26.77 -19.36 15.46
C GLU G 356 25.84 -20.49 15.96
N LEU G 357 25.11 -21.13 15.04
CA LEU G 357 24.19 -22.20 15.41
C LEU G 357 24.84 -23.58 15.63
N TYR G 358 26.15 -23.70 15.39
CA TYR G 358 26.91 -24.95 15.60
C TYR G 358 26.61 -25.67 16.93
N LYS G 359 26.50 -24.90 18.00
CA LYS G 359 26.35 -25.44 19.36
C LYS G 359 24.91 -25.79 19.72
N TYR G 360 23.99 -25.74 18.77
CA TYR G 360 22.57 -25.95 19.08
C TYR G 360 21.97 -27.07 18.23
N LYS G 361 20.81 -27.54 18.67
CA LYS G 361 20.21 -28.76 18.17
C LYS G 361 18.75 -28.84 18.63
N VAL G 362 17.83 -29.11 17.70
CA VAL G 362 16.42 -29.26 18.02
C VAL G 362 16.11 -30.73 18.28
N VAL G 363 15.13 -30.95 19.15
CA VAL G 363 14.80 -32.26 19.68
C VAL G 363 13.32 -32.26 20.11
N GLN G 364 12.65 -33.41 19.95
CA GLN G 364 11.22 -33.54 20.23
C GLN G 364 10.98 -34.38 21.48
N ILE G 365 9.96 -34.04 22.26
CA ILE G 365 9.67 -34.72 23.53
C ILE G 365 8.74 -35.91 23.28
N GLU G 366 8.85 -36.95 24.10
CA GLU G 366 8.22 -38.29 23.94
C GLU G 366 9.05 -39.15 22.99
N ASN H 2 25.46 -20.14 -11.36
CA ASN H 2 25.54 -20.46 -12.82
C ASN H 2 26.88 -21.15 -13.06
N LEU H 3 26.90 -22.48 -12.93
CA LEU H 3 28.16 -23.24 -12.97
C LEU H 3 28.86 -23.21 -14.33
N HIS H 4 28.13 -23.58 -15.39
N HIS H 4 28.10 -23.55 -15.37
CA HIS H 4 28.70 -23.60 -16.74
CA HIS H 4 28.57 -23.58 -16.76
C HIS H 4 29.43 -22.30 -17.01
C HIS H 4 29.32 -22.31 -17.16
N PHE H 5 28.71 -21.18 -16.85
CA PHE H 5 29.31 -19.84 -16.98
C PHE H 5 30.62 -19.82 -16.19
N CYS H 6 30.55 -20.28 -14.94
CA CYS H 6 31.69 -20.25 -14.03
C CYS H 6 32.90 -21.06 -14.50
N GLN H 7 32.69 -22.34 -14.79
CA GLN H 7 33.76 -23.21 -15.30
C GLN H 7 34.43 -22.60 -16.52
N LEU H 8 33.61 -22.07 -17.42
CA LEU H 8 34.09 -21.47 -18.68
C LEU H 8 34.79 -20.13 -18.45
N ARG H 9 34.29 -19.34 -17.49
CA ARG H 9 34.88 -18.04 -17.15
C ARG H 9 36.24 -18.20 -16.47
N CYS H 10 36.33 -19.16 -15.54
CA CYS H 10 37.59 -19.53 -14.91
C CYS H 10 38.59 -20.11 -15.91
N LYS H 11 38.10 -20.90 -16.87
CA LYS H 11 38.95 -21.47 -17.93
C LYS H 11 39.80 -20.42 -18.64
N SER H 12 39.23 -19.24 -18.90
CA SER H 12 39.98 -18.12 -19.49
C SER H 12 41.14 -17.60 -18.63
N LEU H 13 41.06 -17.82 -17.31
CA LEU H 13 42.19 -17.55 -16.40
C LEU H 13 43.07 -18.79 -16.15
N GLY H 14 42.77 -19.90 -16.85
CA GLY H 14 43.55 -21.13 -16.77
C GLY H 14 43.18 -22.03 -15.61
N LEU H 15 41.94 -21.93 -15.13
CA LEU H 15 41.53 -22.52 -13.85
C LEU H 15 40.23 -23.29 -13.99
N LEU H 16 40.02 -24.25 -13.10
CA LEU H 16 38.72 -24.94 -12.98
C LEU H 16 37.78 -24.09 -12.13
N GLY H 17 36.48 -24.25 -12.35
CA GLY H 17 35.46 -23.43 -11.70
C GLY H 17 34.58 -24.21 -10.75
N ARG H 18 34.22 -23.57 -9.63
CA ARG H 18 33.38 -24.16 -8.59
C ARG H 18 32.33 -23.15 -8.16
N CYS H 19 31.14 -23.66 -7.85
CA CYS H 19 30.09 -22.79 -7.30
C CYS H 19 30.39 -22.58 -5.82
N ALA H 20 30.29 -21.34 -5.36
CA ALA H 20 30.33 -21.06 -3.94
C ALA H 20 28.95 -20.47 -3.64
N THR H 22 25.76 -18.92 -4.52
CA THR H 22 25.41 -18.31 -5.81
C THR H 22 26.69 -17.83 -6.50
N CYS H 24 30.95 -17.73 -7.98
CA CYS H 24 31.92 -18.42 -8.86
C CYS H 24 33.30 -18.28 -8.27
N ALA H 25 33.84 -19.38 -7.74
CA ALA H 25 35.22 -19.45 -7.30
C ALA H 25 36.03 -20.22 -8.34
N CYS H 26 37.23 -19.74 -8.63
CA CYS H 26 38.15 -20.46 -9.49
C CYS H 26 39.19 -21.16 -8.63
N VAL H 27 39.63 -22.35 -9.06
CA VAL H 27 40.70 -23.10 -8.38
C VAL H 27 41.42 -24.04 -9.36
N GLU I 1 -5.51 4.53 3.43
CA GLU I 1 -6.25 4.25 4.70
C GLU I 1 -6.62 2.76 4.79
N VAL I 2 -6.28 2.15 5.91
CA VAL I 2 -6.31 0.70 6.05
C VAL I 2 -7.76 0.19 6.08
N GLN I 3 -8.04 -0.83 5.28
CA GLN I 3 -9.29 -1.58 5.38
C GLN I 3 -8.96 -3.04 5.52
N LEU I 4 -9.85 -3.77 6.18
CA LEU I 4 -9.75 -5.21 6.29
C LEU I 4 -11.17 -5.76 6.20
N VAL I 5 -11.46 -6.54 5.16
CA VAL I 5 -12.80 -7.09 4.93
C VAL I 5 -12.74 -8.59 5.18
N GLU I 6 -13.48 -9.05 6.19
CA GLU I 6 -13.57 -10.48 6.46
C GLU I 6 -14.66 -11.11 5.62
N SER I 7 -14.60 -12.42 5.52
CA SER I 7 -15.59 -13.20 4.79
C SER I 7 -15.42 -14.67 5.13
N GLY I 8 -16.41 -15.48 4.75
CA GLY I 8 -16.37 -16.94 4.95
C GLY I 8 -17.29 -17.50 6.03
N GLY I 9 -17.96 -16.62 6.77
CA GLY I 9 -18.83 -17.04 7.87
C GLY I 9 -20.13 -17.70 7.45
N GLY I 10 -21.01 -17.92 8.44
CA GLY I 10 -22.30 -18.60 8.24
C GLY I 10 -22.54 -19.65 9.31
N LEU I 11 -23.44 -20.59 9.01
CA LEU I 11 -23.84 -21.64 9.96
C LEU I 11 -23.29 -23.01 9.53
N VAL I 12 -22.37 -23.54 10.32
CA VAL I 12 -21.82 -24.90 10.15
C VAL I 12 -22.36 -25.72 11.32
N GLN I 13 -22.16 -27.03 11.32
CA GLN I 13 -22.50 -27.83 12.49
C GLN I 13 -21.41 -28.86 12.82
N PRO I 14 -21.25 -29.18 14.13
CA PRO I 14 -20.10 -29.86 14.75
C PRO I 14 -19.27 -30.81 13.88
N GLY I 15 -17.94 -30.66 13.93
CA GLY I 15 -17.04 -31.48 13.13
C GLY I 15 -16.83 -31.04 11.69
N GLY I 16 -17.68 -30.14 11.19
CA GLY I 16 -17.58 -29.62 9.81
C GLY I 16 -16.41 -28.68 9.61
N SER I 17 -16.51 -27.78 8.64
CA SER I 17 -15.40 -26.89 8.29
C SER I 17 -15.80 -25.54 7.73
N LEU I 18 -14.84 -24.61 7.72
CA LEU I 18 -14.93 -23.35 6.98
C LEU I 18 -13.55 -22.80 6.65
N ARG I 19 -13.49 -21.97 5.62
CA ARG I 19 -12.34 -21.09 5.33
C ARG I 19 -12.83 -19.64 5.44
N LEU I 20 -12.03 -18.80 6.11
CA LEU I 20 -12.30 -17.37 6.18
C LEU I 20 -11.23 -16.60 5.41
N SER I 21 -11.60 -15.46 4.85
CA SER I 21 -10.67 -14.61 4.10
C SER I 21 -10.71 -13.20 4.64
N CYS I 22 -9.57 -12.51 4.55
CA CYS I 22 -9.47 -11.11 4.93
C CYS I 22 -8.76 -10.33 3.84
N ALA I 23 -9.51 -9.51 3.10
CA ALA I 23 -8.92 -8.68 2.04
C ALA I 23 -8.17 -7.50 2.67
N ALA I 24 -6.89 -7.35 2.35
CA ALA I 24 -6.09 -6.24 2.82
C ALA I 24 -5.99 -5.13 1.77
N SER I 25 -5.93 -3.90 2.25
CA SER I 25 -5.78 -2.73 1.40
C SER I 25 -5.44 -1.52 2.27
N GLY I 26 -4.76 -0.54 1.69
CA GLY I 26 -4.32 0.68 2.39
C GLY I 26 -2.98 0.58 3.09
N PHE I 27 -2.26 -0.53 2.88
CA PHE I 27 -0.93 -0.71 3.45
C PHE I 27 -0.17 -1.78 2.68
N THR I 28 1.10 -2.00 3.02
CA THR I 28 1.88 -3.10 2.45
C THR I 28 1.64 -4.34 3.29
N PHE I 29 0.68 -5.16 2.85
CA PHE I 29 0.31 -6.40 3.52
C PHE I 29 1.48 -7.29 3.94
N SER I 30 2.47 -7.44 3.07
CA SER I 30 3.58 -8.37 3.29
C SER I 30 4.62 -7.93 4.33
N THR I 31 4.49 -6.73 4.92
CA THR I 31 5.42 -6.26 5.93
C THR I 31 4.84 -6.26 7.35
N TYR I 32 3.62 -6.76 7.50
CA TYR I 32 2.90 -6.71 8.78
C TYR I 32 2.41 -8.08 9.26
N ALA I 33 2.66 -8.36 10.54
CA ALA I 33 2.05 -9.49 11.22
C ALA I 33 0.56 -9.25 11.35
N MET I 34 -0.22 -10.31 11.21
CA MET I 34 -1.67 -10.25 11.24
C MET I 34 -2.20 -11.19 12.27
N SER I 35 -3.48 -11.05 12.61
CA SER I 35 -4.10 -11.87 13.64
C SER I 35 -5.60 -12.08 13.40
N TRP I 36 -6.09 -13.25 13.83
CA TRP I 36 -7.52 -13.50 13.98
C TRP I 36 -7.85 -13.47 15.46
N VAL I 37 -8.89 -12.69 15.81
CA VAL I 37 -9.37 -12.59 17.18
C VAL I 37 -10.88 -12.81 17.17
N ARG I 38 -11.36 -13.63 18.10
CA ARG I 38 -12.79 -13.95 18.14
C ARG I 38 -13.46 -13.42 19.39
N GLN I 39 -14.78 -13.23 19.26
CA GLN I 39 -15.61 -12.71 20.33
C GLN I 39 -16.91 -13.51 20.37
N ALA I 40 -17.05 -14.35 21.40
CA ALA I 40 -18.27 -15.14 21.61
C ALA I 40 -19.48 -14.21 21.81
N PRO I 41 -20.71 -14.69 21.49
CA PRO I 41 -21.90 -13.82 21.50
C PRO I 41 -21.99 -12.90 22.75
N GLY I 42 -21.67 -11.62 22.54
CA GLY I 42 -21.66 -10.63 23.61
C GLY I 42 -20.78 -11.00 24.79
N LYS I 43 -19.60 -11.54 24.51
CA LYS I 43 -18.62 -11.94 25.54
C LYS I 43 -17.25 -11.34 25.21
N GLY I 44 -16.22 -11.75 25.95
CA GLY I 44 -14.88 -11.18 25.78
C GLY I 44 -14.18 -11.53 24.48
N LEU I 45 -13.06 -10.86 24.26
CA LEU I 45 -12.17 -11.16 23.13
C LEU I 45 -11.31 -12.34 23.51
N GLU I 46 -11.10 -13.24 22.55
CA GLU I 46 -10.21 -14.39 22.72
C GLU I 46 -9.25 -14.41 21.55
N TRP I 47 -7.95 -14.43 21.85
CA TRP I 47 -6.96 -14.52 20.77
C TRP I 47 -6.96 -15.92 20.18
N VAL I 48 -7.10 -16.00 18.86
CA VAL I 48 -7.16 -17.27 18.13
C VAL I 48 -5.77 -17.64 17.61
N SER I 49 -5.19 -16.77 16.80
CA SER I 49 -4.02 -17.13 16.01
C SER I 49 -3.35 -15.90 15.38
N SER I 50 -2.04 -15.98 15.17
CA SER I 50 -1.29 -14.90 14.52
C SER I 50 -0.21 -15.47 13.62
N ILE I 51 0.27 -14.63 12.71
CA ILE I 51 1.24 -15.03 11.67
C ILE I 51 2.18 -13.87 11.37
N ASN I 52 3.46 -14.17 11.14
CA ASN I 52 4.44 -13.12 10.85
C ASN I 52 4.35 -12.67 9.37
N ASN I 53 4.99 -11.54 9.06
CA ASN I 53 4.94 -10.92 7.72
C ASN I 53 5.17 -11.90 6.56
N SER I 54 6.26 -12.67 6.63
CA SER I 54 6.58 -13.64 5.59
C SER I 54 5.59 -14.81 5.60
N GLY I 55 5.06 -15.14 6.76
CA GLY I 55 4.11 -16.24 6.89
C GLY I 55 4.78 -17.60 7.03
N ARG I 56 6.09 -17.60 7.27
CA ARG I 56 6.80 -18.82 7.59
C ARG I 56 6.43 -19.34 8.96
N ASN I 57 6.14 -18.43 9.90
CA ASN I 57 5.83 -18.80 11.29
C ASN I 57 4.40 -18.46 11.67
N THR I 58 3.72 -19.42 12.29
CA THR I 58 2.37 -19.22 12.81
C THR I 58 2.34 -19.48 14.30
N PHE I 59 1.29 -18.98 14.93
CA PHE I 59 1.07 -19.14 16.37
C PHE I 59 -0.42 -19.33 16.57
N SER I 60 -0.80 -20.28 17.42
CA SER I 60 -2.22 -20.57 17.68
C SER I 60 -2.41 -20.94 19.15
N ALA I 61 -3.65 -20.81 19.61
CA ALA I 61 -4.02 -21.12 21.00
C ALA I 61 -4.24 -22.61 21.23
N ASP I 62 -4.06 -23.06 22.47
CA ASP I 62 -4.37 -24.44 22.87
C ASP I 62 -5.85 -24.75 22.61
N SER I 63 -6.72 -23.80 23.00
CA SER I 63 -8.17 -23.89 22.74
C SER I 63 -8.52 -24.04 21.26
N VAL I 64 -7.52 -23.96 20.38
CA VAL I 64 -7.75 -24.06 18.96
C VAL I 64 -6.65 -24.82 18.18
N LYS I 65 -5.70 -25.42 18.89
CA LYS I 65 -4.51 -26.00 18.26
C LYS I 65 -4.91 -27.20 17.40
N GLY I 66 -4.23 -27.35 16.27
CA GLY I 66 -4.37 -28.52 15.40
C GLY I 66 -5.75 -28.72 14.79
N ARG I 67 -6.50 -27.63 14.65
CA ARG I 67 -7.81 -27.67 13.99
C ARG I 67 -7.94 -26.48 13.03
N PHE I 68 -7.75 -25.27 13.56
CA PHE I 68 -7.66 -24.08 12.71
C PHE I 68 -6.19 -23.81 12.42
N THR I 69 -5.89 -23.44 11.19
CA THR I 69 -4.54 -23.02 10.82
C THR I 69 -4.63 -21.67 10.13
N ILE I 70 -3.81 -20.72 10.55
CA ILE I 70 -3.74 -19.40 9.92
C ILE I 70 -2.76 -19.47 8.75
N SER I 71 -3.03 -18.68 7.72
CA SER I 71 -2.20 -18.66 6.51
C SER I 71 -2.44 -17.39 5.73
N ARG I 72 -1.43 -16.96 4.99
CA ARG I 72 -1.52 -15.75 4.20
C ARG I 72 -0.93 -15.96 2.82
N ASP I 73 -1.54 -15.30 1.83
CA ASP I 73 -1.03 -15.23 0.49
C ASP I 73 -0.62 -13.79 0.25
N ASN I 74 0.67 -13.51 0.45
CA ASN I 74 1.19 -12.14 0.31
C ASN I 74 1.04 -11.54 -1.09
N SER I 75 1.04 -12.37 -2.12
CA SER I 75 0.83 -11.90 -3.49
C SER I 75 -0.60 -11.42 -3.72
N LYS I 76 -1.57 -12.00 -3.01
CA LYS I 76 -2.99 -11.65 -3.21
C LYS I 76 -3.53 -10.76 -2.08
N ASN I 77 -2.66 -10.32 -1.18
CA ASN I 77 -3.04 -9.44 -0.07
C ASN I 77 -4.23 -9.96 0.74
N THR I 78 -4.32 -11.28 0.89
CA THR I 78 -5.42 -11.92 1.60
C THR I 78 -4.84 -12.77 2.73
N LEU I 79 -5.56 -12.82 3.84
CA LEU I 79 -5.20 -13.64 5.00
C LEU I 79 -6.35 -14.57 5.31
N PHE I 80 -6.03 -15.83 5.60
CA PHE I 80 -7.03 -16.87 5.77
C PHE I 80 -7.02 -17.45 7.18
N LEU I 81 -8.13 -18.09 7.55
CA LEU I 81 -8.19 -18.99 8.71
C LEU I 81 -8.98 -20.24 8.35
N VAL I 82 -8.27 -21.35 8.15
CA VAL I 82 -8.88 -22.63 7.78
C VAL I 82 -9.38 -23.32 9.04
N MET I 83 -10.70 -23.35 9.24
CA MET I 83 -11.31 -23.91 10.45
C MET I 83 -11.81 -25.33 10.23
N ASN I 84 -11.17 -26.30 10.87
CA ASN I 84 -11.63 -27.70 10.85
C ASN I 84 -12.15 -28.10 12.22
N SER I 85 -13.06 -29.07 12.22
CA SER I 85 -13.56 -29.68 13.46
C SER I 85 -14.16 -28.63 14.40
N LEU I 86 -15.16 -27.91 13.91
CA LEU I 86 -15.78 -26.86 14.71
C LEU I 86 -16.61 -27.45 15.87
N ARG I 87 -16.45 -26.85 17.05
CA ARG I 87 -17.19 -27.22 18.25
C ARG I 87 -18.18 -26.09 18.53
N ALA I 88 -19.28 -26.41 19.23
CA ALA I 88 -20.29 -25.40 19.62
C ALA I 88 -19.69 -24.16 20.27
N GLU I 89 -18.64 -24.37 21.06
CA GLU I 89 -17.81 -23.29 21.66
C GLU I 89 -17.42 -22.16 20.69
N ASP I 90 -17.09 -22.54 19.47
CA ASP I 90 -16.46 -21.64 18.51
C ASP I 90 -17.39 -20.62 17.85
N THR I 91 -18.69 -20.70 18.14
CA THR I 91 -19.63 -19.66 17.72
C THR I 91 -19.10 -18.30 18.18
N ALA I 92 -18.73 -17.44 17.23
CA ALA I 92 -18.16 -16.13 17.57
C ALA I 92 -18.07 -15.23 16.34
N VAL I 93 -17.93 -13.93 16.59
CA VAL I 93 -17.58 -12.96 15.54
C VAL I 93 -16.06 -13.04 15.38
N TYR I 94 -15.60 -13.32 14.16
CA TYR I 94 -14.16 -13.49 13.91
C TYR I 94 -13.59 -12.26 13.24
N TYR I 95 -12.72 -11.58 13.98
CA TYR I 95 -12.11 -10.34 13.55
C TYR I 95 -10.75 -10.62 12.95
N CYS I 96 -10.51 -10.04 11.79
CA CYS I 96 -9.20 -9.99 11.16
C CYS I 96 -8.52 -8.73 11.65
N ALA I 97 -7.22 -8.84 11.98
CA ALA I 97 -6.51 -7.75 12.64
C ALA I 97 -5.13 -7.50 12.06
N LYS I 98 -4.77 -6.22 11.99
CA LYS I 98 -3.44 -5.78 11.58
C LYS I 98 -2.68 -5.37 12.83
N ASP I 99 -1.58 -6.07 13.13
CA ASP I 99 -0.85 -5.87 14.37
C ASP I 99 0.22 -4.79 14.27
N LEU I 100 0.56 -4.21 15.41
CA LEU I 100 1.66 -3.24 15.52
C LEU I 100 3.01 -3.94 15.47
N ARG I 101 3.00 -5.21 15.88
CA ARG I 101 4.17 -6.10 15.88
C ARG I 101 3.70 -7.51 16.18
N LEU I 102 4.51 -8.51 15.87
CA LEU I 102 4.15 -9.89 16.17
C LEU I 102 4.01 -10.07 17.68
N GLY I 103 2.79 -10.39 18.12
CA GLY I 103 2.48 -10.52 19.55
C GLY I 103 2.00 -9.27 20.27
N GLY I 104 2.17 -8.10 19.65
CA GLY I 104 1.73 -6.85 20.25
C GLY I 104 0.28 -6.55 19.90
N GLY I 105 -0.11 -5.30 20.14
CA GLY I 105 -1.48 -4.87 19.91
C GLY I 105 -1.83 -4.71 18.46
N SER I 106 -3.13 -4.71 18.18
CA SER I 106 -3.64 -4.56 16.83
C SER I 106 -4.26 -3.19 16.65
N ASP I 107 -3.78 -2.42 15.67
CA ASP I 107 -4.23 -1.04 15.46
C ASP I 107 -5.32 -0.88 14.40
N TYR I 108 -5.65 -1.94 13.66
CA TYR I 108 -6.84 -1.91 12.82
C TYR I 108 -7.57 -3.25 12.79
N TRP I 109 -8.90 -3.18 12.84
CA TRP I 109 -9.79 -4.32 12.94
C TRP I 109 -10.88 -4.20 11.90
N GLY I 110 -11.20 -5.32 11.26
CA GLY I 110 -12.35 -5.37 10.35
C GLY I 110 -13.64 -5.45 11.12
N GLN I 111 -14.76 -5.34 10.41
CA GLN I 111 -16.09 -5.45 11.03
C GLN I 111 -16.43 -6.87 11.49
N GLY I 112 -15.51 -7.80 11.25
CA GLY I 112 -15.68 -9.20 11.63
C GLY I 112 -16.59 -9.94 10.67
N THR I 113 -16.63 -11.26 10.82
CA THR I 113 -17.69 -12.06 10.23
C THR I 113 -18.06 -13.16 11.21
N LEU I 114 -19.36 -13.47 11.28
CA LEU I 114 -19.89 -14.39 12.27
C LEU I 114 -19.88 -15.82 11.74
N VAL I 115 -19.27 -16.72 12.51
CA VAL I 115 -19.39 -18.16 12.26
C VAL I 115 -20.27 -18.77 13.34
N THR I 116 -21.45 -19.24 12.95
CA THR I 116 -22.35 -19.95 13.85
C THR I 116 -22.12 -21.45 13.67
N VAL I 117 -22.13 -22.18 14.79
CA VAL I 117 -22.02 -23.64 14.73
C VAL I 117 -22.99 -24.34 15.69
N SER I 118 -24.26 -24.37 15.27
CA SER I 118 -25.32 -25.11 15.96
C SER I 118 -25.49 -26.49 15.34
N SER I 119 -26.27 -27.34 15.98
CA SER I 119 -26.61 -28.67 15.44
C SER I 119 -28.10 -29.00 15.55
N ALA I 120 -28.93 -27.97 15.68
CA ALA I 120 -30.35 -28.15 15.92
C ALA I 120 -31.10 -28.26 14.58
N SER I 121 -32.42 -28.10 14.61
CA SER I 121 -33.24 -28.11 13.39
C SER I 121 -34.41 -27.16 13.57
N THR I 122 -34.68 -26.34 12.54
CA THR I 122 -35.72 -25.30 12.60
C THR I 122 -36.99 -25.78 13.33
N LYS I 123 -37.30 -25.15 14.46
CA LYS I 123 -38.29 -25.67 15.40
C LYS I 123 -39.07 -24.56 16.12
N GLY I 124 -40.36 -24.79 16.34
CA GLY I 124 -41.23 -23.84 17.06
C GLY I 124 -41.49 -24.23 18.50
N PRO I 125 -41.85 -23.25 19.38
CA PRO I 125 -41.88 -23.49 20.82
C PRO I 125 -43.25 -23.64 21.47
N SER I 126 -43.20 -23.92 22.77
CA SER I 126 -44.38 -23.99 23.64
C SER I 126 -44.43 -22.79 24.59
N VAL I 127 -45.66 -22.45 25.00
CA VAL I 127 -45.90 -21.32 25.89
C VAL I 127 -46.63 -21.75 27.15
N PHE I 128 -46.22 -21.15 28.26
CA PHE I 128 -46.77 -21.42 29.56
C PHE I 128 -47.10 -20.09 30.25
N PRO I 129 -48.37 -19.91 30.71
CA PRO I 129 -48.72 -18.68 31.44
C PRO I 129 -48.05 -18.58 32.82
N LEU I 130 -47.68 -17.37 33.23
CA LEU I 130 -47.01 -17.13 34.51
C LEU I 130 -48.05 -16.84 35.59
N ALA I 131 -47.68 -17.11 36.85
CA ALA I 131 -48.59 -17.02 37.99
C ALA I 131 -48.57 -15.64 38.67
N PRO I 132 -49.65 -14.85 38.52
CA PRO I 132 -49.76 -13.70 39.44
C PRO I 132 -50.15 -14.20 40.85
N SER I 133 -49.14 -14.56 41.65
CA SER I 133 -49.33 -15.30 42.93
C SER I 133 -50.29 -16.48 42.77
N THR I 141 -47.29 -2.88 41.50
CA THR I 141 -48.03 -4.00 42.06
C THR I 141 -48.62 -4.90 40.95
N ALA I 142 -48.71 -6.20 41.22
CA ALA I 142 -49.18 -7.23 40.28
C ALA I 142 -48.28 -7.40 39.04
N ALA I 143 -47.55 -8.51 38.99
CA ALA I 143 -46.65 -8.85 37.87
C ALA I 143 -47.02 -10.21 37.28
N LEU I 144 -47.09 -10.28 35.95
CA LEU I 144 -47.55 -11.50 35.25
C LEU I 144 -47.13 -11.52 33.78
N GLY I 145 -47.37 -12.64 33.09
CA GLY I 145 -47.02 -12.79 31.67
C GLY I 145 -47.13 -14.22 31.15
N CYS I 146 -46.25 -14.58 30.20
CA CYS I 146 -46.10 -15.97 29.74
C CYS I 146 -44.72 -16.24 29.13
N LEU I 147 -44.36 -17.52 29.06
CA LEU I 147 -43.02 -17.96 28.68
C LEU I 147 -43.02 -18.77 27.39
N VAL I 148 -42.02 -18.54 26.55
CA VAL I 148 -41.82 -19.25 25.28
C VAL I 148 -40.53 -20.09 25.40
N LYS I 149 -40.67 -21.42 25.29
CA LYS I 149 -39.61 -22.37 25.67
C LYS I 149 -39.13 -23.21 24.49
N ASP I 150 -37.80 -23.34 24.37
CA ASP I 150 -37.15 -24.27 23.43
C ASP I 150 -37.63 -24.12 21.96
N TYR I 151 -36.82 -23.47 21.14
CA TYR I 151 -37.07 -23.47 19.68
C TYR I 151 -35.71 -23.23 19.03
N PHE I 152 -35.68 -23.16 17.71
CA PHE I 152 -34.49 -22.71 17.00
C PHE I 152 -34.80 -22.47 15.51
N PRO I 153 -34.19 -21.46 14.88
CA PRO I 153 -33.39 -20.38 15.51
C PRO I 153 -34.26 -19.16 15.88
N GLU I 154 -33.63 -18.02 16.12
CA GLU I 154 -34.31 -16.73 16.38
C GLU I 154 -35.20 -16.31 15.19
N PRO I 155 -36.07 -15.29 15.29
CA PRO I 155 -36.39 -14.54 16.53
C PRO I 155 -37.65 -15.11 17.18
N VAL I 156 -38.57 -14.27 17.67
CA VAL I 156 -39.93 -14.70 18.02
C VAL I 156 -40.95 -13.58 17.76
N THR I 157 -42.22 -13.88 18.04
CA THR I 157 -43.27 -12.87 18.11
C THR I 157 -44.12 -13.16 19.35
N VAL I 158 -44.29 -12.16 20.22
CA VAL I 158 -45.23 -12.26 21.36
C VAL I 158 -46.08 -11.00 21.42
N SER I 159 -47.37 -11.19 21.70
CA SER I 159 -48.34 -10.11 21.71
C SER I 159 -49.35 -10.31 22.84
N TRP I 160 -50.24 -9.33 23.03
CA TRP I 160 -51.23 -9.33 24.10
C TRP I 160 -52.53 -8.62 23.67
N ASN I 161 -53.55 -9.42 23.32
CA ASN I 161 -54.89 -8.94 22.89
C ASN I 161 -54.86 -8.20 21.53
N SER I 162 -54.72 -8.97 20.46
CA SER I 162 -54.59 -8.45 19.08
C SER I 162 -53.40 -7.48 18.92
N GLY I 163 -52.33 -7.72 19.68
CA GLY I 163 -51.17 -6.81 19.74
C GLY I 163 -51.46 -5.43 20.30
N ALA I 164 -52.55 -5.29 21.05
CA ALA I 164 -53.04 -3.97 21.46
C ALA I 164 -52.12 -3.33 22.49
N LEU I 165 -51.91 -4.02 23.60
CA LEU I 165 -51.31 -3.41 24.80
C LEU I 165 -49.82 -3.10 24.65
N THR I 166 -49.43 -1.94 25.17
CA THR I 166 -48.03 -1.53 25.32
C THR I 166 -47.63 -1.42 26.80
N SER I 167 -48.49 -0.80 27.61
CA SER I 167 -48.12 -0.29 28.93
C SER I 167 -47.98 -1.38 30.01
N GLY I 168 -46.76 -1.55 30.52
CA GLY I 168 -46.42 -2.62 31.45
C GLY I 168 -45.76 -3.84 30.80
N VAL I 169 -45.73 -3.88 29.46
CA VAL I 169 -45.24 -5.04 28.72
C VAL I 169 -43.73 -4.88 28.50
N HIS I 170 -43.00 -6.00 28.62
CA HIS I 170 -41.64 -6.08 28.12
C HIS I 170 -41.23 -7.52 27.80
N THR I 171 -41.28 -7.86 26.51
CA THR I 171 -40.73 -9.13 26.04
C THR I 171 -39.20 -9.08 26.16
N PHE I 172 -38.67 -9.97 27.01
CA PHE I 172 -37.23 -10.08 27.30
C PHE I 172 -36.47 -10.57 26.06
N PRO I 173 -35.13 -10.70 26.13
CA PRO I 173 -34.44 -11.14 24.92
C PRO I 173 -34.36 -12.69 24.81
N ALA I 174 -33.17 -13.26 24.60
CA ALA I 174 -33.02 -14.67 24.20
C ALA I 174 -31.93 -15.32 25.05
N VAL I 175 -32.06 -16.63 25.27
CA VAL I 175 -31.16 -17.36 26.19
C VAL I 175 -30.78 -18.77 25.67
N LEU I 176 -29.62 -18.87 25.02
CA LEU I 176 -29.14 -20.16 24.53
C LEU I 176 -28.68 -21.04 25.69
N GLN I 177 -29.15 -22.29 25.69
CA GLN I 177 -28.73 -23.28 26.66
C GLN I 177 -27.95 -24.32 25.89
N SER I 178 -26.91 -24.89 26.52
CA SER I 178 -26.13 -26.01 25.94
C SER I 178 -26.96 -26.90 25.00
N SER I 179 -28.18 -27.19 25.44
CA SER I 179 -29.27 -27.76 24.62
C SER I 179 -29.32 -27.35 23.14
N GLY I 180 -28.92 -26.11 22.84
CA GLY I 180 -28.91 -25.58 21.48
C GLY I 180 -30.07 -24.63 21.24
N LEU I 181 -31.20 -24.90 21.90
CA LEU I 181 -32.45 -24.17 21.66
C LEU I 181 -32.63 -23.04 22.66
N TYR I 182 -32.98 -21.86 22.15
CA TYR I 182 -33.20 -20.66 22.96
C TYR I 182 -34.61 -20.70 23.57
N SER I 183 -34.74 -20.36 24.85
CA SER I 183 -36.05 -20.10 25.47
C SER I 183 -36.15 -18.60 25.72
N LEU I 184 -37.31 -18.15 26.19
CA LEU I 184 -37.52 -16.74 26.55
C LEU I 184 -38.77 -16.55 27.40
N SER I 185 -38.92 -15.35 27.95
CA SER I 185 -40.11 -14.93 28.69
C SER I 185 -40.80 -13.75 28.00
N SER I 186 -41.96 -13.36 28.55
CA SER I 186 -42.60 -12.09 28.18
C SER I 186 -43.52 -11.68 29.31
N VAL I 187 -43.27 -10.50 29.87
CA VAL I 187 -43.95 -10.02 31.08
C VAL I 187 -44.84 -8.82 30.75
N VAL I 188 -45.90 -8.66 31.53
CA VAL I 188 -46.74 -7.47 31.50
C VAL I 188 -47.24 -7.15 32.92
N THR I 189 -46.97 -5.93 33.37
CA THR I 189 -47.39 -5.46 34.69
C THR I 189 -48.74 -4.72 34.62
N VAL I 190 -49.40 -4.63 35.78
CA VAL I 190 -50.81 -4.25 35.89
C VAL I 190 -50.95 -3.53 37.25
N PRO I 191 -52.12 -2.98 37.60
CA PRO I 191 -52.40 -2.72 39.02
C PRO I 191 -53.07 -3.89 39.75
N SER I 192 -52.68 -4.13 41.00
CA SER I 192 -53.13 -5.30 41.76
C SER I 192 -54.62 -5.35 42.14
N SER I 193 -55.37 -4.26 41.91
CA SER I 193 -56.83 -4.28 42.09
C SER I 193 -57.58 -4.80 40.85
N SER I 194 -56.96 -4.72 39.67
CA SER I 194 -57.60 -5.17 38.42
C SER I 194 -57.70 -6.70 38.26
N LEU I 195 -56.91 -7.45 39.03
CA LEU I 195 -56.63 -8.86 38.76
C LEU I 195 -57.85 -9.77 38.95
N GLY I 196 -57.95 -10.76 38.07
CA GLY I 196 -59.00 -11.79 38.14
C GLY I 196 -60.36 -11.38 37.60
N THR I 197 -60.41 -10.37 36.72
CA THR I 197 -61.68 -9.85 36.18
C THR I 197 -61.69 -9.43 34.68
N GLN I 198 -60.62 -9.70 33.93
CA GLN I 198 -60.57 -9.38 32.49
C GLN I 198 -59.40 -10.11 31.76
N THR I 199 -59.30 -9.92 30.44
CA THR I 199 -58.52 -10.82 29.57
C THR I 199 -57.11 -10.35 29.13
N TYR I 200 -56.22 -11.32 28.90
CA TYR I 200 -54.86 -11.09 28.38
C TYR I 200 -54.37 -12.33 27.62
N ILE I 201 -54.14 -12.18 26.31
CA ILE I 201 -53.87 -13.32 25.41
C ILE I 201 -52.45 -13.31 24.83
N CYS I 202 -51.70 -14.39 25.08
CA CYS I 202 -50.39 -14.59 24.49
C CYS I 202 -50.49 -14.99 23.02
N ASN I 203 -50.77 -14.02 22.16
CA ASN I 203 -50.69 -14.26 20.72
C ASN I 203 -49.21 -14.23 20.34
N VAL I 204 -48.71 -15.40 19.93
CA VAL I 204 -47.28 -15.65 19.75
C VAL I 204 -47.11 -16.31 18.38
N ASN I 205 -45.90 -16.27 17.83
CA ASN I 205 -45.53 -17.12 16.69
C ASN I 205 -44.02 -17.15 16.46
N HIS I 206 -43.54 -18.33 16.10
CA HIS I 206 -42.16 -18.53 15.68
C HIS I 206 -42.14 -18.67 14.17
N LYS I 207 -41.56 -17.67 13.50
CA LYS I 207 -41.67 -17.54 12.05
C LYS I 207 -40.89 -18.56 11.22
N PRO I 208 -39.66 -18.95 11.62
CA PRO I 208 -38.88 -19.75 10.66
C PRO I 208 -39.44 -21.15 10.40
N SER I 209 -40.28 -21.67 11.28
CA SER I 209 -41.10 -22.86 11.02
C SER I 209 -42.61 -22.55 11.05
N ASN I 210 -42.97 -21.27 11.15
CA ASN I 210 -44.36 -20.82 11.27
C ASN I 210 -45.20 -21.63 12.27
N THR I 211 -45.09 -21.26 13.55
CA THR I 211 -45.72 -22.01 14.63
C THR I 211 -46.70 -21.13 15.43
N LYS I 212 -48.00 -21.33 15.16
CA LYS I 212 -49.05 -20.50 15.76
C LYS I 212 -49.62 -21.10 17.05
N VAL I 213 -49.61 -20.31 18.12
CA VAL I 213 -49.97 -20.78 19.46
C VAL I 213 -50.64 -19.64 20.27
N ASP I 214 -51.98 -19.60 20.30
CA ASP I 214 -52.76 -18.65 21.12
C ASP I 214 -53.12 -19.26 22.48
N LYS I 215 -52.85 -18.54 23.59
CA LYS I 215 -53.24 -18.98 24.95
C LYS I 215 -53.52 -17.79 25.89
N ARG I 216 -54.45 -18.01 26.83
CA ARG I 216 -54.83 -17.03 27.85
C ARG I 216 -54.11 -17.29 29.18
N VAL I 217 -54.33 -16.40 30.16
CA VAL I 217 -53.69 -16.48 31.48
C VAL I 217 -54.66 -16.13 32.61
N GLU I 218 -54.72 -16.99 33.65
CA GLU I 218 -55.35 -16.64 34.93
C GLU I 218 -54.90 -17.64 36.01
N PRO I 219 -54.69 -17.18 37.27
CA PRO I 219 -54.26 -18.13 38.30
C PRO I 219 -55.44 -18.89 38.90
N SER J 2 -10.70 -15.64 31.64
CA SER J 2 -9.54 -14.88 31.07
C SER J 2 -8.26 -15.10 31.87
N ALA J 3 -7.12 -14.80 31.26
CA ALA J 3 -5.83 -14.78 31.95
C ALA J 3 -5.57 -13.39 32.57
N LEU J 4 -6.24 -12.36 32.03
CA LEU J 4 -6.24 -11.04 32.63
C LEU J 4 -7.57 -10.77 33.31
N THR J 5 -7.53 -10.13 34.48
CA THR J 5 -8.71 -9.84 35.29
C THR J 5 -8.94 -8.33 35.33
N GLN J 6 -10.09 -7.90 34.85
CA GLN J 6 -10.53 -6.50 34.92
C GLN J 6 -11.72 -6.40 35.88
N PRO J 7 -12.18 -5.18 36.19
CA PRO J 7 -13.49 -5.07 36.81
C PRO J 7 -14.57 -5.48 35.84
N ALA J 8 -15.69 -5.99 36.35
CA ALA J 8 -16.82 -6.39 35.52
C ALA J 8 -17.58 -5.16 35.02
N SER J 9 -17.99 -4.31 35.97
CA SER J 9 -18.71 -3.07 35.66
C SER J 9 -18.06 -1.88 36.39
N VAL J 10 -18.03 -0.73 35.69
CA VAL J 10 -17.52 0.51 36.23
C VAL J 10 -18.46 1.61 35.80
N SER J 11 -18.81 2.50 36.73
CA SER J 11 -19.62 3.68 36.44
C SER J 11 -18.93 4.93 37.00
N GLY J 12 -18.76 5.93 36.15
CA GLY J 12 -18.36 7.28 36.56
C GLY J 12 -19.42 8.25 36.09
N SER J 13 -19.25 9.53 36.43
CA SER J 13 -20.22 10.58 36.09
C SER J 13 -19.57 11.62 35.18
N PRO J 14 -20.37 12.31 34.32
CA PRO J 14 -19.82 13.28 33.35
C PRO J 14 -18.88 14.30 33.98
N GLY J 15 -17.83 14.68 33.26
CA GLY J 15 -16.82 15.59 33.79
C GLY J 15 -15.78 14.95 34.71
N GLN J 16 -16.13 13.85 35.37
CA GLN J 16 -15.23 13.18 36.31
C GLN J 16 -14.26 12.26 35.60
N SER J 17 -13.11 12.04 36.22
CA SER J 17 -12.14 11.05 35.77
C SER J 17 -12.47 9.72 36.43
N ILE J 18 -12.31 8.64 35.68
CA ILE J 18 -12.28 7.28 36.25
C ILE J 18 -11.18 6.48 35.59
N THR J 19 -10.80 5.38 36.24
CA THR J 19 -9.69 4.55 35.79
C THR J 19 -10.08 3.08 35.87
N ILE J 20 -9.46 2.24 35.05
CA ILE J 20 -9.79 0.82 34.96
C ILE J 20 -8.53 -0.03 35.15
N SER J 21 -8.63 -1.04 36.00
CA SER J 21 -7.49 -1.91 36.32
C SER J 21 -7.46 -3.17 35.46
N CYS J 22 -6.26 -3.63 35.13
CA CYS J 22 -6.07 -4.85 34.37
C CYS J 22 -4.92 -5.62 35.01
N THR J 23 -5.28 -6.62 35.83
CA THR J 23 -4.29 -7.40 36.58
C THR J 23 -4.01 -8.74 35.90
N GLY J 24 -2.74 -8.98 35.60
CA GLY J 24 -2.27 -10.24 35.03
C GLY J 24 -1.23 -10.88 35.91
N THR J 25 -0.35 -11.66 35.29
CA THR J 25 0.76 -12.30 35.99
C THR J 25 2.08 -11.61 35.63
N SER J 26 3.15 -12.06 36.27
CA SER J 26 4.50 -11.62 35.92
C SER J 26 4.95 -12.18 34.57
N SER J 27 4.33 -13.27 34.10
CA SER J 27 4.62 -13.83 32.76
C SER J 27 4.09 -12.99 31.60
N ASP J 28 3.23 -11.99 31.87
CA ASP J 28 2.66 -11.14 30.83
C ASP J 28 2.90 -9.65 31.10
N VAL J 29 2.15 -9.08 32.04
CA VAL J 29 2.18 -7.64 32.26
C VAL J 29 3.48 -7.25 32.95
N GLY J 30 3.84 -7.97 34.01
CA GLY J 30 5.10 -7.74 34.70
C GLY J 30 6.38 -8.04 33.92
N SER J 31 6.25 -8.65 32.73
CA SER J 31 7.39 -8.97 31.87
C SER J 31 7.59 -8.00 30.71
N TYR J 32 6.51 -7.63 30.01
CA TYR J 32 6.64 -6.78 28.83
C TYR J 32 5.86 -5.50 28.94
N ASN J 33 6.31 -4.51 28.17
CA ASN J 33 5.61 -3.25 27.99
C ASN J 33 4.85 -3.28 26.65
N PHE J 34 4.02 -4.30 26.49
CA PHE J 34 3.18 -4.44 25.30
C PHE J 34 1.73 -4.65 25.72
N VAL J 35 1.25 -3.70 26.53
CA VAL J 35 -0.12 -3.71 27.00
C VAL J 35 -0.96 -2.79 26.12
N SER J 36 -2.08 -3.31 25.64
CA SER J 36 -2.90 -2.63 24.64
C SER J 36 -4.30 -2.51 25.21
N TRP J 37 -4.92 -1.35 25.02
CA TRP J 37 -6.30 -1.13 25.45
C TRP J 37 -7.19 -0.88 24.23
N TYR J 38 -8.40 -1.46 24.25
CA TYR J 38 -9.31 -1.37 23.12
C TYR J 38 -10.68 -0.94 23.58
N GLN J 39 -11.30 -0.03 22.85
CA GLN J 39 -12.66 0.43 23.12
C GLN J 39 -13.56 -0.29 22.13
N GLN J 40 -14.72 -0.73 22.60
CA GLN J 40 -15.68 -1.43 21.75
C GLN J 40 -17.13 -1.00 22.04
N HIS J 41 -17.69 -0.22 21.11
CA HIS J 41 -19.09 0.21 21.20
C HIS J 41 -20.05 -0.92 20.80
N PRO J 42 -21.35 -0.80 21.16
CA PRO J 42 -22.34 -1.86 20.86
C PRO J 42 -22.28 -2.45 19.44
N GLY J 43 -22.02 -3.76 19.37
CA GLY J 43 -22.01 -4.51 18.11
C GLY J 43 -21.11 -3.95 17.01
N LYS J 44 -19.93 -3.45 17.40
CA LYS J 44 -18.98 -2.86 16.45
C LYS J 44 -17.57 -3.39 16.74
N ALA J 45 -16.70 -3.30 15.74
CA ALA J 45 -15.31 -3.76 15.87
C ALA J 45 -14.50 -2.94 16.88
N PRO J 46 -13.59 -3.61 17.62
CA PRO J 46 -12.73 -2.89 18.57
C PRO J 46 -11.90 -1.76 17.96
N LYS J 47 -11.45 -0.85 18.81
CA LYS J 47 -10.64 0.30 18.41
C LYS J 47 -9.49 0.44 19.38
N LEU J 48 -8.27 0.48 18.86
CA LEU J 48 -7.08 0.65 19.71
C LEU J 48 -7.03 2.05 20.31
N MET J 49 -6.92 2.12 21.64
CA MET J 49 -6.81 3.40 22.37
C MET J 49 -5.45 3.64 22.99
N ILE J 50 -4.81 2.59 23.48
CA ILE J 50 -3.46 2.67 24.03
C ILE J 50 -2.67 1.45 23.55
N TYR J 51 -1.42 1.66 23.16
CA TYR J 51 -0.52 0.55 22.83
C TYR J 51 0.79 0.74 23.57
N GLU J 52 1.52 -0.35 23.75
CA GLU J 52 2.80 -0.36 24.49
C GLU J 52 2.65 0.37 25.82
N VAL J 53 1.67 -0.07 26.61
CA VAL J 53 1.40 0.41 27.97
C VAL J 53 0.72 1.78 28.05
N SER J 54 1.26 2.77 27.33
CA SER J 54 0.90 4.17 27.53
C SER J 54 0.87 5.09 26.30
N GLU J 55 1.04 4.56 25.09
CA GLU J 55 1.11 5.38 23.88
C GLU J 55 -0.25 5.45 23.20
N ARG J 56 -0.55 6.60 22.63
CA ARG J 56 -1.80 6.84 21.92
C ARG J 56 -1.53 6.77 20.41
N PRO J 57 -2.28 5.92 19.67
CA PRO J 57 -2.17 6.02 18.21
C PRO J 57 -2.74 7.34 17.72
N SER J 58 -2.54 7.63 16.43
CA SER J 58 -2.95 8.91 15.86
C SER J 58 -4.43 9.22 16.07
N GLY J 59 -4.72 10.50 16.33
CA GLY J 59 -6.09 10.98 16.52
C GLY J 59 -6.83 10.36 17.69
N ILE J 60 -6.13 10.01 18.75
CA ILE J 60 -6.76 9.54 19.99
C ILE J 60 -6.52 10.61 21.05
N SER J 61 -7.62 11.06 21.67
CA SER J 61 -7.61 12.19 22.60
C SER J 61 -6.66 11.98 23.77
N ASN J 62 -5.97 13.04 24.16
CA ASN J 62 -5.12 13.04 25.36
C ASN J 62 -5.91 12.78 26.66
N ARG J 63 -7.23 12.94 26.60
CA ARG J 63 -8.12 12.47 27.67
C ARG J 63 -7.87 11.00 28.08
N PHE J 64 -7.54 10.15 27.12
CA PHE J 64 -7.15 8.76 27.39
C PHE J 64 -5.63 8.63 27.65
N SER J 65 -5.27 7.78 28.61
CA SER J 65 -3.86 7.46 28.88
C SER J 65 -3.72 6.18 29.68
N GLY J 66 -2.61 5.48 29.47
CA GLY J 66 -2.33 4.20 30.12
C GLY J 66 -1.09 4.26 31.01
N SER J 67 -1.03 3.35 31.97
CA SER J 67 0.11 3.25 32.88
C SER J 67 0.20 1.84 33.44
N LYS J 68 1.29 1.54 34.16
CA LYS J 68 1.55 0.19 34.62
C LYS J 68 2.26 0.16 35.95
N SER J 69 1.88 -0.80 36.78
CA SER J 69 2.53 -1.05 38.06
C SER J 69 2.52 -2.56 38.32
N GLY J 70 3.71 -3.12 38.58
CA GLY J 70 3.84 -4.54 38.88
C GLY J 70 3.24 -5.38 37.77
N ASN J 71 2.08 -5.99 38.06
CA ASN J 71 1.34 -6.77 37.07
C ASN J 71 -0.02 -6.17 36.75
N THR J 72 -0.21 -4.89 37.06
CA THR J 72 -1.49 -4.23 36.86
C THR J 72 -1.34 -3.04 35.94
N ALA J 73 -2.03 -3.10 34.79
CA ALA J 73 -2.11 -1.97 33.87
C ALA J 73 -3.34 -1.13 34.20
N SER J 74 -3.23 0.17 33.94
CA SER J 74 -4.27 1.14 34.29
C SER J 74 -4.66 1.98 33.07
N LEU J 75 -5.96 1.98 32.75
CA LEU J 75 -6.53 2.90 31.76
C LEU J 75 -7.20 4.04 32.52
N THR J 76 -7.05 5.27 32.02
CA THR J 76 -7.55 6.48 32.70
C THR J 76 -8.16 7.45 31.69
N ILE J 77 -9.41 7.83 31.92
CA ILE J 77 -10.15 8.73 31.03
C ILE J 77 -10.49 10.01 31.82
N SER J 78 -9.83 11.11 31.45
CA SER J 78 -9.93 12.39 32.18
C SER J 78 -10.85 13.43 31.52
N GLY J 79 -11.98 13.72 32.17
CA GLY J 79 -13.01 14.61 31.61
C GLY J 79 -14.02 13.80 30.83
N LEU J 80 -14.51 12.74 31.48
CA LEU J 80 -15.35 11.70 30.87
C LEU J 80 -16.61 12.30 30.20
N GLN J 81 -17.06 11.63 29.13
CA GLN J 81 -18.22 12.07 28.34
C GLN J 81 -19.17 10.91 28.12
N ALA J 82 -20.28 11.18 27.42
CA ALA J 82 -21.25 10.14 27.02
C ALA J 82 -20.73 9.27 25.87
N GLU J 83 -19.93 9.88 24.99
CA GLU J 83 -19.24 9.15 23.91
C GLU J 83 -18.40 7.98 24.43
N ASP J 84 -17.78 8.18 25.59
CA ASP J 84 -16.91 7.18 26.19
C ASP J 84 -17.64 5.92 26.70
N GLU J 85 -18.97 5.95 26.80
CA GLU J 85 -19.74 4.79 27.24
C GLU J 85 -19.60 3.60 26.27
N ALA J 86 -18.82 2.61 26.67
CA ALA J 86 -18.57 1.40 25.87
C ALA J 86 -17.97 0.29 26.75
N ASP J 87 -17.55 -0.83 26.16
CA ASP J 87 -16.74 -1.83 26.88
C ASP J 87 -15.29 -1.59 26.52
N TYR J 88 -14.40 -1.65 27.52
CA TYR J 88 -12.97 -1.49 27.30
C TYR J 88 -12.27 -2.80 27.61
N TYR J 89 -11.36 -3.22 26.74
CA TYR J 89 -10.57 -4.43 26.91
C TYR J 89 -9.09 -4.12 27.02
N CYS J 90 -8.38 -4.90 27.83
CA CYS J 90 -6.93 -4.85 27.88
C CYS J 90 -6.32 -6.14 27.34
N SER J 91 -5.04 -6.08 27.01
CA SER J 91 -4.33 -7.22 26.44
C SER J 91 -2.83 -7.07 26.64
N SER J 92 -2.13 -8.18 26.90
CA SER J 92 -0.67 -8.17 26.96
C SER J 92 -0.08 -9.36 26.24
N TYR J 93 1.13 -9.18 25.74
CA TYR J 93 1.91 -10.27 25.22
C TYR J 93 2.28 -11.13 26.43
N ALA J 94 2.20 -12.45 26.26
CA ALA J 94 2.30 -13.38 27.38
C ALA J 94 3.16 -14.59 27.06
N GLY J 95 4.38 -14.34 26.59
CA GLY J 95 5.30 -15.43 26.21
C GLY J 95 4.88 -16.10 24.91
N SER J 96 5.78 -16.85 24.29
CA SER J 96 5.49 -17.45 22.98
C SER J 96 4.39 -18.52 22.98
N THR J 97 4.10 -19.14 24.13
CA THR J 97 3.10 -20.21 24.20
C THR J 97 1.69 -19.65 24.25
N THR J 98 1.31 -18.99 25.36
CA THR J 98 -0.01 -18.34 25.46
C THR J 98 -0.12 -17.16 24.49
N PHE J 99 1.01 -16.52 24.20
CA PHE J 99 1.15 -15.50 23.12
C PHE J 99 0.47 -14.18 23.42
N ARG J 100 -0.85 -14.12 23.41
CA ARG J 100 -1.52 -12.85 23.67
C ARG J 100 -2.86 -13.00 24.40
N VAL J 101 -2.88 -12.49 25.63
CA VAL J 101 -4.01 -12.67 26.55
C VAL J 101 -4.92 -11.45 26.53
N PHE J 102 -6.21 -11.67 26.77
CA PHE J 102 -7.19 -10.61 26.88
C PHE J 102 -7.90 -10.68 28.22
N GLY J 103 -8.35 -9.52 28.69
CA GLY J 103 -9.21 -9.46 29.87
C GLY J 103 -10.64 -9.75 29.47
N GLY J 104 -11.48 -10.05 30.48
CA GLY J 104 -12.91 -10.23 30.26
C GLY J 104 -13.65 -8.96 29.86
N GLY J 105 -12.95 -7.82 29.89
CA GLY J 105 -13.52 -6.53 29.55
C GLY J 105 -14.14 -5.92 30.79
N THR J 106 -14.27 -4.60 30.79
CA THR J 106 -15.07 -3.90 31.79
C THR J 106 -16.11 -3.06 31.04
N LYS J 107 -17.39 -3.27 31.37
CA LYS J 107 -18.44 -2.46 30.78
C LYS J 107 -18.48 -1.18 31.57
N LEU J 108 -18.22 -0.06 30.89
CA LEU J 108 -18.28 1.26 31.50
C LEU J 108 -19.53 2.01 31.04
N THR J 109 -20.22 2.59 32.00
CA THR J 109 -21.39 3.44 31.77
C THR J 109 -21.14 4.83 32.38
N VAL J 110 -21.78 5.84 31.79
CA VAL J 110 -21.68 7.22 32.26
C VAL J 110 -23.08 7.68 32.70
N ARG J 111 -23.15 8.34 33.86
CA ARG J 111 -24.42 8.51 34.58
C ARG J 111 -25.37 9.44 33.81
N GLY J 112 -26.11 8.87 32.87
CA GLY J 112 -27.19 9.57 32.18
C GLY J 112 -28.41 9.51 33.06
N GLN J 113 -29.04 8.33 33.08
CA GLN J 113 -30.19 8.05 33.94
C GLN J 113 -29.73 7.93 35.39
N PRO J 114 -30.63 8.20 36.36
CA PRO J 114 -30.34 7.87 37.75
C PRO J 114 -30.07 6.39 37.99
N LYS J 115 -29.43 6.08 39.12
CA LYS J 115 -29.25 4.70 39.57
C LYS J 115 -30.57 4.15 40.02
N ALA J 116 -31.01 3.08 39.38
CA ALA J 116 -32.29 2.45 39.70
C ALA J 116 -32.06 0.98 39.99
N ALA J 117 -32.89 0.44 40.90
CA ALA J 117 -32.75 -0.92 41.45
C ALA J 117 -33.31 -1.98 40.49
N PRO J 118 -33.18 -3.28 40.81
CA PRO J 118 -33.76 -4.29 39.91
C PRO J 118 -35.22 -4.63 40.23
N SER J 119 -36.10 -4.48 39.24
CA SER J 119 -37.47 -5.02 39.31
C SER J 119 -37.36 -6.54 39.18
N VAL J 120 -37.35 -7.21 40.33
CA VAL J 120 -37.09 -8.64 40.41
C VAL J 120 -38.41 -9.40 40.58
N THR J 121 -38.42 -10.64 40.10
CA THR J 121 -39.57 -11.51 40.24
C THR J 121 -39.00 -12.96 40.34
N LEU J 122 -39.61 -13.93 39.66
CA LEU J 122 -39.32 -15.39 39.70
C LEU J 122 -40.69 -16.02 39.65
N PHE J 123 -40.90 -16.97 38.76
CA PHE J 123 -42.22 -17.57 38.73
C PHE J 123 -42.20 -19.01 39.20
N PRO J 124 -43.36 -19.52 39.64
CA PRO J 124 -43.50 -20.97 39.73
C PRO J 124 -43.64 -21.53 38.31
N PRO J 125 -43.46 -22.86 38.12
CA PRO J 125 -43.83 -23.43 36.83
C PRO J 125 -45.36 -23.42 36.67
N SER J 126 -45.84 -23.74 35.48
CA SER J 126 -47.28 -23.77 35.22
C SER J 126 -47.76 -25.20 35.15
N SER J 127 -48.95 -25.46 35.70
CA SER J 127 -49.61 -26.77 35.68
C SER J 127 -49.32 -27.55 34.39
N GLU J 128 -49.55 -26.87 33.26
CA GLU J 128 -49.40 -27.44 31.92
C GLU J 128 -48.06 -28.12 31.72
N GLU J 129 -46.98 -27.38 31.99
CA GLU J 129 -45.60 -27.88 31.88
C GLU J 129 -45.33 -29.06 32.85
N LEU J 130 -45.95 -29.01 34.04
CA LEU J 130 -45.81 -30.08 35.04
C LEU J 130 -46.56 -31.34 34.63
N GLN J 131 -47.77 -31.18 34.09
CA GLN J 131 -48.52 -32.34 33.53
C GLN J 131 -47.92 -32.89 32.21
N ALA J 132 -46.89 -32.24 31.68
CA ALA J 132 -46.01 -32.81 30.64
C ALA J 132 -44.60 -33.19 31.16
N ASN J 133 -44.46 -33.31 32.48
CA ASN J 133 -43.24 -33.78 33.17
C ASN J 133 -41.98 -32.89 33.15
N LYS J 134 -42.08 -31.65 32.67
CA LYS J 134 -40.94 -30.73 32.78
C LYS J 134 -41.22 -29.65 33.83
N ALA J 135 -40.15 -28.98 34.27
CA ALA J 135 -40.23 -27.87 35.21
C ALA J 135 -39.15 -26.84 34.88
N THR J 136 -39.52 -25.57 34.97
CA THR J 136 -38.65 -24.46 34.62
C THR J 136 -39.02 -23.24 35.47
N LEU J 137 -38.20 -22.96 36.48
CA LEU J 137 -38.39 -21.79 37.33
C LEU J 137 -37.74 -20.61 36.65
N VAL J 138 -38.46 -19.49 36.59
CA VAL J 138 -38.10 -18.38 35.71
C VAL J 138 -37.95 -17.11 36.52
N CYS J 139 -36.70 -16.80 36.86
CA CYS J 139 -36.36 -15.54 37.52
C CYS J 139 -36.35 -14.41 36.50
N LEU J 140 -36.97 -13.29 36.84
CA LEU J 140 -36.95 -12.09 36.02
C LEU J 140 -36.19 -10.99 36.76
N ILE J 141 -35.35 -10.29 36.01
CA ILE J 141 -34.68 -9.08 36.48
C ILE J 141 -34.86 -8.06 35.35
N SER J 142 -35.39 -6.88 35.68
CA SER J 142 -35.68 -5.85 34.69
C SER J 142 -35.63 -4.49 35.35
N ASP J 143 -35.84 -3.44 34.56
CA ASP J 143 -35.93 -2.07 35.07
C ASP J 143 -34.82 -1.81 36.08
N PHE J 144 -33.57 -1.80 35.61
N PHE J 144 -33.58 -1.78 35.59
CA PHE J 144 -32.41 -1.40 36.41
CA PHE J 144 -32.40 -1.45 36.39
C PHE J 144 -31.44 -0.57 35.58
C PHE J 144 -31.45 -0.55 35.58
N TYR J 145 -30.65 0.24 36.29
CA TYR J 145 -29.56 1.02 35.69
C TYR J 145 -28.51 1.26 36.78
N PRO J 146 -27.22 1.03 36.48
CA PRO J 146 -26.71 0.63 35.13
C PRO J 146 -26.86 -0.85 34.81
N GLY J 147 -26.52 -1.29 33.59
CA GLY J 147 -26.76 -2.68 33.19
C GLY J 147 -25.72 -3.69 33.65
N ALA J 148 -25.89 -4.24 34.84
CA ALA J 148 -24.94 -5.22 35.40
C ALA J 148 -25.51 -5.90 36.65
N VAL J 149 -25.97 -7.14 36.50
CA VAL J 149 -26.51 -7.93 37.62
C VAL J 149 -25.89 -9.34 37.62
N THR J 150 -25.76 -9.93 38.82
CA THR J 150 -25.20 -11.29 39.01
C THR J 150 -26.12 -12.12 39.92
N VAL J 151 -26.04 -13.45 39.84
CA VAL J 151 -26.94 -14.34 40.62
C VAL J 151 -26.29 -15.63 41.13
N ALA J 152 -27.04 -16.31 41.99
CA ALA J 152 -26.84 -17.71 42.33
C ALA J 152 -28.19 -18.27 42.79
N TRP J 153 -28.32 -19.59 42.88
CA TRP J 153 -29.59 -20.23 43.28
C TRP J 153 -29.45 -21.00 44.59
N LYS J 154 -30.60 -21.33 45.17
CA LYS J 154 -30.67 -22.24 46.32
C LYS J 154 -32.03 -22.94 46.36
N ALA J 155 -31.98 -24.21 46.75
CA ALA J 155 -33.15 -25.07 46.87
C ALA J 155 -33.42 -25.33 48.35
N ASP J 156 -34.38 -24.60 48.93
CA ASP J 156 -34.82 -24.79 50.31
C ASP J 156 -33.68 -24.69 51.35
N SER J 157 -32.75 -25.63 51.28
CA SER J 157 -31.57 -25.69 52.15
C SER J 157 -30.28 -25.21 51.46
N SER J 158 -30.00 -25.71 50.26
CA SER J 158 -28.65 -25.59 49.66
C SER J 158 -28.65 -25.08 48.21
N PRO J 159 -27.56 -24.40 47.78
CA PRO J 159 -27.45 -24.00 46.37
C PRO J 159 -27.42 -25.17 45.38
N VAL J 160 -27.79 -24.87 44.13
CA VAL J 160 -27.72 -25.85 43.04
C VAL J 160 -27.28 -25.11 41.78
N LYS J 161 -26.52 -25.81 40.94
CA LYS J 161 -26.00 -25.25 39.68
C LYS J 161 -26.41 -26.04 38.42
N ALA J 162 -27.13 -27.16 38.59
CA ALA J 162 -27.68 -27.92 37.46
C ALA J 162 -28.89 -27.19 36.91
N GLY J 163 -28.99 -27.11 35.58
CA GLY J 163 -30.12 -26.48 34.92
C GLY J 163 -30.14 -24.96 34.87
N VAL J 164 -29.22 -24.29 35.57
CA VAL J 164 -29.17 -22.83 35.59
C VAL J 164 -28.65 -22.25 34.28
N GLU J 165 -29.40 -21.32 33.71
CA GLU J 165 -28.97 -20.56 32.54
C GLU J 165 -29.35 -19.09 32.72
N THR J 166 -28.41 -18.33 33.30
CA THR J 166 -28.42 -16.85 33.32
C THR J 166 -28.38 -16.35 31.86
N THR J 167 -28.39 -15.04 31.66
CA THR J 167 -28.33 -14.50 30.30
C THR J 167 -27.31 -13.36 30.19
N THR J 168 -27.82 -12.14 29.99
CA THR J 168 -27.03 -11.02 29.51
C THR J 168 -27.84 -9.72 29.68
N PRO J 169 -27.24 -8.69 30.31
CA PRO J 169 -27.89 -7.38 30.32
C PRO J 169 -28.05 -6.83 28.90
N SER J 170 -29.19 -6.22 28.61
CA SER J 170 -29.43 -5.58 27.31
C SER J 170 -30.52 -4.50 27.44
N LYS J 171 -30.20 -3.29 27.00
CA LYS J 171 -31.11 -2.12 27.09
C LYS J 171 -32.51 -2.38 26.52
N GLN J 172 -33.49 -1.68 27.09
CA GLN J 172 -34.84 -1.61 26.51
C GLN J 172 -34.91 -0.26 25.79
N SER J 173 -36.12 0.16 25.39
CA SER J 173 -36.35 1.50 24.84
C SER J 173 -36.62 2.58 25.92
N ASN J 174 -36.40 2.23 27.19
CA ASN J 174 -36.58 3.12 28.34
C ASN J 174 -35.28 3.81 28.81
N ASN J 175 -34.12 3.19 28.52
CA ASN J 175 -32.78 3.51 29.09
C ASN J 175 -32.33 2.43 30.09
N LYS J 176 -33.28 1.74 30.70
CA LYS J 176 -32.96 0.68 31.66
C LYS J 176 -32.67 -0.62 30.90
N TYR J 177 -32.06 -1.58 31.60
CA TYR J 177 -31.75 -2.89 31.04
C TYR J 177 -32.68 -3.95 31.65
N ALA J 178 -32.56 -5.18 31.18
CA ALA J 178 -33.39 -6.30 31.65
C ALA J 178 -32.82 -7.64 31.23
N ALA J 179 -32.77 -8.58 32.17
CA ALA J 179 -32.18 -9.91 31.96
C ALA J 179 -33.14 -11.01 32.45
N SER J 180 -32.62 -12.23 32.64
CA SER J 180 -33.40 -13.34 33.20
C SER J 180 -32.51 -14.48 33.71
N SER J 181 -33.06 -15.35 34.55
CA SER J 181 -32.33 -16.51 35.07
C SER J 181 -33.26 -17.72 35.15
N TYR J 182 -33.08 -18.64 34.20
CA TYR J 182 -33.90 -19.83 34.08
C TYR J 182 -33.23 -20.99 34.80
N LEU J 183 -33.99 -21.70 35.64
CA LEU J 183 -33.53 -22.93 36.28
C LEU J 183 -34.50 -24.05 35.94
N SER J 184 -34.00 -25.12 35.33
CA SER J 184 -34.80 -26.27 34.96
C SER J 184 -34.51 -27.46 35.88
N LEU J 185 -35.56 -28.22 36.21
CA LEU J 185 -35.46 -29.44 37.00
C LEU J 185 -36.71 -30.29 36.71
N THR J 186 -36.89 -31.38 37.44
CA THR J 186 -38.07 -32.24 37.27
C THR J 186 -39.22 -31.83 38.21
N PRO J 187 -40.47 -32.17 37.85
CA PRO J 187 -41.61 -31.78 38.70
C PRO J 187 -41.54 -32.39 40.09
N GLU J 188 -41.12 -33.65 40.16
CA GLU J 188 -40.85 -34.32 41.44
C GLU J 188 -39.71 -33.65 42.20
N GLN J 189 -38.70 -33.12 41.49
CA GLN J 189 -37.66 -32.29 42.13
C GLN J 189 -38.23 -31.00 42.72
N TRP J 190 -39.21 -30.38 42.04
CA TRP J 190 -39.79 -29.14 42.55
C TRP J 190 -40.69 -29.38 43.76
N LYS J 191 -41.66 -30.27 43.61
CA LYS J 191 -42.55 -30.66 44.72
C LYS J 191 -41.83 -31.33 45.90
N SER J 192 -40.58 -31.78 45.71
CA SER J 192 -39.75 -32.32 46.81
C SER J 192 -39.62 -31.31 47.96
N HIS J 193 -38.97 -30.19 47.67
CA HIS J 193 -38.73 -29.14 48.67
C HIS J 193 -39.83 -28.11 48.48
N ARG J 194 -40.37 -27.56 49.56
CA ARG J 194 -41.33 -26.45 49.43
C ARG J 194 -40.62 -25.11 49.68
N SER J 195 -39.65 -24.82 48.80
CA SER J 195 -38.84 -23.60 48.84
C SER J 195 -37.74 -23.61 47.76
N TYR J 196 -37.79 -22.61 46.87
CA TYR J 196 -36.72 -22.27 45.92
C TYR J 196 -36.64 -20.74 45.81
N SER J 197 -35.46 -20.21 45.53
CA SER J 197 -35.30 -18.76 45.35
C SER J 197 -34.06 -18.40 44.55
N CYS J 198 -34.17 -17.31 43.78
CA CYS J 198 -33.11 -16.80 42.92
C CYS J 198 -32.61 -15.47 43.47
N GLN J 199 -31.29 -15.33 43.56
CA GLN J 199 -30.63 -14.15 44.16
C GLN J 199 -30.13 -13.19 43.09
N VAL J 200 -29.71 -12.00 43.51
CA VAL J 200 -29.18 -10.95 42.63
C VAL J 200 -28.00 -10.24 43.35
N THR J 201 -27.21 -9.45 42.61
CA THR J 201 -26.21 -8.54 43.22
C THR J 201 -25.98 -7.27 42.37
N HIS J 202 -27.00 -6.41 42.37
CA HIS J 202 -26.95 -5.13 41.66
C HIS J 202 -25.96 -4.21 42.38
N GLU J 203 -24.96 -3.70 41.65
CA GLU J 203 -23.96 -2.76 42.20
C GLU J 203 -23.64 -2.98 43.69
N GLY J 204 -23.16 -4.18 44.02
CA GLY J 204 -22.94 -4.60 45.41
C GLY J 204 -24.16 -4.42 46.31
N SER J 205 -25.27 -5.03 45.92
CA SER J 205 -26.56 -4.86 46.62
C SER J 205 -27.57 -5.89 46.08
N THR J 206 -28.22 -6.65 46.96
CA THR J 206 -28.97 -7.86 46.56
C THR J 206 -30.36 -7.59 45.92
N VAL J 207 -31.46 -7.81 46.67
CA VAL J 207 -32.86 -8.02 46.19
C VAL J 207 -33.15 -9.54 46.11
N GLU J 208 -34.39 -9.94 46.41
CA GLU J 208 -34.75 -11.36 46.41
C GLU J 208 -36.27 -11.61 46.26
N LYS J 209 -36.62 -12.83 45.87
CA LYS J 209 -38.01 -13.28 45.84
C LYS J 209 -38.08 -14.82 45.86
N THR J 210 -38.74 -15.38 46.88
CA THR J 210 -38.75 -16.83 47.18
C THR J 210 -40.06 -17.48 46.70
N VAL J 211 -39.97 -18.74 46.28
CA VAL J 211 -41.11 -19.51 45.75
C VAL J 211 -41.19 -20.93 46.35
N ALA J 212 -42.40 -21.48 46.43
CA ALA J 212 -42.62 -22.84 46.93
C ALA J 212 -43.94 -23.41 46.35
N PRO J 213 -44.01 -24.75 46.12
CA PRO J 213 -45.24 -25.40 45.64
C PRO J 213 -46.17 -25.82 46.77
N GLN K 1 11.47 -7.29 47.80
CA GLN K 1 10.16 -6.90 48.43
C GLN K 1 9.10 -8.02 48.50
N VAL K 2 9.26 -9.08 47.69
CA VAL K 2 8.27 -10.15 47.59
C VAL K 2 8.03 -10.87 48.92
N GLN K 3 6.75 -11.03 49.27
CA GLN K 3 6.32 -11.64 50.53
C GLN K 3 5.61 -12.96 50.24
N LEU K 4 5.83 -13.94 51.11
CA LEU K 4 5.19 -15.25 51.01
C LEU K 4 4.48 -15.55 52.33
N VAL K 5 3.17 -15.80 52.28
CA VAL K 5 2.39 -16.17 53.47
C VAL K 5 1.55 -17.41 53.18
N GLN K 6 1.52 -18.32 54.13
CA GLN K 6 1.03 -19.68 53.94
C GLN K 6 -0.24 -19.92 54.73
N SER K 7 -0.86 -21.08 54.50
CA SER K 7 -2.05 -21.49 55.23
C SER K 7 -1.75 -21.75 56.69
N GLY K 8 -2.80 -21.74 57.51
CA GLY K 8 -2.67 -22.01 58.95
C GLY K 8 -2.24 -23.45 59.24
N ALA K 9 -1.83 -23.68 60.48
CA ALA K 9 -1.39 -25.01 60.90
C ALA K 9 -2.54 -26.01 60.80
N GLU K 10 -2.21 -27.27 60.51
CA GLU K 10 -3.20 -28.34 60.34
C GLU K 10 -2.88 -29.52 61.25
N VAL K 11 -3.91 -30.29 61.59
CA VAL K 11 -3.75 -31.54 62.32
C VAL K 11 -4.47 -32.64 61.54
N LYS K 12 -3.76 -33.73 61.25
CA LYS K 12 -4.31 -34.79 60.40
C LYS K 12 -3.85 -36.14 60.95
N LYS K 13 -4.68 -37.16 60.76
CA LYS K 13 -4.40 -38.50 61.30
C LYS K 13 -3.45 -39.28 60.40
N PRO K 14 -2.97 -40.47 60.85
CA PRO K 14 -2.23 -41.38 59.97
C PRO K 14 -3.02 -41.78 58.73
N GLY K 15 -2.30 -42.26 57.71
CA GLY K 15 -2.90 -42.68 56.43
C GLY K 15 -3.74 -41.62 55.72
N SER K 16 -3.45 -40.35 56.02
CA SER K 16 -4.23 -39.20 55.54
C SER K 16 -3.39 -38.42 54.54
N SER K 17 -3.78 -37.18 54.28
CA SER K 17 -3.06 -36.29 53.38
C SER K 17 -3.45 -34.83 53.60
N VAL K 18 -2.55 -33.92 53.26
CA VAL K 18 -2.74 -32.50 53.52
C VAL K 18 -2.42 -31.69 52.25
N ARG K 19 -2.97 -30.48 52.17
CA ARG K 19 -2.63 -29.53 51.11
C ARG K 19 -2.30 -28.18 51.73
N VAL K 20 -1.03 -27.81 51.67
CA VAL K 20 -0.57 -26.52 52.15
C VAL K 20 -0.56 -25.50 51.02
N SER K 21 -0.83 -24.24 51.33
CA SER K 21 -0.76 -23.20 50.30
C SER K 21 0.25 -22.10 50.63
N CYS K 22 0.89 -21.57 49.59
CA CYS K 22 1.73 -20.40 49.69
C CYS K 22 1.06 -19.34 48.82
N LYS K 23 1.06 -18.09 49.27
CA LYS K 23 0.61 -16.97 48.47
C LYS K 23 1.77 -16.00 48.33
N ALA K 24 2.13 -15.68 47.08
CA ALA K 24 3.17 -14.67 46.81
C ALA K 24 2.51 -13.30 46.70
N SER K 25 3.27 -12.27 47.06
CA SER K 25 2.79 -10.88 47.00
C SER K 25 3.94 -9.93 46.71
N GLY K 26 3.69 -8.94 45.85
CA GLY K 26 4.67 -7.89 45.54
C GLY K 26 5.94 -8.35 44.85
N GLY K 27 5.81 -9.34 43.96
CA GLY K 27 6.96 -9.85 43.21
C GLY K 27 6.61 -10.73 42.04
N SER K 28 7.64 -11.35 41.46
CA SER K 28 7.47 -12.29 40.36
C SER K 28 7.01 -13.61 40.93
N PHE K 29 5.91 -14.16 40.41
CA PHE K 29 5.49 -15.51 40.79
C PHE K 29 5.90 -16.53 39.71
N SER K 30 4.96 -17.00 38.88
CA SER K 30 5.18 -18.15 37.98
C SER K 30 5.30 -19.50 38.72
N ARG K 31 5.26 -20.55 37.90
CA ARG K 31 5.20 -21.92 38.38
C ARG K 31 6.51 -22.45 38.91
N TYR K 32 7.62 -21.79 38.58
CA TYR K 32 8.93 -22.30 38.95
C TYR K 32 9.50 -21.67 40.21
N THR K 33 8.83 -20.64 40.69
CA THR K 33 9.40 -19.78 41.72
C THR K 33 9.27 -20.32 43.16
N VAL K 34 8.39 -21.29 43.40
CA VAL K 34 8.18 -21.84 44.74
C VAL K 34 8.77 -23.24 44.87
N ASN K 35 9.53 -23.42 45.96
CA ASN K 35 10.17 -24.66 46.35
C ASN K 35 9.71 -25.02 47.76
N TRP K 36 9.49 -26.31 48.00
CA TRP K 36 8.99 -26.78 49.30
C TRP K 36 10.10 -27.42 50.14
N VAL K 37 10.24 -26.93 51.37
CA VAL K 37 11.27 -27.39 52.29
C VAL K 37 10.64 -27.51 53.68
N ARG K 38 10.93 -28.60 54.38
CA ARG K 38 10.32 -28.84 55.70
C ARG K 38 11.33 -29.02 56.81
N GLN K 39 10.84 -29.12 58.05
CA GLN K 39 11.70 -29.31 59.21
C GLN K 39 10.91 -29.93 60.35
N ALA K 40 11.32 -31.11 60.82
CA ALA K 40 10.71 -31.68 62.01
C ALA K 40 11.14 -30.84 63.22
N PRO K 41 10.33 -30.82 64.30
CA PRO K 41 10.67 -29.91 65.42
C PRO K 41 12.05 -30.22 65.98
N GLY K 42 12.88 -29.18 66.13
CA GLY K 42 14.27 -29.34 66.61
C GLY K 42 15.14 -30.24 65.76
N GLN K 43 15.12 -30.04 64.44
CA GLN K 43 15.86 -30.89 63.50
C GLN K 43 16.28 -30.07 62.26
N GLY K 44 16.91 -30.72 61.29
CA GLY K 44 17.45 -30.05 60.11
C GLY K 44 16.41 -29.71 59.07
N LEU K 45 16.86 -29.01 58.02
CA LEU K 45 16.01 -28.69 56.88
C LEU K 45 16.08 -29.85 55.91
N GLU K 46 14.94 -30.21 55.35
CA GLU K 46 14.84 -31.31 54.39
C GLU K 46 14.14 -30.77 53.15
N TRP K 47 14.85 -30.76 52.01
CA TRP K 47 14.26 -30.29 50.75
C TRP K 47 13.30 -31.34 50.23
N MET K 48 12.16 -30.87 49.73
CA MET K 48 11.09 -31.73 49.26
C MET K 48 10.83 -31.63 47.75
N ALA K 49 10.52 -30.45 47.21
CA ALA K 49 10.16 -30.38 45.79
C ALA K 49 10.46 -29.09 45.03
N ARG K 50 10.33 -29.18 43.72
CA ARG K 50 10.47 -28.04 42.81
C ARG K 50 9.79 -28.34 41.49
N PHE K 51 9.56 -27.26 40.74
CA PHE K 51 9.00 -27.35 39.42
C PHE K 51 10.05 -26.82 38.49
N ILE K 52 10.31 -27.58 37.43
CA ILE K 52 11.40 -27.31 36.54
C ILE K 52 10.87 -26.62 35.30
N PRO K 53 11.58 -25.62 34.79
CA PRO K 53 11.24 -24.98 33.51
C PRO K 53 11.40 -25.85 32.26
N ILE K 54 11.03 -25.30 31.13
CA ILE K 54 11.06 -25.99 29.85
C ILE K 54 10.29 -27.31 29.86
N PHE K 55 10.68 -28.31 30.61
CA PHE K 55 9.88 -29.51 30.58
C PHE K 55 9.05 -29.29 31.79
N ASN K 56 7.82 -28.85 31.64
CA ASN K 56 7.05 -28.45 32.82
C ASN K 56 6.45 -29.63 33.57
N MET K 57 7.35 -30.36 34.22
CA MET K 57 7.00 -31.44 35.10
C MET K 57 7.79 -31.20 36.37
N PRO K 58 7.24 -31.58 37.51
CA PRO K 58 7.86 -31.40 38.81
C PRO K 58 8.92 -32.43 39.10
N ASP K 59 9.88 -32.04 39.94
CA ASP K 59 10.94 -32.92 40.39
C ASP K 59 10.83 -33.06 41.90
N TYR K 60 10.93 -34.29 42.39
CA TYR K 60 10.82 -34.57 43.82
C TYR K 60 12.05 -35.29 44.36
N ALA K 61 12.33 -35.07 45.65
CA ALA K 61 13.35 -35.84 46.36
C ALA K 61 12.87 -37.30 46.43
N PRO K 62 13.77 -38.28 46.17
CA PRO K 62 13.36 -39.71 46.08
C PRO K 62 12.52 -40.25 47.25
N LYS K 63 12.74 -39.71 48.44
CA LYS K 63 11.98 -40.06 49.64
C LYS K 63 10.46 -39.94 49.48
N PHE K 64 10.01 -38.94 48.73
CA PHE K 64 8.62 -38.53 48.75
C PHE K 64 7.76 -39.00 47.55
N GLN K 65 8.38 -39.59 46.53
CA GLN K 65 7.80 -39.61 45.16
C GLN K 65 6.38 -40.17 45.03
N GLY K 66 6.24 -41.49 45.07
CA GLY K 66 4.92 -42.10 45.04
C GLY K 66 3.83 -41.37 45.81
N ARG K 67 4.19 -40.43 46.70
CA ARG K 67 3.19 -39.76 47.50
C ARG K 67 3.22 -38.22 47.62
N ILE K 68 4.04 -37.54 46.82
CA ILE K 68 4.08 -36.08 46.84
C ILE K 68 3.45 -35.54 45.57
N THR K 69 2.96 -34.32 45.64
CA THR K 69 2.38 -33.67 44.46
C THR K 69 2.41 -32.18 44.62
N ILE K 70 3.15 -31.48 43.77
CA ILE K 70 3.11 -30.02 43.79
C ILE K 70 2.51 -29.45 42.52
N THR K 71 1.85 -28.31 42.67
CA THR K 71 1.21 -27.61 41.56
C THR K 71 1.16 -26.12 41.93
N ALA K 72 0.75 -25.30 40.98
CA ALA K 72 0.61 -23.87 41.22
C ALA K 72 -0.34 -23.24 40.20
N ASP K 73 -0.92 -22.10 40.61
CA ASP K 73 -1.87 -21.34 39.79
C ASP K 73 -1.34 -19.91 39.71
N GLU K 74 -0.85 -19.54 38.52
CA GLU K 74 -0.30 -18.21 38.30
C GLU K 74 -1.34 -17.11 38.46
N SER K 75 -2.58 -17.36 38.03
CA SER K 75 -3.64 -16.34 38.08
C SER K 75 -3.97 -15.88 39.52
N THR K 76 -3.91 -16.81 40.48
CA THR K 76 -4.11 -16.50 41.90
C THR K 76 -2.81 -16.23 42.67
N SER K 77 -1.66 -16.42 42.03
CA SER K 77 -0.35 -16.27 42.68
C SER K 77 -0.26 -17.15 43.94
N THR K 78 -0.67 -18.41 43.78
CA THR K 78 -0.76 -19.37 44.88
C THR K 78 -0.03 -20.67 44.51
N ALA K 79 0.73 -21.20 45.47
CA ALA K 79 1.42 -22.50 45.34
C ALA K 79 0.77 -23.55 46.23
N TYR K 80 0.78 -24.79 45.79
CA TYR K 80 0.16 -25.87 46.53
C TYR K 80 1.12 -27.03 46.69
N LEU K 81 1.04 -27.72 47.82
CA LEU K 81 1.83 -28.92 48.04
C LEU K 81 0.97 -29.95 48.71
N GLU K 82 0.92 -31.15 48.15
CA GLU K 82 0.12 -32.18 48.72
C GLU K 82 1.00 -33.34 49.08
N LEU K 83 0.88 -33.78 50.32
CA LEU K 83 1.48 -35.00 50.76
C LEU K 83 0.39 -35.89 51.35
N SER K 84 0.57 -37.18 51.00
CA SER K 84 -0.35 -38.28 51.30
C SER K 84 0.37 -39.49 51.92
N SER K 85 -0.43 -40.51 52.25
CA SER K 85 0.03 -41.69 52.98
C SER K 85 0.80 -41.26 54.23
N LEU K 86 0.20 -40.34 55.00
CA LEU K 86 0.91 -39.65 56.06
C LEU K 86 1.36 -40.59 57.19
N THR K 87 2.38 -40.13 57.91
CA THR K 87 3.05 -40.91 58.97
C THR K 87 3.36 -39.92 60.09
N SER K 88 3.44 -40.39 61.33
CA SER K 88 3.67 -39.50 62.48
C SER K 88 4.92 -38.63 62.33
N ASP K 89 6.00 -39.18 61.78
CA ASP K 89 7.25 -38.42 61.56
C ASP K 89 7.17 -37.34 60.46
N ASP K 90 6.13 -37.38 59.62
CA ASP K 90 5.84 -36.27 58.70
C ASP K 90 5.38 -34.99 59.41
N THR K 91 5.06 -35.11 60.70
CA THR K 91 4.91 -33.94 61.56
C THR K 91 6.17 -33.07 61.48
N ALA K 92 6.01 -31.93 60.82
CA ALA K 92 7.09 -30.98 60.63
C ALA K 92 6.52 -29.61 60.30
N VAL K 93 7.40 -28.63 60.30
CA VAL K 93 7.05 -27.32 59.81
C VAL K 93 7.24 -27.41 58.31
N TYR K 94 6.30 -26.88 57.56
CA TYR K 94 6.41 -26.91 56.12
C TYR K 94 6.55 -25.51 55.59
N TYR K 95 7.57 -25.28 54.78
CA TYR K 95 7.86 -23.95 54.24
C TYR K 95 7.81 -23.89 52.71
N CYS K 96 7.19 -22.85 52.18
CA CYS K 96 7.44 -22.50 50.79
C CYS K 96 8.58 -21.49 50.82
N ALA K 97 9.54 -21.67 49.93
CA ALA K 97 10.66 -20.74 49.76
C ALA K 97 10.70 -20.37 48.28
N SER K 98 11.15 -19.16 47.95
CA SER K 98 11.14 -18.74 46.55
C SER K 98 12.52 -18.77 45.92
N ARG K 99 12.65 -19.65 44.93
CA ARG K 99 13.85 -19.80 44.13
C ARG K 99 14.26 -18.50 43.46
N GLN K 100 15.57 -18.29 43.35
CA GLN K 100 16.11 -17.18 42.59
C GLN K 100 16.79 -17.72 41.37
N HIS K 101 17.15 -16.83 40.46
N HIS K 101 17.12 -16.82 40.44
CA HIS K 101 17.78 -17.22 39.20
CA HIS K 101 17.95 -17.10 39.27
C HIS K 101 18.79 -18.40 39.27
C HIS K 101 18.82 -18.37 39.29
N HIS K 102 19.10 -18.92 40.47
CA HIS K 102 20.01 -20.05 40.63
C HIS K 102 19.60 -21.24 41.56
N GLU K 103 18.39 -21.28 42.11
CA GLU K 103 17.93 -22.36 43.05
C GLU K 103 18.52 -22.28 44.47
N TYR K 104 18.79 -21.04 44.88
CA TYR K 104 18.99 -20.69 46.27
C TYR K 104 17.72 -19.90 46.59
N PHE K 105 17.18 -20.10 47.78
CA PHE K 105 15.87 -19.52 48.11
C PHE K 105 16.08 -18.34 49.03
N GLN K 106 15.68 -17.15 48.59
CA GLN K 106 15.89 -15.94 49.36
C GLN K 106 14.71 -15.63 50.25
N GLU K 107 13.53 -15.60 49.66
CA GLU K 107 12.33 -15.30 50.40
C GLU K 107 11.70 -16.62 50.83
N TRP K 108 11.48 -16.73 52.13
CA TRP K 108 10.87 -17.91 52.73
C TRP K 108 9.51 -17.53 53.25
N GLY K 109 8.65 -18.53 53.42
CA GLY K 109 7.31 -18.32 53.96
C GLY K 109 7.29 -18.19 55.47
N GLN K 110 6.13 -18.39 56.08
CA GLN K 110 6.03 -18.30 57.53
C GLN K 110 6.07 -19.67 58.20
N GLY K 111 5.95 -20.70 57.38
CA GLY K 111 5.90 -22.06 57.83
C GLY K 111 4.47 -22.51 58.10
N THR K 112 4.12 -23.72 57.69
CA THR K 112 2.80 -24.25 57.96
C THR K 112 2.95 -25.50 58.80
N LEU K 113 2.86 -25.34 60.11
CA LEU K 113 3.00 -26.48 61.01
C LEU K 113 1.92 -27.52 60.77
N VAL K 114 2.33 -28.73 60.46
CA VAL K 114 1.40 -29.82 60.24
C VAL K 114 1.77 -30.95 61.17
N THR K 115 0.79 -31.42 61.93
CA THR K 115 1.01 -32.46 62.92
C THR K 115 0.26 -33.72 62.54
N VAL K 116 0.92 -34.87 62.72
CA VAL K 116 0.32 -36.15 62.36
C VAL K 116 0.35 -37.14 63.52
N SER K 117 -0.84 -37.54 63.98
CA SER K 117 -1.03 -38.49 65.07
C SER K 117 -2.54 -38.78 65.24
N SER K 118 -2.88 -39.55 66.26
CA SER K 118 -4.27 -39.77 66.65
C SER K 118 -4.26 -39.89 68.17
N ALA K 119 -3.93 -38.83 68.93
CA ALA K 119 -4.27 -37.39 68.74
C ALA K 119 -5.74 -37.06 68.51
N SER K 120 -6.30 -36.34 69.49
CA SER K 120 -7.61 -35.69 69.43
C SER K 120 -7.44 -34.38 70.20
N THR K 121 -7.58 -33.24 69.51
CA THR K 121 -7.36 -31.90 70.09
C THR K 121 -7.96 -31.75 71.50
N LYS K 122 -7.15 -31.27 72.45
CA LYS K 122 -7.57 -31.14 73.85
C LYS K 122 -6.89 -29.94 74.49
N GLY K 123 -7.56 -29.36 75.48
CA GLY K 123 -6.98 -28.32 76.28
C GLY K 123 -6.11 -28.82 77.41
N PRO K 124 -5.09 -28.03 77.82
CA PRO K 124 -4.11 -28.37 78.84
C PRO K 124 -4.68 -28.32 80.24
N SER K 125 -4.02 -29.03 81.15
CA SER K 125 -4.43 -29.07 82.55
C SER K 125 -3.22 -28.64 83.34
N VAL K 126 -3.11 -27.35 83.63
CA VAL K 126 -1.92 -26.84 84.33
C VAL K 126 -2.06 -27.00 85.84
N PHE K 127 -1.01 -27.51 86.46
CA PHE K 127 -0.98 -27.74 87.89
C PHE K 127 0.14 -26.90 88.48
N PRO K 128 0.04 -26.56 89.77
CA PRO K 128 1.12 -25.71 90.22
C PRO K 128 2.41 -26.45 90.51
N LEU K 129 3.45 -25.68 90.73
CA LEU K 129 4.74 -26.19 91.14
C LEU K 129 5.12 -25.29 92.27
N ALA K 130 5.01 -25.80 93.49
CA ALA K 130 5.25 -25.00 94.67
C ALA K 130 6.62 -25.33 95.24
N PRO K 131 7.21 -24.38 96.00
CA PRO K 131 8.46 -24.33 96.81
C PRO K 131 8.62 -25.40 97.91
N SER K 132 9.01 -25.03 99.13
CA SER K 132 9.14 -26.03 100.21
C SER K 132 9.38 -25.43 101.61
N SER K 133 10.64 -25.11 101.89
CA SER K 133 11.12 -24.84 103.24
C SER K 133 10.63 -23.49 103.78
N THR K 140 16.78 -16.49 96.73
CA THR K 140 16.05 -16.84 95.52
C THR K 140 15.41 -18.24 95.60
N ALA K 141 14.08 -18.27 95.65
CA ALA K 141 13.30 -19.51 95.51
C ALA K 141 12.79 -19.64 94.08
N ALA K 142 12.42 -20.86 93.71
CA ALA K 142 11.93 -21.17 92.37
C ALA K 142 10.54 -21.79 92.41
N LEU K 143 9.73 -21.46 91.41
CA LEU K 143 8.38 -21.98 91.28
C LEU K 143 8.01 -22.08 89.81
N GLY K 144 6.85 -22.70 89.54
CA GLY K 144 6.39 -22.90 88.17
C GLY K 144 4.98 -23.44 88.03
N CYS K 145 4.53 -23.51 86.78
CA CYS K 145 3.28 -24.18 86.40
C CYS K 145 3.63 -25.40 85.51
N LEU K 146 2.78 -26.42 85.55
CA LEU K 146 2.95 -27.61 84.72
C LEU K 146 1.81 -27.67 83.70
N VAL K 147 2.11 -27.36 82.44
CA VAL K 147 1.15 -27.48 81.35
C VAL K 147 1.22 -28.90 80.78
N LYS K 148 0.28 -29.74 81.20
CA LYS K 148 0.28 -31.17 80.92
C LYS K 148 -0.96 -31.53 80.09
N ASP K 149 -0.81 -32.55 79.24
CA ASP K 149 -1.91 -33.17 78.49
C ASP K 149 -2.69 -32.18 77.64
N TYR K 150 -2.09 -31.76 76.53
CA TYR K 150 -2.72 -30.88 75.55
C TYR K 150 -2.33 -31.29 74.13
N PHE K 151 -3.12 -30.83 73.16
CA PHE K 151 -2.89 -31.15 71.75
C PHE K 151 -3.58 -30.14 70.84
N PRO K 152 -2.91 -29.64 69.80
CA PRO K 152 -1.50 -29.84 69.51
C PRO K 152 -0.72 -28.64 70.05
N GLU K 153 0.51 -28.46 69.60
CA GLU K 153 1.26 -27.26 69.96
C GLU K 153 0.80 -26.05 69.12
N PRO K 154 1.02 -24.82 69.60
CA PRO K 154 1.76 -24.54 70.84
C PRO K 154 0.85 -24.07 71.97
N VAL K 155 1.45 -23.88 73.13
CA VAL K 155 0.85 -23.09 74.20
C VAL K 155 1.82 -21.99 74.57
N THR K 156 1.29 -20.80 74.84
CA THR K 156 2.11 -19.67 75.29
C THR K 156 1.80 -19.44 76.75
N VAL K 157 2.83 -19.55 77.58
CA VAL K 157 2.71 -19.29 79.01
C VAL K 157 3.30 -17.91 79.27
N SER K 158 2.70 -17.20 80.21
CA SER K 158 3.14 -15.86 80.61
C SER K 158 2.91 -15.69 82.10
N TRP K 159 3.72 -14.84 82.74
CA TRP K 159 3.70 -14.69 84.20
C TRP K 159 3.27 -13.29 84.64
N ASN K 160 2.27 -13.25 85.53
CA ASN K 160 1.65 -12.01 86.01
C ASN K 160 1.19 -11.13 84.82
N SER K 161 0.42 -11.76 83.94
CA SER K 161 -0.24 -11.07 82.83
C SER K 161 0.70 -10.20 81.99
N GLY K 162 1.93 -10.68 81.80
CA GLY K 162 2.94 -9.98 81.00
C GLY K 162 4.13 -9.43 81.77
N ALA K 163 3.90 -8.92 82.99
CA ALA K 163 4.90 -8.08 83.69
C ALA K 163 6.13 -8.81 84.27
N LEU K 164 5.98 -10.09 84.64
CA LEU K 164 7.09 -10.88 85.18
C LEU K 164 7.91 -11.52 84.07
N THR K 165 9.01 -10.85 83.69
CA THR K 165 9.92 -11.31 82.63
C THR K 165 11.22 -11.92 83.16
N SER K 166 11.64 -11.52 84.36
CA SER K 166 12.95 -11.89 84.92
C SER K 166 12.99 -13.35 85.37
N GLY K 167 14.05 -14.05 84.99
CA GLY K 167 14.28 -15.44 85.40
C GLY K 167 13.27 -16.47 84.94
N VAL K 168 12.44 -16.11 83.95
CA VAL K 168 11.36 -16.97 83.47
C VAL K 168 11.91 -17.95 82.46
N HIS K 169 11.57 -19.23 82.62
CA HIS K 169 11.92 -20.27 81.66
C HIS K 169 10.69 -21.09 81.27
N THR K 170 10.25 -20.95 80.01
CA THR K 170 9.20 -21.80 79.42
C THR K 170 9.91 -22.88 78.61
N PHE K 171 9.79 -24.12 79.06
CA PHE K 171 10.51 -25.22 78.45
C PHE K 171 9.85 -25.68 77.17
N PRO K 172 10.65 -26.16 76.19
CA PRO K 172 10.04 -26.84 75.06
C PRO K 172 9.10 -27.96 75.50
N ALA K 173 8.06 -28.19 74.70
CA ALA K 173 7.17 -29.32 74.91
C ALA K 173 7.93 -30.60 74.60
N VAL K 174 7.47 -31.69 75.21
CA VAL K 174 8.01 -33.02 74.93
C VAL K 174 6.83 -33.99 74.88
N LEU K 175 6.57 -34.55 73.70
CA LEU K 175 5.42 -35.43 73.50
C LEU K 175 5.61 -36.76 74.23
N GLN K 176 4.56 -37.19 74.94
CA GLN K 176 4.57 -38.41 75.74
C GLN K 176 4.00 -39.58 74.93
N SER K 177 4.35 -40.80 75.32
CA SER K 177 3.75 -42.01 74.72
C SER K 177 2.23 -42.04 74.90
N SER K 178 1.73 -41.21 75.82
CA SER K 178 0.32 -40.79 75.84
C SER K 178 -0.19 -40.23 74.50
N GLY K 179 0.70 -39.63 73.69
CA GLY K 179 0.30 -38.96 72.45
C GLY K 179 0.09 -37.47 72.63
N LEU K 180 -0.23 -37.05 73.86
CA LEU K 180 -0.43 -35.65 74.21
C LEU K 180 0.90 -34.95 74.41
N TYR K 181 0.84 -33.63 74.52
CA TYR K 181 2.02 -32.78 74.76
C TYR K 181 2.01 -32.29 76.21
N SER K 182 3.22 -32.03 76.73
CA SER K 182 3.40 -31.50 78.08
C SER K 182 4.67 -30.66 78.17
N LEU K 183 4.56 -29.52 78.85
CA LEU K 183 5.72 -28.69 79.18
C LEU K 183 5.54 -28.07 80.55
N SER K 184 6.65 -27.78 81.20
CA SER K 184 6.65 -27.05 82.44
C SER K 184 7.23 -25.66 82.22
N SER K 185 6.68 -24.65 82.91
CA SER K 185 7.22 -23.28 82.90
C SER K 185 7.56 -22.90 84.32
N VAL K 186 8.71 -22.28 84.51
CA VAL K 186 9.23 -21.96 85.85
C VAL K 186 9.73 -20.52 85.92
N VAL K 187 10.01 -20.06 87.14
CA VAL K 187 10.54 -18.72 87.37
C VAL K 187 11.22 -18.63 88.74
N THR K 188 12.31 -17.86 88.81
CA THR K 188 13.04 -17.66 90.07
C THR K 188 12.81 -16.23 90.55
N VAL K 189 12.58 -16.10 91.86
CA VAL K 189 12.22 -14.83 92.49
C VAL K 189 12.77 -14.81 93.91
N PRO K 190 12.89 -13.60 94.53
CA PRO K 190 13.49 -13.51 95.87
C PRO K 190 12.92 -14.47 96.91
N SER K 191 13.80 -15.01 97.74
CA SER K 191 13.42 -15.88 98.85
C SER K 191 12.28 -15.22 99.64
N SER K 192 12.55 -14.04 100.22
CA SER K 192 11.55 -13.30 100.98
C SER K 192 10.70 -12.47 100.01
N SER K 193 9.50 -12.96 99.76
CA SER K 193 8.58 -12.42 98.73
C SER K 193 7.33 -13.30 98.55
N LEU K 194 7.50 -14.61 98.65
CA LEU K 194 6.47 -15.60 98.38
C LEU K 194 5.16 -15.43 99.18
N GLY K 195 5.25 -14.82 100.36
CA GLY K 195 4.09 -14.43 101.17
C GLY K 195 3.58 -13.00 100.93
N THR K 196 4.48 -12.10 100.54
CA THR K 196 4.14 -10.69 100.26
C THR K 196 3.53 -10.48 98.87
N GLN K 197 4.06 -11.17 97.86
CA GLN K 197 3.74 -10.93 96.45
C GLN K 197 3.07 -12.14 95.81
N THR K 198 2.01 -11.89 95.04
CA THR K 198 1.27 -12.94 94.34
C THR K 198 1.97 -13.31 93.05
N TYR K 199 1.95 -14.59 92.69
CA TYR K 199 2.57 -15.06 91.44
C TYR K 199 1.57 -15.90 90.63
N ILE K 200 1.41 -15.55 89.36
CA ILE K 200 0.37 -16.11 88.49
C ILE K 200 0.96 -16.50 87.15
N CYS K 201 0.56 -17.66 86.62
CA CYS K 201 0.88 -18.06 85.25
C CYS K 201 -0.36 -17.96 84.35
N ASN K 202 -0.18 -17.40 83.16
CA ASN K 202 -1.27 -17.13 82.23
C ASN K 202 -1.01 -17.94 80.98
N VAL K 203 -1.75 -19.03 80.84
CA VAL K 203 -1.55 -19.99 79.74
C VAL K 203 -2.57 -19.72 78.63
N ASN K 204 -2.17 -20.04 77.40
CA ASN K 204 -3.04 -19.91 76.24
C ASN K 204 -2.79 -21.07 75.29
N HIS K 205 -3.87 -21.81 74.98
CA HIS K 205 -3.84 -22.90 74.01
C HIS K 205 -5.03 -22.80 73.06
N LYS K 206 -4.73 -22.35 71.83
CA LYS K 206 -5.69 -22.32 70.75
C LYS K 206 -5.49 -23.59 69.93
N PRO K 207 -6.46 -24.52 69.99
CA PRO K 207 -7.78 -24.26 70.54
C PRO K 207 -8.17 -25.11 71.77
N SER K 208 -8.91 -24.56 72.73
CA SER K 208 -9.19 -23.13 72.82
C SER K 208 -9.34 -22.71 74.28
N ASN K 209 -8.48 -23.29 75.11
CA ASN K 209 -8.54 -23.02 76.54
C ASN K 209 -7.70 -21.79 76.81
N THR K 210 -8.12 -21.01 77.79
CA THR K 210 -7.41 -19.79 78.17
C THR K 210 -7.19 -19.80 79.69
N LYS K 211 -6.44 -20.83 80.10
CA LYS K 211 -6.12 -21.12 81.51
C LYS K 211 -5.26 -20.08 82.24
N VAL K 212 -5.62 -19.75 83.47
CA VAL K 212 -4.73 -18.96 84.34
C VAL K 212 -4.69 -19.60 85.74
N ASP K 213 -3.51 -19.59 86.35
CA ASP K 213 -3.27 -20.23 87.66
C ASP K 213 -2.26 -19.43 88.50
N LYS K 214 -2.49 -19.42 89.82
CA LYS K 214 -1.70 -18.66 90.80
C LYS K 214 -0.90 -19.61 91.71
N ARG K 215 0.21 -19.13 92.26
CA ARG K 215 0.99 -19.91 93.19
C ARG K 215 1.51 -19.20 94.44
N VAL K 216 1.72 -20.01 95.49
CA VAL K 216 2.09 -19.60 96.85
C VAL K 216 2.45 -20.94 97.57
N GLU K 217 2.32 -21.02 98.90
CA GLU K 217 2.60 -22.25 99.68
C GLU K 217 3.97 -22.83 99.39
N GLU L 1 23.06 -38.97 44.28
CA GLU L 1 22.73 -37.90 45.28
C GLU L 1 24.00 -37.26 45.90
N ILE L 2 23.99 -35.95 46.12
CA ILE L 2 25.05 -35.27 46.87
C ILE L 2 24.61 -35.05 48.31
N VAL L 3 25.34 -35.63 49.26
CA VAL L 3 25.10 -35.42 50.69
C VAL L 3 26.11 -34.41 51.24
N LEU L 4 25.63 -33.44 52.02
CA LEU L 4 26.46 -32.37 52.56
C LEU L 4 26.63 -32.54 54.07
N THR L 5 27.87 -32.59 54.52
CA THR L 5 28.16 -32.92 55.89
C THR L 5 28.85 -31.75 56.57
N GLN L 6 28.26 -31.28 57.67
CA GLN L 6 28.76 -30.08 58.34
C GLN L 6 29.41 -30.32 59.69
N SER L 7 30.69 -29.94 59.80
CA SER L 7 31.46 -30.01 61.03
C SER L 7 31.94 -28.61 61.48
N PRO L 8 32.02 -28.36 62.79
CA PRO L 8 31.50 -29.26 63.84
C PRO L 8 29.99 -29.10 64.00
N GLY L 9 29.33 -30.12 64.53
CA GLY L 9 27.89 -30.06 64.79
C GLY L 9 27.50 -28.89 65.68
N THR L 10 28.37 -28.57 66.63
CA THR L 10 28.19 -27.41 67.50
C THR L 10 29.52 -26.69 67.59
N LEU L 11 29.47 -25.36 67.64
CA LEU L 11 30.68 -24.54 67.69
C LEU L 11 30.48 -23.47 68.73
N SER L 12 31.31 -23.47 69.77
CA SER L 12 31.13 -22.58 70.90
C SER L 12 32.15 -21.48 70.87
N MET L 13 31.70 -20.27 70.59
CA MET L 13 32.60 -19.13 70.43
C MET L 13 32.13 -17.99 71.28
N SER L 14 33.09 -17.30 71.89
CA SER L 14 32.78 -16.11 72.67
C SER L 14 32.54 -14.98 71.67
N PRO L 15 31.62 -14.06 71.99
CA PRO L 15 31.28 -12.93 71.15
C PRO L 15 32.49 -12.14 70.70
N GLY L 16 32.44 -11.66 69.46
CA GLY L 16 33.50 -10.89 68.85
C GLY L 16 34.77 -11.68 68.58
N GLU L 17 34.65 -12.83 67.92
CA GLU L 17 35.83 -13.59 67.50
C GLU L 17 35.50 -14.45 66.26
N ARG L 18 36.52 -14.79 65.49
CA ARG L 18 36.30 -15.53 64.25
C ARG L 18 35.62 -16.87 64.50
N ALA L 19 34.67 -17.20 63.63
CA ALA L 19 33.96 -18.47 63.63
C ALA L 19 33.98 -18.99 62.20
N THR L 20 34.55 -20.18 61.99
CA THR L 20 34.55 -20.83 60.68
C THR L 20 33.76 -22.14 60.75
N LEU L 21 32.72 -22.21 59.93
CA LEU L 21 31.93 -23.42 59.75
C LEU L 21 32.26 -24.00 58.40
N SER L 22 32.23 -25.33 58.30
CA SER L 22 32.57 -26.02 57.06
C SER L 22 31.42 -26.89 56.56
N CYS L 23 31.44 -27.15 55.25
CA CYS L 23 30.43 -27.95 54.57
C CYS L 23 31.15 -28.76 53.49
N ARG L 24 31.09 -30.09 53.59
CA ARG L 24 31.84 -30.97 52.70
C ARG L 24 30.89 -31.82 51.92
N ALA L 25 31.08 -31.88 50.60
CA ALA L 25 30.18 -32.61 49.71
C ALA L 25 30.68 -34.00 49.35
N SER L 26 29.73 -34.90 49.12
CA SER L 26 30.00 -36.29 48.79
C SER L 26 30.81 -36.34 47.53
N ARG L 27 30.31 -35.58 46.56
CA ARG L 27 31.00 -35.38 45.31
C ARG L 27 31.02 -33.89 45.02
N THR L 28 31.86 -33.54 44.06
CA THR L 28 32.07 -32.15 43.70
C THR L 28 30.76 -31.47 43.23
N VAL L 29 30.47 -30.33 43.85
CA VAL L 29 29.32 -29.50 43.51
C VAL L 29 29.69 -28.58 42.35
N SER L 30 29.16 -28.91 41.17
CA SER L 30 29.57 -28.40 39.84
C SER L 30 30.17 -26.98 39.81
N SER L 31 29.48 -26.00 39.20
CA SER L 31 29.92 -24.61 39.27
C SER L 31 29.82 -24.18 40.73
N SER L 32 30.23 -22.96 41.06
CA SER L 32 29.97 -22.44 42.41
C SER L 32 28.45 -22.34 42.62
N ASN L 33 27.87 -23.46 43.07
CA ASN L 33 26.43 -23.67 43.17
C ASN L 33 26.09 -24.16 44.57
N LEU L 34 26.29 -23.29 45.56
CA LEU L 34 25.95 -23.60 46.94
C LEU L 34 25.66 -22.34 47.76
N ALA L 35 24.63 -22.41 48.60
CA ALA L 35 24.23 -21.29 49.44
C ALA L 35 24.35 -21.65 50.92
N TRP L 36 24.50 -20.63 51.77
CA TRP L 36 24.51 -20.79 53.23
C TRP L 36 23.32 -20.05 53.82
N TYR L 37 22.66 -20.66 54.80
CA TYR L 37 21.48 -20.05 55.44
C TYR L 37 21.66 -19.87 56.95
N GLN L 38 20.92 -18.92 57.53
CA GLN L 38 20.84 -18.73 58.98
C GLN L 38 19.42 -18.98 59.45
N GLN L 39 19.28 -19.86 60.44
CA GLN L 39 18.02 -20.07 61.12
C GLN L 39 18.14 -19.72 62.61
N LYS L 40 17.29 -18.80 63.06
CA LYS L 40 17.12 -18.50 64.48
C LYS L 40 16.05 -19.44 65.09
N PRO L 41 16.06 -19.62 66.43
CA PRO L 41 15.14 -20.57 67.12
C PRO L 41 13.66 -20.59 66.64
N GLY L 42 12.99 -19.44 66.67
CA GLY L 42 11.56 -19.38 66.34
C GLY L 42 11.20 -19.14 64.88
N GLN L 43 12.20 -18.96 64.03
CA GLN L 43 12.01 -18.30 62.72
C GLN L 43 12.28 -19.21 61.52
N ALA L 44 11.92 -18.72 60.33
CA ALA L 44 12.23 -19.41 59.08
C ALA L 44 13.72 -19.24 58.75
N PRO L 45 14.26 -20.08 57.84
CA PRO L 45 15.65 -19.87 57.41
C PRO L 45 15.84 -18.53 56.68
N ARG L 46 17.09 -18.10 56.61
CA ARG L 46 17.44 -16.81 56.04
C ARG L 46 18.71 -16.92 55.23
N LEU L 47 18.74 -16.27 54.06
CA LEU L 47 19.82 -16.44 53.10
C LEU L 47 20.94 -15.46 53.41
N LEU L 48 22.15 -15.99 53.61
CA LEU L 48 23.35 -15.18 53.82
C LEU L 48 24.23 -15.13 52.58
N ILE L 49 24.61 -16.31 52.12
CA ILE L 49 25.56 -16.47 51.03
C ILE L 49 24.88 -17.29 49.92
N TYR L 50 25.18 -16.94 48.67
CA TYR L 50 24.74 -17.70 47.49
C TYR L 50 25.85 -17.71 46.45
N ASP L 51 25.78 -18.69 45.54
CA ASP L 51 26.85 -18.97 44.57
C ASP L 51 28.21 -19.06 45.27
N VAL L 52 28.24 -19.73 46.42
CA VAL L 52 29.45 -19.97 47.22
C VAL L 52 30.00 -18.74 47.97
N SER L 53 30.04 -17.58 47.32
CA SER L 53 30.63 -16.38 47.91
C SER L 53 29.89 -15.06 47.78
N SER L 54 28.73 -15.02 47.11
CA SER L 54 28.00 -13.76 46.99
C SER L 54 27.10 -13.58 48.21
N ARG L 55 26.99 -12.34 48.69
CA ARG L 55 26.17 -12.03 49.88
C ARG L 55 24.83 -11.46 49.48
N ALA L 56 23.74 -12.02 50.00
CA ALA L 56 22.39 -11.48 49.77
C ALA L 56 22.28 -10.08 50.37
N THR L 57 21.34 -9.27 49.90
CA THR L 57 21.30 -7.85 50.31
C THR L 57 21.05 -7.73 51.81
N GLY L 58 21.67 -6.73 52.42
CA GLY L 58 21.56 -6.51 53.85
C GLY L 58 22.31 -7.45 54.77
N ILE L 59 23.13 -8.35 54.21
CA ILE L 59 23.95 -9.26 55.02
C ILE L 59 25.35 -8.63 55.11
N PRO L 60 25.87 -8.45 56.34
CA PRO L 60 27.09 -7.61 56.49
C PRO L 60 28.41 -8.24 56.03
N ASP L 61 29.48 -7.44 56.13
CA ASP L 61 30.85 -7.87 55.78
C ASP L 61 31.40 -8.94 56.72
N ARG L 62 30.78 -9.08 57.89
CA ARG L 62 31.00 -10.22 58.80
C ARG L 62 31.08 -11.59 58.15
N PHE L 63 30.28 -11.82 57.11
CA PHE L 63 30.15 -13.15 56.51
C PHE L 63 30.94 -13.28 55.20
N SER L 64 31.99 -14.10 55.24
CA SER L 64 32.78 -14.44 54.07
C SER L 64 32.46 -15.89 53.70
N GLY L 65 32.12 -16.10 52.43
CA GLY L 65 31.81 -17.43 51.87
C GLY L 65 32.85 -17.89 50.87
N ARG L 66 33.30 -19.13 51.00
CA ARG L 66 34.31 -19.70 50.11
C ARG L 66 34.01 -21.16 49.86
N GLY L 67 34.73 -21.73 48.90
CA GLY L 67 34.67 -23.14 48.63
C GLY L 67 35.49 -23.54 47.43
N SER L 68 36.16 -24.68 47.54
CA SER L 68 36.81 -25.32 46.39
C SER L 68 35.70 -26.06 45.63
N GLY L 69 35.96 -27.30 45.19
CA GLY L 69 34.92 -28.15 44.61
C GLY L 69 34.06 -28.86 45.64
N THR L 70 34.74 -29.63 46.49
CA THR L 70 34.08 -30.50 47.47
C THR L 70 34.04 -29.93 48.90
N ASP L 71 34.96 -29.01 49.22
CA ASP L 71 35.01 -28.36 50.55
C ASP L 71 34.50 -26.92 50.47
N PHE L 72 33.67 -26.54 51.45
CA PHE L 72 33.10 -25.20 51.55
C PHE L 72 33.23 -24.69 52.97
N THR L 73 33.34 -23.36 53.11
CA THR L 73 33.42 -22.71 54.42
C THR L 73 32.62 -21.43 54.46
N LEU L 74 31.92 -21.22 55.57
CA LEU L 74 31.39 -19.92 55.95
C LEU L 74 32.31 -19.37 57.02
N THR L 75 32.68 -18.09 56.90
CA THR L 75 33.58 -17.44 57.87
C THR L 75 32.92 -16.18 58.44
N ILE L 76 32.83 -16.13 59.77
CA ILE L 76 32.37 -14.94 60.46
C ILE L 76 33.53 -14.45 61.31
N SER L 77 34.22 -13.41 60.85
CA SER L 77 35.07 -12.63 61.73
C SER L 77 34.17 -11.83 62.65
N ARG L 78 34.65 -11.52 63.85
CA ARG L 78 33.95 -10.56 64.74
C ARG L 78 32.51 -11.04 65.00
N LEU L 79 32.40 -12.28 65.51
CA LEU L 79 31.11 -12.90 65.82
C LEU L 79 30.28 -12.09 66.85
N GLU L 80 29.09 -11.64 66.45
CA GLU L 80 28.25 -10.77 67.28
C GLU L 80 27.04 -11.48 67.89
N PRO L 81 26.41 -10.90 68.95
CA PRO L 81 25.26 -11.55 69.64
C PRO L 81 24.12 -12.01 68.72
N GLU L 82 23.70 -11.16 67.79
CA GLU L 82 22.63 -11.55 66.85
C GLU L 82 23.07 -12.57 65.79
N ASP L 83 24.34 -12.99 65.81
CA ASP L 83 24.83 -14.10 64.97
C ASP L 83 24.85 -15.46 65.67
N PHE L 84 24.24 -15.59 66.84
CA PHE L 84 24.28 -16.86 67.53
C PHE L 84 23.04 -17.66 67.21
N ALA L 85 23.15 -18.44 66.15
CA ALA L 85 22.12 -19.38 65.75
C ALA L 85 22.75 -20.46 64.85
N VAL L 86 21.91 -21.29 64.26
CA VAL L 86 22.37 -22.43 63.48
C VAL L 86 22.32 -22.11 61.97
N TYR L 87 23.36 -22.49 61.23
CA TYR L 87 23.40 -22.25 59.79
C TYR L 87 23.50 -23.52 58.98
N TYR L 88 22.81 -23.57 57.84
CA TYR L 88 22.90 -24.71 56.93
C TYR L 88 23.44 -24.31 55.58
N CYS L 89 24.16 -25.24 54.97
CA CYS L 89 24.66 -25.09 53.62
C CYS L 89 23.70 -25.88 52.73
N GLN L 90 23.49 -25.39 51.51
CA GLN L 90 22.61 -26.05 50.55
C GLN L 90 23.29 -26.06 49.20
N GLN L 91 23.30 -27.22 48.55
CA GLN L 91 23.89 -27.38 47.22
C GLN L 91 22.80 -27.31 46.15
N TYR L 92 23.21 -26.93 44.94
CA TYR L 92 22.32 -26.97 43.77
C TYR L 92 23.08 -27.21 42.47
N GLY L 93 24.07 -28.10 42.54
CA GLY L 93 24.80 -28.59 41.39
C GLY L 93 24.31 -29.94 40.88
N THR L 94 23.66 -30.74 41.73
CA THR L 94 23.07 -32.05 41.40
C THR L 94 21.60 -32.01 41.72
N SER L 95 20.83 -32.94 41.19
CA SER L 95 19.38 -32.87 41.29
C SER L 95 18.66 -33.87 42.18
N PRO L 96 18.59 -33.54 43.46
CA PRO L 96 17.64 -33.80 44.49
C PRO L 96 17.93 -32.77 45.59
N LEU L 97 18.15 -31.52 45.16
CA LEU L 97 18.65 -30.37 45.95
C LEU L 97 18.77 -30.60 47.44
N THR L 98 19.97 -30.80 47.95
CA THR L 98 20.11 -31.24 49.32
C THR L 98 20.59 -30.13 50.25
N PHE L 99 20.21 -30.26 51.51
CA PHE L 99 20.68 -29.40 52.58
C PHE L 99 21.74 -30.14 53.42
N GLY L 100 22.39 -29.40 54.32
CA GLY L 100 23.31 -29.98 55.30
C GLY L 100 22.61 -30.35 56.59
N GLY L 101 23.30 -31.10 57.43
CA GLY L 101 22.76 -31.51 58.74
C GLY L 101 22.59 -30.35 59.71
N GLY L 102 23.48 -29.36 59.64
CA GLY L 102 23.45 -28.22 60.53
C GLY L 102 24.75 -28.05 61.29
N THR L 103 25.03 -26.80 61.67
CA THR L 103 26.06 -26.46 62.64
C THR L 103 25.45 -25.40 63.56
N LYS L 104 25.32 -25.72 64.85
CA LYS L 104 24.85 -24.75 65.83
C LYS L 104 26.02 -23.94 66.36
N VAL L 105 25.88 -22.62 66.36
CA VAL L 105 26.88 -21.75 66.94
C VAL L 105 26.32 -21.27 68.26
N GLU L 106 27.13 -21.32 69.31
CA GLU L 106 26.64 -20.94 70.62
C GLU L 106 27.65 -20.16 71.44
N ILE L 107 27.12 -19.40 72.39
CA ILE L 107 27.92 -18.46 73.15
C ILE L 107 28.75 -19.19 74.19
N LYS L 108 30.06 -18.98 74.15
CA LYS L 108 30.96 -19.46 75.19
C LYS L 108 31.03 -18.41 76.28
N ARG L 109 30.79 -18.89 77.50
CA ARG L 109 30.93 -18.10 78.72
C ARG L 109 31.89 -18.90 79.60
N THR L 110 32.04 -18.48 80.86
CA THR L 110 32.68 -19.33 81.86
C THR L 110 31.68 -20.40 82.32
N VAL L 111 32.23 -21.54 82.76
CA VAL L 111 31.42 -22.63 83.33
C VAL L 111 30.61 -22.15 84.53
N ALA L 112 29.37 -22.63 84.64
CA ALA L 112 28.48 -22.27 85.75
C ALA L 112 27.66 -23.49 86.13
N ALA L 113 27.60 -23.76 87.44
CA ALA L 113 26.92 -24.95 87.96
C ALA L 113 25.41 -24.73 88.04
N PRO L 114 24.62 -25.81 87.84
CA PRO L 114 23.17 -25.67 87.94
C PRO L 114 22.70 -25.53 89.38
N SER L 115 21.58 -24.83 89.55
CA SER L 115 20.93 -24.70 90.84
C SER L 115 19.75 -25.66 90.81
N VAL L 116 19.92 -26.82 91.45
CA VAL L 116 18.97 -27.91 91.32
C VAL L 116 17.75 -27.70 92.24
N PHE L 117 16.56 -27.97 91.70
CA PHE L 117 15.32 -27.93 92.46
C PHE L 117 14.48 -29.17 92.15
N ILE L 118 13.60 -29.50 93.08
CA ILE L 118 12.70 -30.66 92.96
C ILE L 118 11.30 -30.22 93.36
N PHE L 119 10.31 -30.81 92.70
CA PHE L 119 8.92 -30.39 92.83
C PHE L 119 8.02 -31.63 92.85
N PRO L 120 7.44 -31.98 94.02
CA PRO L 120 6.54 -33.14 94.07
C PRO L 120 5.25 -32.92 93.27
N PRO L 121 4.55 -34.01 92.89
CA PRO L 121 3.26 -33.84 92.21
C PRO L 121 2.30 -32.97 93.02
N SER L 122 1.59 -32.08 92.34
CA SER L 122 0.68 -31.15 93.00
C SER L 122 -0.53 -31.91 93.54
N ASP L 123 -1.17 -31.34 94.57
CA ASP L 123 -2.40 -31.90 95.11
C ASP L 123 -3.54 -31.82 94.08
N GLU L 124 -3.57 -30.78 93.25
CA GLU L 124 -4.61 -30.64 92.23
C GLU L 124 -4.66 -31.83 91.25
N GLN L 125 -3.49 -32.37 90.88
CA GLN L 125 -3.40 -33.52 89.96
C GLN L 125 -3.31 -34.88 90.64
N LEU L 126 -2.94 -34.93 91.91
CA LEU L 126 -3.06 -36.18 92.66
C LEU L 126 -4.53 -36.55 92.93
N LYS L 127 -5.46 -35.79 92.34
CA LYS L 127 -6.86 -36.19 92.22
C LYS L 127 -7.23 -36.71 90.82
N SER L 128 -6.25 -36.87 89.94
CA SER L 128 -6.46 -37.18 88.52
C SER L 128 -6.15 -38.64 88.15
N GLY L 129 -5.52 -39.39 89.06
CA GLY L 129 -4.93 -40.68 88.74
C GLY L 129 -3.48 -40.59 88.30
N THR L 130 -2.96 -39.36 88.13
CA THR L 130 -1.62 -39.12 87.59
C THR L 130 -0.72 -38.60 88.71
N ALA L 131 0.59 -38.73 88.50
CA ALA L 131 1.58 -38.27 89.47
C ALA L 131 2.90 -37.97 88.78
N SER L 132 3.24 -36.69 88.67
CA SER L 132 4.45 -36.26 87.98
C SER L 132 5.31 -35.39 88.91
N VAL L 133 6.59 -35.74 88.99
CA VAL L 133 7.54 -35.02 89.85
C VAL L 133 8.55 -34.36 88.93
N VAL L 134 8.81 -33.08 89.18
CA VAL L 134 9.58 -32.22 88.26
C VAL L 134 10.89 -31.79 88.90
N CYS L 135 12.01 -32.16 88.26
CA CYS L 135 13.35 -31.78 88.73
C CYS L 135 13.91 -30.73 87.80
N LEU L 136 14.54 -29.71 88.36
CA LEU L 136 14.97 -28.54 87.61
C LEU L 136 16.47 -28.30 87.81
N LEU L 137 17.14 -27.95 86.72
CA LEU L 137 18.55 -27.57 86.72
C LEU L 137 18.58 -26.19 86.10
N ASN L 138 18.69 -25.14 86.92
CA ASN L 138 18.52 -23.78 86.38
C ASN L 138 19.83 -23.00 86.24
N ASN L 139 20.03 -22.44 85.05
CA ASN L 139 21.15 -21.54 84.73
C ASN L 139 22.51 -22.17 84.90
N PHE L 140 22.94 -22.93 83.89
CA PHE L 140 24.22 -23.62 83.90
C PHE L 140 24.92 -23.61 82.54
N TYR L 141 26.20 -23.96 82.58
CA TYR L 141 27.03 -24.11 81.40
C TYR L 141 27.95 -25.29 81.66
N PRO L 142 28.34 -26.10 80.67
CA PRO L 142 28.07 -25.98 79.26
C PRO L 142 26.66 -26.28 78.79
N ARG L 143 26.09 -27.41 79.18
CA ARG L 143 24.78 -27.87 78.64
C ARG L 143 24.65 -29.36 78.77
N GLU L 144 25.75 -30.05 78.53
CA GLU L 144 25.81 -31.49 78.66
C GLU L 144 25.63 -31.80 80.16
N ALA L 145 24.55 -32.51 80.50
CA ALA L 145 24.28 -32.90 81.88
C ALA L 145 23.35 -34.11 81.96
N LYS L 146 23.62 -34.97 82.93
CA LYS L 146 22.86 -36.20 83.14
C LYS L 146 22.01 -36.07 84.40
N VAL L 147 20.79 -36.60 84.32
CA VAL L 147 19.97 -36.80 85.51
C VAL L 147 19.41 -38.22 85.56
N GLN L 148 19.52 -38.84 86.73
CA GLN L 148 18.85 -40.09 87.04
C GLN L 148 18.01 -39.91 88.31
N TRP L 149 16.78 -40.44 88.30
CA TRP L 149 15.88 -40.40 89.45
C TRP L 149 16.10 -41.61 90.33
N LYS L 150 15.62 -41.51 91.58
CA LYS L 150 15.83 -42.55 92.56
C LYS L 150 14.70 -42.65 93.61
N VAL L 151 13.64 -43.39 93.25
CA VAL L 151 12.55 -43.68 94.18
C VAL L 151 13.00 -44.75 95.18
N ASP L 152 12.83 -44.44 96.47
CA ASP L 152 13.42 -45.23 97.58
C ASP L 152 14.82 -45.78 97.20
N ASN L 153 15.64 -44.91 96.61
CA ASN L 153 16.99 -45.25 96.13
C ASN L 153 16.99 -46.46 95.16
N ALA L 154 16.52 -46.24 93.95
CA ALA L 154 16.61 -47.22 92.86
C ALA L 154 16.51 -46.48 91.53
N LEU L 155 17.39 -46.81 90.58
CA LEU L 155 17.47 -46.08 89.30
C LEU L 155 16.31 -46.38 88.35
N GLN L 156 16.13 -45.53 87.35
CA GLN L 156 14.95 -45.56 86.48
C GLN L 156 15.32 -45.56 84.98
N SER L 157 15.39 -46.75 84.39
CA SER L 157 15.52 -46.88 82.93
C SER L 157 14.16 -46.54 82.30
N GLY L 158 14.19 -45.74 81.24
CA GLY L 158 12.97 -45.19 80.66
C GLY L 158 12.42 -44.19 81.66
N ASN L 159 11.11 -44.29 81.93
CA ASN L 159 10.44 -43.57 83.03
C ASN L 159 10.31 -42.03 82.98
N SER L 160 11.38 -41.31 82.62
CA SER L 160 11.36 -39.85 82.60
C SER L 160 11.73 -39.28 81.25
N GLN L 161 11.40 -38.00 81.09
CA GLN L 161 11.72 -37.21 79.89
C GLN L 161 12.31 -35.88 80.31
N GLU L 162 13.33 -35.41 79.58
CA GLU L 162 13.90 -34.09 79.78
C GLU L 162 13.46 -33.14 78.66
N SER L 163 13.89 -31.89 78.78
CA SER L 163 13.55 -30.81 77.85
C SER L 163 14.49 -29.66 78.18
N VAL L 164 15.10 -29.04 77.17
CA VAL L 164 16.17 -28.05 77.40
C VAL L 164 15.81 -26.69 76.79
N THR L 165 15.96 -25.61 77.56
CA THR L 165 15.75 -24.26 77.02
C THR L 165 16.86 -23.91 76.04
N GLU L 166 16.59 -22.93 75.19
CA GLU L 166 17.64 -22.33 74.35
C GLU L 166 18.58 -21.52 75.24
N GLN L 167 19.77 -21.20 74.72
CA GLN L 167 20.74 -20.39 75.46
C GLN L 167 20.10 -19.04 75.79
N ASP L 168 20.36 -18.52 76.99
CA ASP L 168 19.71 -17.29 77.45
C ASP L 168 20.19 -16.09 76.63
N SER L 169 19.32 -15.10 76.50
CA SER L 169 19.65 -13.84 75.82
C SER L 169 20.71 -13.04 76.59
N LYS L 170 20.61 -13.05 77.93
CA LYS L 170 21.44 -12.21 78.81
C LYS L 170 22.68 -12.88 79.40
N ASP L 171 22.50 -13.97 80.15
CA ASP L 171 23.61 -14.64 80.87
C ASP L 171 24.22 -15.85 80.15
N SER L 172 23.69 -16.20 78.98
CA SER L 172 24.18 -17.31 78.15
C SER L 172 24.23 -18.65 78.90
N THR L 173 23.18 -18.92 79.67
CA THR L 173 23.04 -20.17 80.39
C THR L 173 22.03 -21.07 79.70
N TYR L 174 21.91 -22.30 80.18
CA TYR L 174 20.80 -23.19 79.84
C TYR L 174 20.04 -23.58 81.10
N SER L 175 18.82 -24.05 80.90
CA SER L 175 18.04 -24.68 81.96
C SER L 175 17.42 -25.96 81.43
N LEU L 176 17.18 -26.90 82.34
CA LEU L 176 16.73 -28.24 81.99
C LEU L 176 15.67 -28.70 82.97
N SER L 177 14.63 -29.34 82.47
CA SER L 177 13.58 -29.93 83.29
C SER L 177 13.30 -31.36 82.87
N SER L 178 13.79 -32.32 83.66
CA SER L 178 13.39 -33.71 83.52
C SER L 178 12.21 -33.98 84.45
N THR L 179 11.14 -34.54 83.90
CA THR L 179 9.94 -34.88 84.68
C THR L 179 9.80 -36.41 84.70
N LEU L 180 9.22 -36.92 85.80
CA LEU L 180 9.17 -38.36 86.11
C LEU L 180 7.72 -38.73 86.40
N THR L 181 7.14 -39.60 85.58
CA THR L 181 5.68 -39.86 85.58
C THR L 181 5.32 -41.25 86.08
N LEU L 182 4.57 -41.30 87.18
CA LEU L 182 3.88 -42.50 87.65
C LEU L 182 2.38 -42.24 87.68
N SER L 183 1.62 -43.31 87.87
CA SER L 183 0.20 -43.21 88.23
C SER L 183 0.10 -43.45 89.73
N LYS L 184 -0.70 -42.62 90.39
CA LYS L 184 -0.89 -42.62 91.87
C LYS L 184 -0.62 -43.94 92.60
N ALA L 185 -1.13 -45.04 92.04
CA ALA L 185 -0.85 -46.40 92.52
C ALA L 185 0.65 -46.63 92.77
N ASP L 186 1.45 -46.46 91.73
CA ASP L 186 2.92 -46.63 91.82
C ASP L 186 3.55 -45.65 92.82
N TYR L 187 3.06 -44.40 92.80
CA TYR L 187 3.71 -43.25 93.45
C TYR L 187 3.93 -43.40 94.96
N GLU L 188 2.86 -43.55 95.75
CA GLU L 188 2.99 -43.68 97.21
C GLU L 188 3.05 -45.14 97.72
N LYS L 189 3.14 -46.11 96.81
CA LYS L 189 3.72 -47.42 97.15
C LYS L 189 5.20 -47.26 97.54
N HIS L 190 5.77 -46.07 97.31
CA HIS L 190 7.07 -45.66 97.85
C HIS L 190 6.98 -44.31 98.57
N LYS L 191 8.09 -43.90 99.19
CA LYS L 191 8.12 -42.75 100.11
C LYS L 191 9.12 -41.67 99.72
N VAL L 192 10.37 -42.05 99.50
CA VAL L 192 11.49 -41.10 99.29
C VAL L 192 11.84 -40.95 97.80
N TYR L 193 11.83 -39.69 97.33
CA TYR L 193 12.07 -39.36 95.92
C TYR L 193 13.28 -38.45 95.78
N ALA L 194 14.20 -38.82 94.89
CA ALA L 194 15.45 -38.10 94.71
C ALA L 194 15.73 -37.80 93.24
N CYS L 195 16.61 -36.83 93.02
CA CYS L 195 17.05 -36.42 91.69
C CYS L 195 18.57 -36.19 91.69
N GLU L 196 19.32 -37.10 91.08
CA GLU L 196 20.79 -37.00 91.00
C GLU L 196 21.22 -36.24 89.74
N VAL L 197 22.16 -35.31 89.90
CA VAL L 197 22.56 -34.40 88.84
C VAL L 197 24.08 -34.35 88.74
N THR L 198 24.61 -34.86 87.64
CA THR L 198 26.02 -34.68 87.29
C THR L 198 26.07 -33.57 86.25
N HIS L 199 27.01 -32.64 86.44
CA HIS L 199 27.24 -31.56 85.49
C HIS L 199 28.74 -31.49 85.12
N GLN L 200 29.48 -30.56 85.69
CA GLN L 200 30.87 -30.28 85.32
C GLN L 200 31.40 -29.23 86.27
N GLY L 201 30.69 -28.12 86.36
CA GLY L 201 30.77 -27.22 87.51
C GLY L 201 30.34 -27.80 88.87
N LEU L 202 30.11 -29.11 88.93
CA LEU L 202 29.78 -29.82 90.15
C LEU L 202 30.87 -30.86 90.40
N SER L 203 31.74 -30.58 91.37
CA SER L 203 32.84 -31.47 91.74
C SER L 203 32.38 -32.86 92.20
N SER L 204 31.13 -32.98 92.63
CA SER L 204 30.49 -34.27 92.87
C SER L 204 28.98 -34.13 92.66
N PRO L 205 28.31 -35.21 92.17
CA PRO L 205 26.90 -35.06 91.82
C PRO L 205 26.03 -34.54 92.98
N VAL L 206 25.01 -33.76 92.64
CA VAL L 206 24.10 -33.18 93.63
C VAL L 206 22.78 -33.93 93.56
N THR L 207 22.21 -34.19 94.73
CA THR L 207 20.91 -34.83 94.85
C THR L 207 19.98 -33.94 95.69
N LYS L 208 18.72 -33.85 95.25
CA LYS L 208 17.67 -33.15 95.98
C LYS L 208 16.54 -34.14 96.24
N SER L 209 15.91 -34.04 97.42
CA SER L 209 14.93 -35.03 97.84
C SER L 209 13.69 -34.45 98.53
N PHE L 210 12.66 -35.30 98.64
CA PHE L 210 11.47 -35.05 99.46
C PHE L 210 10.80 -36.37 99.85
N ASN L 211 9.79 -36.30 100.71
CA ASN L 211 9.02 -37.49 101.14
C ASN L 211 7.51 -37.36 100.87
N ARG L 212 6.78 -38.45 101.06
CA ARG L 212 5.33 -38.56 100.77
C ARG L 212 5.01 -38.29 99.29
#